data_6RFY
#
_entry.id   6RFY
#
_cell.length_a   112.690
_cell.length_b   79.860
_cell.length_c   152.830
_cell.angle_alpha   90.00
_cell.angle_beta   90.24
_cell.angle_gamma   90.00
#
_symmetry.space_group_name_H-M   'P 1 21 1'
#
loop_
_entity.id
_entity.type
_entity.pdbx_description
1 polymer Eis2
2 non-polymer 2-[BIS-(2-HYDROXY-ETHYL)-AMINO]-2-HYDROXYMETHYL-PROPANE-1,3-DIOL
3 non-polymer 'SULFATE ION'
4 water water
#
_entity_poly.entity_id   1
_entity_poly.type   'polypeptide(L)'
_entity_poly.pdbx_seq_one_letter_code
;GSELTLRTIADEDDYESYMASAYSVFLRDPQKDEIEVNRKFTELDRMIGFHDGKKWVATTGAFSRHVVLPGGAVVPVAAV
TAVTVSPTHRRRGLLTTMMRHQLADIRSRGESLAMLFASEALIYGRFGYGVATESAELSGQVRELAFRPTVDLGDGTLEE
VSAETFLASAPAIYDAVIPGLPGQMSRTPEWWASWTLDSEELQKESGKVRFVLHYESDGTASGFAIYRPKPGWGDAGPNA
ELHVQEVLGTNPRSYARTWRYLLDMDLVRKIKYHGASVQEELRYLVANHPSLECVVSDAIQVRLVDIPRALAQRRYAADV
DVVLEVTDDFLPENSGRYRLRGGLDHASCEITTDDADIALTVRDLGSVYMGGVSLQVLASAGLVTELRAGAVQRAATAFG
WPVAPSAPDDF
;
_entity_poly.pdbx_strand_id   A,B,C,D,E,F
#
# COMPACT_ATOMS: atom_id res chain seq x y z
N SER A 2 9.03 -11.75 -45.86
CA SER A 2 10.11 -12.55 -45.27
C SER A 2 9.83 -14.04 -45.41
N GLU A 3 10.80 -14.76 -45.94
CA GLU A 3 10.70 -16.22 -46.09
C GLU A 3 11.22 -16.88 -44.83
N LEU A 4 10.38 -17.69 -44.19
CA LEU A 4 10.73 -18.36 -42.95
C LEU A 4 11.20 -19.79 -43.23
N THR A 5 12.20 -20.22 -42.47
CA THR A 5 12.73 -21.57 -42.56
C THR A 5 12.58 -22.25 -41.20
N LEU A 6 11.99 -23.44 -41.19
CA LEU A 6 11.92 -24.26 -39.99
C LEU A 6 13.16 -25.13 -39.92
N ARG A 7 13.95 -24.95 -38.87
CA ARG A 7 15.21 -25.68 -38.75
C ARG A 7 15.60 -25.77 -37.28
N THR A 8 16.62 -26.57 -37.01
CA THR A 8 17.16 -26.75 -35.67
C THR A 8 18.40 -25.88 -35.49
N ILE A 9 18.89 -25.85 -34.25
CA ILE A 9 20.07 -25.04 -33.94
C ILE A 9 21.29 -25.63 -34.62
N ALA A 10 22.08 -24.78 -35.26
CA ALA A 10 23.19 -25.25 -36.08
C ALA A 10 24.51 -25.29 -35.32
N ASP A 11 24.80 -24.26 -34.52
CA ASP A 11 26.07 -24.18 -33.81
C ASP A 11 25.84 -23.42 -32.51
N GLU A 12 26.94 -23.01 -31.87
CA GLU A 12 26.84 -22.43 -30.55
C GLU A 12 26.40 -20.97 -30.60
N ASP A 13 26.89 -20.20 -31.57
CA ASP A 13 26.38 -18.85 -31.77
C ASP A 13 24.90 -18.88 -32.13
N ASP A 14 24.51 -19.85 -32.95
CA ASP A 14 23.09 -20.03 -33.25
C ASP A 14 22.29 -20.33 -32.00
N TYR A 15 22.86 -21.13 -31.09
CA TYR A 15 22.18 -21.46 -29.84
C TYR A 15 21.95 -20.23 -28.98
N GLU A 16 22.98 -19.39 -28.85
CA GLU A 16 22.85 -18.20 -28.00
C GLU A 16 21.88 -17.21 -28.61
N SER A 17 21.89 -17.08 -29.94
CA SER A 17 20.89 -16.25 -30.62
C SER A 17 19.49 -16.84 -30.47
N TYR A 18 19.38 -18.17 -30.53
CA TYR A 18 18.10 -18.84 -30.35
C TYR A 18 17.54 -18.57 -28.96
N MET A 19 18.35 -18.77 -27.92
CA MET A 19 17.89 -18.54 -26.55
C MET A 19 17.65 -17.06 -26.29
N ALA A 20 18.44 -16.17 -26.90
CA ALA A 20 18.20 -14.74 -26.73
C ALA A 20 16.82 -14.34 -27.23
N SER A 21 16.40 -14.90 -28.37
CA SER A 21 15.07 -14.57 -28.90
C SER A 21 13.96 -15.07 -27.99
N ALA A 22 14.15 -16.23 -27.35
CA ALA A 22 13.12 -16.77 -26.47
C ALA A 22 12.93 -15.86 -25.25
N TYR A 23 14.03 -15.43 -24.63
CA TYR A 23 13.94 -14.50 -23.51
C TYR A 23 13.32 -13.18 -23.97
N SER A 24 13.66 -12.74 -25.19
CA SER A 24 13.15 -11.45 -25.67
C SER A 24 11.63 -11.48 -25.79
N VAL A 25 11.07 -12.59 -26.28
CA VAL A 25 9.61 -12.71 -26.37
C VAL A 25 8.97 -12.56 -25.00
N PHE A 26 9.64 -13.06 -23.96
CA PHE A 26 9.14 -12.95 -22.59
C PHE A 26 9.60 -11.67 -21.89
N LEU A 27 9.97 -10.64 -22.66
CA LEU A 27 10.23 -9.31 -22.13
C LEU A 27 11.41 -9.30 -21.17
N ARG A 28 12.35 -10.21 -21.36
CA ARG A 28 13.47 -10.39 -20.46
C ARG A 28 14.79 -10.35 -21.23
N ASP A 29 15.83 -9.87 -20.56
CA ASP A 29 17.17 -10.01 -21.08
C ASP A 29 17.63 -11.46 -21.00
N PRO A 30 18.55 -11.88 -21.85
CA PRO A 30 19.06 -13.26 -21.78
C PRO A 30 19.84 -13.48 -20.48
N GLN A 31 19.51 -14.55 -19.77
CA GLN A 31 20.25 -14.96 -18.57
C GLN A 31 21.43 -15.81 -19.02
N LYS A 32 22.60 -15.17 -19.13
CA LYS A 32 23.76 -15.84 -19.73
C LYS A 32 24.22 -17.03 -18.90
N ASP A 33 24.18 -16.93 -17.58
CA ASP A 33 24.65 -18.03 -16.75
C ASP A 33 23.75 -19.26 -16.89
N GLU A 34 22.44 -19.06 -16.94
CA GLU A 34 21.52 -20.18 -17.12
C GLU A 34 21.63 -20.77 -18.52
N ILE A 35 21.77 -19.91 -19.54
CA ILE A 35 21.92 -20.38 -20.91
C ILE A 35 23.15 -21.27 -21.03
N GLU A 36 24.23 -20.93 -20.33
CA GLU A 36 25.46 -21.71 -20.44
C GLU A 36 25.32 -23.06 -19.75
N VAL A 37 24.74 -23.09 -18.54
CA VAL A 37 24.67 -24.35 -17.81
C VAL A 37 23.60 -25.27 -18.41
N ASN A 38 22.54 -24.71 -18.98
CA ASN A 38 21.51 -25.54 -19.59
C ASN A 38 21.95 -26.09 -20.94
N ARG A 39 22.95 -25.48 -21.57
CA ARG A 39 23.50 -26.02 -22.81
C ARG A 39 24.03 -27.44 -22.63
N LYS A 40 24.53 -27.78 -21.44
CA LYS A 40 25.20 -29.05 -21.25
C LYS A 40 24.29 -30.25 -21.44
N PHE A 41 22.97 -30.07 -21.28
CA PHE A 41 22.02 -31.14 -21.56
C PHE A 41 21.07 -30.78 -22.70
N THR A 42 21.41 -29.77 -23.49
CA THR A 42 20.60 -29.38 -24.63
C THR A 42 21.03 -30.19 -25.86
N GLU A 43 20.06 -30.80 -26.54
CA GLU A 43 20.29 -31.49 -27.80
C GLU A 43 19.86 -30.57 -28.93
N LEU A 44 20.82 -30.15 -29.76
CA LEU A 44 20.53 -29.13 -30.77
C LEU A 44 19.45 -29.58 -31.74
N ASP A 45 19.43 -30.86 -32.08
CA ASP A 45 18.44 -31.35 -33.04
C ASP A 45 17.04 -31.50 -32.44
N ARG A 46 16.87 -31.23 -31.15
CA ARG A 46 15.55 -31.15 -30.54
C ARG A 46 15.10 -29.71 -30.32
N MET A 47 15.93 -28.73 -30.69
CA MET A 47 15.62 -27.32 -30.52
C MET A 47 15.26 -26.76 -31.89
N ILE A 48 13.97 -26.68 -32.18
CA ILE A 48 13.49 -26.29 -33.50
C ILE A 48 12.95 -24.87 -33.44
N GLY A 49 12.79 -24.26 -34.62
CA GLY A 49 12.25 -22.93 -34.69
C GLY A 49 12.19 -22.42 -36.11
N PHE A 50 11.69 -21.20 -36.24
CA PHE A 50 11.59 -20.50 -37.52
C PHE A 50 12.61 -19.37 -37.56
N HIS A 51 13.32 -19.26 -38.68
CA HIS A 51 14.34 -18.23 -38.86
C HIS A 51 14.04 -17.49 -40.17
N ASP A 52 14.03 -16.16 -40.11
CA ASP A 52 13.68 -15.35 -41.27
C ASP A 52 14.89 -14.93 -42.11
N GLY A 53 16.06 -15.52 -41.87
CA GLY A 53 17.28 -15.19 -42.56
C GLY A 53 18.25 -14.38 -41.74
N LYS A 54 17.76 -13.58 -40.79
CA LYS A 54 18.61 -12.77 -39.94
C LYS A 54 18.36 -12.93 -38.45
N LYS A 55 17.20 -13.39 -38.02
CA LYS A 55 16.94 -13.63 -36.60
C LYS A 55 15.94 -14.77 -36.45
N TRP A 56 15.91 -15.33 -35.25
CA TRP A 56 14.90 -16.32 -34.90
C TRP A 56 13.57 -15.61 -34.63
N VAL A 57 12.49 -16.11 -35.22
CA VAL A 57 11.17 -15.51 -35.04
C VAL A 57 10.20 -16.43 -34.32
N ALA A 58 10.57 -17.67 -34.04
CA ALA A 58 9.74 -18.61 -33.28
C ALA A 58 10.62 -19.77 -32.84
N THR A 59 10.30 -20.33 -31.67
CA THR A 59 11.10 -21.41 -31.09
C THR A 59 10.20 -22.43 -30.41
N THR A 60 10.68 -23.67 -30.34
CA THR A 60 10.06 -24.72 -29.55
C THR A 60 11.09 -25.83 -29.36
N GLY A 61 11.44 -26.12 -28.10
CA GLY A 61 12.47 -27.09 -27.80
C GLY A 61 11.96 -28.22 -26.92
N ALA A 62 12.82 -29.21 -26.71
CA ALA A 62 12.50 -30.35 -25.86
C ALA A 62 13.78 -30.94 -25.30
N PHE A 63 13.77 -31.28 -24.02
CA PHE A 63 14.84 -32.04 -23.40
C PHE A 63 14.43 -33.50 -23.27
N SER A 64 15.38 -34.41 -23.45
CA SER A 64 15.13 -35.83 -23.23
C SER A 64 15.29 -36.13 -21.75
N ARG A 65 14.17 -36.34 -21.06
CA ARG A 65 14.17 -36.58 -19.63
C ARG A 65 13.42 -37.88 -19.34
N HIS A 66 13.33 -38.20 -18.06
CA HIS A 66 12.64 -39.40 -17.59
C HIS A 66 11.82 -39.02 -16.37
N VAL A 67 10.55 -39.43 -16.36
CA VAL A 67 9.60 -39.00 -15.34
C VAL A 67 9.08 -40.22 -14.60
N VAL A 68 8.84 -40.04 -13.30
CA VAL A 68 8.25 -41.09 -12.48
C VAL A 68 6.73 -41.08 -12.66
N LEU A 69 6.16 -42.26 -12.91
CA LEU A 69 4.72 -42.42 -13.04
C LEU A 69 4.14 -42.91 -11.73
N PRO A 70 2.82 -42.77 -11.52
CA PRO A 70 2.18 -43.45 -10.39
C PRO A 70 2.46 -44.93 -10.41
N GLY A 71 3.04 -45.44 -9.32
CA GLY A 71 3.49 -46.82 -9.24
C GLY A 71 4.99 -46.98 -9.24
N GLY A 72 5.74 -45.95 -9.65
CA GLY A 72 7.18 -45.95 -9.57
C GLY A 72 7.90 -46.15 -10.89
N ALA A 73 7.20 -46.51 -11.95
CA ALA A 73 7.85 -46.72 -13.24
C ALA A 73 8.44 -45.42 -13.77
N VAL A 74 9.65 -45.51 -14.31
CA VAL A 74 10.36 -44.36 -14.85
C VAL A 74 10.37 -44.49 -16.38
N VAL A 75 9.68 -43.56 -17.05
CA VAL A 75 9.51 -43.65 -18.50
C VAL A 75 10.12 -42.41 -19.16
N PRO A 76 10.59 -42.52 -20.40
CA PRO A 76 11.11 -41.34 -21.09
C PRO A 76 10.01 -40.34 -21.38
N VAL A 77 10.37 -39.06 -21.31
CA VAL A 77 9.41 -37.97 -21.48
C VAL A 77 10.12 -36.82 -22.18
N ALA A 78 9.38 -36.15 -23.07
CA ALA A 78 9.87 -34.94 -23.71
C ALA A 78 9.55 -33.75 -22.79
N ALA A 79 10.59 -33.11 -22.26
CA ALA A 79 10.41 -31.93 -21.42
C ALA A 79 10.42 -30.71 -22.33
N VAL A 80 9.23 -30.25 -22.71
CA VAL A 80 9.11 -29.20 -23.71
C VAL A 80 9.46 -27.86 -23.06
N THR A 81 10.18 -27.02 -23.80
CA THR A 81 10.68 -25.76 -23.27
C THR A 81 10.83 -24.78 -24.42
N ALA A 82 11.03 -23.51 -24.06
CA ALA A 82 11.42 -22.45 -25.00
C ALA A 82 10.41 -22.32 -26.14
N VAL A 83 9.13 -22.23 -25.78
CA VAL A 83 8.06 -22.15 -26.75
C VAL A 83 7.72 -20.67 -26.92
N THR A 84 8.18 -20.08 -28.01
CA THR A 84 7.98 -18.66 -28.26
C THR A 84 7.66 -18.43 -29.73
N VAL A 85 6.96 -17.33 -29.98
CA VAL A 85 6.80 -16.77 -31.32
C VAL A 85 6.92 -15.26 -31.18
N SER A 86 7.67 -14.65 -32.10
CA SER A 86 7.83 -13.20 -32.07
C SER A 86 6.45 -12.53 -32.11
N PRO A 87 6.29 -11.41 -31.41
CA PRO A 87 4.99 -10.70 -31.44
C PRO A 87 4.65 -10.18 -32.83
N THR A 88 5.64 -10.01 -33.69
CA THR A 88 5.40 -9.58 -35.06
C THR A 88 4.96 -10.73 -35.97
N HIS A 89 4.96 -11.97 -35.46
CA HIS A 89 4.60 -13.15 -36.25
C HIS A 89 3.50 -13.96 -35.57
N ARG A 90 2.66 -13.32 -34.75
CA ARG A 90 1.60 -14.02 -34.07
C ARG A 90 0.47 -14.36 -35.04
N ARG A 91 -0.27 -15.41 -34.71
CA ARG A 91 -1.49 -15.81 -35.42
C ARG A 91 -1.20 -16.04 -36.90
N ARG A 92 -0.06 -16.66 -37.20
CA ARG A 92 0.31 -16.99 -38.57
C ARG A 92 0.66 -18.46 -38.76
N GLY A 93 0.34 -19.32 -37.79
CA GLY A 93 0.54 -20.75 -37.92
C GLY A 93 1.88 -21.27 -37.46
N LEU A 94 2.79 -20.39 -36.99
CA LEU A 94 4.13 -20.85 -36.64
C LEU A 94 4.08 -21.77 -35.43
N LEU A 95 3.28 -21.43 -34.41
CA LEU A 95 3.15 -22.29 -33.24
C LEU A 95 2.58 -23.64 -33.62
N THR A 96 1.56 -23.66 -34.48
CA THR A 96 0.95 -24.93 -34.88
C THR A 96 1.94 -25.81 -35.63
N THR A 97 2.67 -25.23 -36.59
CA THR A 97 3.62 -26.00 -37.37
C THR A 97 4.72 -26.58 -36.48
N MET A 98 5.29 -25.75 -35.59
CA MET A 98 6.34 -26.23 -34.71
C MET A 98 5.84 -27.35 -33.82
N MET A 99 4.58 -27.25 -33.37
CA MET A 99 4.07 -28.25 -32.43
C MET A 99 3.75 -29.57 -33.16
N ARG A 100 3.28 -29.49 -34.40
CA ARG A 100 3.08 -30.69 -35.20
C ARG A 100 4.39 -31.42 -35.44
N HIS A 101 5.43 -30.68 -35.82
CA HIS A 101 6.74 -31.30 -36.03
C HIS A 101 7.28 -31.89 -34.73
N GLN A 102 7.10 -31.16 -33.63
CA GLN A 102 7.64 -31.61 -32.33
C GLN A 102 6.96 -32.88 -31.85
N LEU A 103 5.62 -32.93 -31.89
CA LEU A 103 4.91 -34.10 -31.41
C LEU A 103 5.22 -35.33 -32.26
N ALA A 104 5.40 -35.15 -33.57
CA ALA A 104 5.79 -36.28 -34.41
C ALA A 104 7.17 -36.79 -34.04
N ASP A 105 8.12 -35.88 -33.83
CA ASP A 105 9.46 -36.32 -33.41
C ASP A 105 9.43 -36.97 -32.03
N ILE A 106 8.62 -36.42 -31.11
CA ILE A 106 8.51 -37.00 -29.78
C ILE A 106 8.00 -38.44 -29.84
N ARG A 107 6.99 -38.69 -30.68
CA ARG A 107 6.42 -40.04 -30.75
C ARG A 107 7.41 -41.03 -31.34
N SER A 108 8.22 -40.59 -32.31
CA SER A 108 9.19 -41.49 -32.94
C SER A 108 10.35 -41.83 -32.01
N ARG A 109 10.60 -41.02 -30.98
CA ARG A 109 11.67 -41.29 -30.02
C ARG A 109 11.26 -42.26 -28.92
N GLY A 110 10.04 -42.80 -28.97
CA GLY A 110 9.57 -43.71 -27.95
C GLY A 110 9.04 -43.04 -26.71
N GLU A 111 9.00 -41.71 -26.66
CA GLU A 111 8.41 -41.00 -25.54
C GLU A 111 6.90 -41.01 -25.68
N SER A 112 6.21 -41.57 -24.68
CA SER A 112 4.76 -41.72 -24.76
C SER A 112 4.02 -40.44 -24.43
N LEU A 113 4.70 -39.42 -23.91
CA LEU A 113 4.05 -38.17 -23.53
C LEU A 113 5.06 -37.05 -23.51
N ALA A 114 4.54 -35.82 -23.54
CA ALA A 114 5.32 -34.62 -23.35
C ALA A 114 4.81 -33.89 -22.11
N MET A 115 5.71 -33.18 -21.46
CA MET A 115 5.37 -32.41 -20.27
C MET A 115 5.87 -30.98 -20.44
N LEU A 116 5.09 -30.04 -19.91
CA LEU A 116 5.29 -28.63 -20.18
C LEU A 116 4.81 -27.83 -18.99
N PHE A 117 5.67 -26.95 -18.47
CA PHE A 117 5.28 -26.09 -17.37
C PHE A 117 4.22 -25.10 -17.83
N ALA A 118 3.20 -24.91 -16.98
CA ALA A 118 2.12 -23.99 -17.32
C ALA A 118 2.61 -22.56 -17.50
N SER A 119 3.77 -22.21 -16.93
CA SER A 119 4.33 -20.88 -17.11
C SER A 119 4.77 -20.61 -18.55
N GLU A 120 4.78 -21.62 -19.42
CA GLU A 120 4.97 -21.40 -20.86
C GLU A 120 3.63 -20.94 -21.45
N ALA A 121 3.31 -19.68 -21.15
CA ALA A 121 1.96 -19.16 -21.34
C ALA A 121 1.51 -19.13 -22.79
N LEU A 122 2.44 -19.15 -23.75
CA LEU A 122 2.06 -18.95 -25.16
C LEU A 122 1.26 -20.11 -25.72
N ILE A 123 1.32 -21.30 -25.13
CA ILE A 123 0.56 -22.44 -25.65
C ILE A 123 -0.25 -23.10 -24.55
N TYR A 124 -0.59 -22.33 -23.51
CA TYR A 124 -1.39 -22.86 -22.41
C TYR A 124 -2.71 -23.41 -22.94
N GLY A 125 -2.96 -24.70 -22.65
CA GLY A 125 -4.23 -25.31 -22.98
C GLY A 125 -4.48 -25.61 -24.43
N ARG A 126 -3.46 -25.55 -25.29
CA ARG A 126 -3.62 -25.82 -26.70
C ARG A 126 -2.98 -27.16 -27.08
N PHE A 127 -3.34 -27.65 -28.26
CA PHE A 127 -2.68 -28.78 -28.91
C PHE A 127 -2.86 -30.10 -28.16
N GLY A 128 -3.82 -30.17 -27.24
CA GLY A 128 -4.04 -31.36 -26.44
C GLY A 128 -3.32 -31.38 -25.11
N TYR A 129 -2.60 -30.32 -24.75
CA TYR A 129 -2.00 -30.23 -23.43
C TYR A 129 -3.08 -30.00 -22.38
N GLY A 130 -3.05 -30.79 -21.32
CA GLY A 130 -3.96 -30.62 -20.21
C GLY A 130 -3.19 -30.51 -18.91
N VAL A 131 -3.65 -29.61 -18.04
CA VAL A 131 -3.03 -29.46 -16.74
C VAL A 131 -3.24 -30.73 -15.94
N ALA A 132 -2.15 -31.39 -15.57
CA ALA A 132 -2.21 -32.64 -14.83
C ALA A 132 -1.60 -32.58 -13.44
N THR A 133 -0.78 -31.57 -13.16
CA THR A 133 -0.09 -31.45 -11.88
C THR A 133 -0.21 -30.02 -11.37
N GLU A 134 -0.38 -29.87 -10.07
CA GLU A 134 -0.43 -28.57 -9.43
C GLU A 134 0.76 -28.42 -8.49
N SER A 135 1.04 -27.17 -8.11
CA SER A 135 2.05 -26.87 -7.11
C SER A 135 1.44 -25.90 -6.11
N ALA A 136 2.02 -25.88 -4.91
CA ALA A 136 1.55 -25.03 -3.83
C ALA A 136 2.64 -24.06 -3.43
N GLU A 137 2.27 -22.79 -3.26
CA GLU A 137 3.15 -21.81 -2.63
C GLU A 137 2.81 -21.76 -1.15
N LEU A 138 3.76 -22.17 -0.32
CA LEU A 138 3.61 -22.19 1.13
C LEU A 138 4.42 -21.06 1.75
N SER A 139 3.83 -20.37 2.72
CA SER A 139 4.49 -19.23 3.34
C SER A 139 3.87 -18.97 4.71
N GLY A 140 4.63 -18.29 5.56
CA GLY A 140 4.15 -17.93 6.88
C GLY A 140 5.28 -17.48 7.76
N GLN A 141 4.90 -16.96 8.94
CA GLN A 141 5.87 -16.55 9.95
C GLN A 141 6.44 -17.77 10.66
N VAL A 142 7.78 -17.87 10.67
CA VAL A 142 8.43 -19.05 11.23
C VAL A 142 8.12 -19.22 12.71
N ARG A 143 7.87 -18.12 13.42
CA ARG A 143 7.53 -18.23 14.84
C ARG A 143 6.17 -18.88 15.08
N GLU A 144 5.32 -18.95 14.06
CA GLU A 144 3.98 -19.50 14.19
C GLU A 144 3.86 -20.92 13.64
N LEU A 145 4.97 -21.54 13.24
CA LEU A 145 4.95 -22.80 12.51
C LEU A 145 5.56 -23.94 13.31
N ALA A 146 5.27 -23.99 14.62
CA ALA A 146 5.65 -25.14 15.42
C ALA A 146 4.95 -26.40 14.90
N PHE A 147 5.60 -27.54 15.11
CA PHE A 147 5.08 -28.81 14.66
C PHE A 147 4.15 -29.43 15.70
N ARG A 148 3.35 -30.39 15.25
CA ARG A 148 2.58 -31.20 16.18
C ARG A 148 3.53 -31.95 17.10
N PRO A 149 3.18 -32.12 18.38
CA PRO A 149 4.17 -32.65 19.33
C PRO A 149 4.56 -34.10 19.07
N THR A 150 3.70 -34.90 18.45
CA THR A 150 4.01 -36.30 18.18
C THR A 150 4.95 -36.48 17.00
N VAL A 151 5.47 -35.41 16.42
CA VAL A 151 6.37 -35.50 15.27
C VAL A 151 7.78 -35.78 15.78
N ASP A 152 8.33 -36.93 15.39
CA ASP A 152 9.68 -37.33 15.81
C ASP A 152 10.70 -36.68 14.90
N LEU A 153 11.61 -35.90 15.50
CA LEU A 153 12.67 -35.23 14.74
C LEU A 153 13.92 -36.10 14.59
N GLY A 154 14.04 -37.16 15.38
CA GLY A 154 15.18 -38.05 15.28
C GLY A 154 16.43 -37.46 15.91
N ASP A 155 17.52 -38.21 15.78
CA ASP A 155 18.81 -37.85 16.37
C ASP A 155 19.74 -37.17 15.36
N GLY A 156 19.20 -36.72 14.24
CA GLY A 156 20.03 -36.26 13.14
C GLY A 156 20.75 -34.96 13.44
N THR A 157 21.73 -34.67 12.59
CA THR A 157 22.51 -33.45 12.66
C THR A 157 22.50 -32.78 11.29
N LEU A 158 22.82 -31.49 11.28
CA LEU A 158 22.76 -30.68 10.08
C LEU A 158 24.06 -29.91 9.92
N GLU A 159 24.45 -29.71 8.67
CA GLU A 159 25.63 -28.91 8.33
C GLU A 159 25.34 -28.14 7.05
N GLU A 160 25.67 -26.86 7.06
CA GLU A 160 25.64 -26.09 5.82
C GLU A 160 26.93 -26.33 5.05
N VAL A 161 26.80 -26.68 3.78
CA VAL A 161 27.90 -27.21 3.00
C VAL A 161 27.95 -26.50 1.65
N SER A 162 29.08 -26.67 0.96
CA SER A 162 29.29 -26.09 -0.35
C SER A 162 28.53 -26.88 -1.42
N ALA A 163 28.45 -26.30 -2.62
CA ALA A 163 27.78 -26.96 -3.72
C ALA A 163 28.42 -28.31 -4.05
N GLU A 164 29.75 -28.37 -4.04
CA GLU A 164 30.44 -29.62 -4.33
C GLU A 164 30.09 -30.70 -3.32
N THR A 165 30.11 -30.34 -2.03
CA THR A 165 29.73 -31.31 -1.01
C THR A 165 28.27 -31.70 -1.13
N PHE A 166 27.40 -30.72 -1.41
CA PHE A 166 25.98 -31.02 -1.61
C PHE A 166 25.78 -32.01 -2.74
N LEU A 167 26.45 -31.78 -3.88
CA LEU A 167 26.27 -32.64 -5.05
C LEU A 167 26.89 -34.02 -4.89
N ALA A 168 27.67 -34.24 -3.83
CA ALA A 168 28.22 -35.56 -3.57
C ALA A 168 27.26 -36.46 -2.79
N SER A 169 26.25 -35.90 -2.14
CA SER A 169 25.32 -36.66 -1.32
C SER A 169 23.88 -36.52 -1.76
N ALA A 170 23.48 -35.33 -2.21
CA ALA A 170 22.09 -35.10 -2.59
C ALA A 170 21.58 -36.01 -3.71
N PRO A 171 22.35 -36.33 -4.76
CA PRO A 171 21.81 -37.21 -5.81
C PRO A 171 21.34 -38.57 -5.29
N ALA A 172 22.08 -39.17 -4.36
CA ALA A 172 21.66 -40.47 -3.83
C ALA A 172 20.38 -40.36 -3.02
N ILE A 173 20.24 -39.28 -2.25
CA ILE A 173 19.02 -39.05 -1.49
C ILE A 173 17.85 -38.87 -2.44
N TYR A 174 18.02 -38.04 -3.48
CA TYR A 174 16.96 -37.80 -4.44
C TYR A 174 16.55 -39.09 -5.13
N ASP A 175 17.52 -39.88 -5.59
CA ASP A 175 17.22 -41.12 -6.29
C ASP A 175 16.40 -42.09 -5.45
N ALA A 176 16.51 -42.00 -4.11
CA ALA A 176 15.85 -42.95 -3.23
C ALA A 176 14.40 -42.58 -2.93
N VAL A 177 14.03 -41.31 -3.04
CA VAL A 177 12.71 -40.88 -2.62
C VAL A 177 11.75 -40.73 -3.80
N ILE A 178 12.28 -40.47 -5.00
CA ILE A 178 11.42 -40.12 -6.13
C ILE A 178 10.59 -41.28 -6.68
N PRO A 179 10.93 -42.56 -6.48
CA PRO A 179 9.99 -43.61 -6.91
C PRO A 179 8.61 -43.49 -6.29
N GLY A 180 8.48 -42.83 -5.14
CA GLY A 180 7.19 -42.60 -4.51
C GLY A 180 6.63 -41.22 -4.73
N LEU A 181 7.25 -40.42 -5.60
CA LEU A 181 6.80 -39.05 -5.87
C LEU A 181 6.58 -38.92 -7.38
N PRO A 182 5.43 -39.40 -7.87
CA PRO A 182 5.15 -39.27 -9.30
C PRO A 182 5.20 -37.82 -9.73
N GLY A 183 5.71 -37.60 -10.93
CA GLY A 183 5.93 -36.28 -11.48
C GLY A 183 7.37 -35.83 -11.40
N GLN A 184 8.13 -36.35 -10.44
CA GLN A 184 9.54 -36.01 -10.36
C GLN A 184 10.31 -36.63 -11.52
N MET A 185 11.40 -35.98 -11.88
CA MET A 185 12.20 -36.41 -13.02
C MET A 185 13.62 -36.74 -12.58
N SER A 186 14.22 -37.69 -13.30
CA SER A 186 15.61 -38.04 -13.05
C SER A 186 16.50 -36.81 -13.23
N ARG A 187 17.56 -36.76 -12.42
CA ARG A 187 18.51 -35.65 -12.45
C ARG A 187 19.90 -36.21 -12.69
N THR A 188 20.42 -36.01 -13.91
CA THR A 188 21.80 -36.31 -14.21
C THR A 188 22.70 -35.28 -13.51
N PRO A 189 24.02 -35.50 -13.51
CA PRO A 189 24.92 -34.44 -13.02
C PRO A 189 24.69 -33.10 -13.69
N GLU A 190 24.40 -33.10 -15.00
CA GLU A 190 24.20 -31.85 -15.72
C GLU A 190 22.92 -31.14 -15.26
N TRP A 191 21.87 -31.89 -14.95
CA TRP A 191 20.65 -31.26 -14.46
C TRP A 191 20.81 -30.74 -13.04
N TRP A 192 21.60 -31.44 -12.21
CA TRP A 192 21.91 -30.91 -10.89
C TRP A 192 22.66 -29.59 -10.99
N ALA A 193 23.55 -29.47 -11.98
CA ALA A 193 24.32 -28.24 -12.15
C ALA A 193 23.40 -27.05 -12.42
N SER A 194 22.36 -27.26 -13.21
CA SER A 194 21.39 -26.18 -13.46
C SER A 194 20.53 -25.93 -12.24
N TRP A 195 20.07 -27.01 -11.60
CA TRP A 195 19.18 -26.89 -10.44
C TRP A 195 19.85 -26.18 -9.27
N THR A 196 21.16 -26.36 -9.11
CA THR A 196 21.90 -25.76 -8.01
C THR A 196 22.68 -24.52 -8.41
N LEU A 197 22.48 -24.02 -9.64
CA LEU A 197 23.19 -22.83 -10.09
C LEU A 197 22.86 -21.62 -9.23
N ASP A 198 23.88 -20.86 -8.85
CA ASP A 198 23.69 -19.60 -8.12
C ASP A 198 23.39 -18.50 -9.15
N SER A 199 22.21 -18.61 -9.75
CA SER A 199 21.85 -17.76 -10.88
C SER A 199 21.76 -16.30 -10.46
N GLU A 200 22.22 -15.41 -11.34
CA GLU A 200 22.13 -13.98 -11.07
C GLU A 200 20.69 -13.54 -10.87
N GLU A 201 19.76 -14.15 -11.60
CA GLU A 201 18.36 -13.77 -11.47
C GLU A 201 17.85 -13.95 -10.04
N LEU A 202 18.14 -15.11 -9.43
CA LEU A 202 17.62 -15.33 -8.08
C LEU A 202 18.40 -14.62 -6.99
N GLN A 203 19.68 -14.31 -7.22
CA GLN A 203 20.44 -13.50 -6.26
C GLN A 203 19.80 -12.13 -6.06
N LYS A 204 19.34 -11.51 -7.15
CA LYS A 204 18.72 -10.19 -7.07
C LYS A 204 17.39 -10.26 -6.33
N GLU A 205 16.64 -11.36 -6.50
CA GLU A 205 15.38 -11.51 -5.80
C GLU A 205 15.57 -11.78 -4.31
N SER A 206 16.72 -12.35 -3.92
CA SER A 206 16.94 -12.72 -2.53
C SER A 206 18.42 -12.70 -2.17
N GLY A 207 19.11 -13.80 -2.44
CA GLY A 207 20.52 -13.90 -2.10
C GLY A 207 21.15 -15.12 -2.71
N LYS A 208 22.40 -15.37 -2.32
CA LYS A 208 23.15 -16.50 -2.87
C LYS A 208 22.58 -17.82 -2.36
N VAL A 209 22.59 -18.83 -3.23
CA VAL A 209 22.03 -20.12 -2.88
C VAL A 209 22.89 -20.78 -1.80
N ARG A 210 22.23 -21.52 -0.91
CA ARG A 210 22.90 -22.19 0.20
C ARG A 210 22.40 -23.62 0.29
N PHE A 211 23.25 -24.52 0.78
CA PHE A 211 22.96 -25.94 0.79
C PHE A 211 23.12 -26.51 2.19
N VAL A 212 22.16 -27.34 2.60
CA VAL A 212 22.15 -27.98 3.90
C VAL A 212 22.05 -29.49 3.70
N LEU A 213 22.78 -30.26 4.50
CA LEU A 213 22.69 -31.71 4.51
C LEU A 213 22.32 -32.20 5.90
N HIS A 214 21.41 -33.16 5.95
CA HIS A 214 20.99 -33.81 7.20
C HIS A 214 21.64 -35.18 7.28
N TYR A 215 22.28 -35.45 8.42
CA TYR A 215 22.98 -36.71 8.64
C TYR A 215 22.29 -37.51 9.73
N GLU A 216 22.15 -38.81 9.51
CA GLU A 216 21.72 -39.70 10.57
C GLU A 216 22.82 -39.80 11.63
N SER A 217 22.50 -40.46 12.75
CA SER A 217 23.47 -40.55 13.83
C SER A 217 24.70 -41.34 13.40
N ASP A 218 24.56 -42.27 12.47
CA ASP A 218 25.68 -43.05 11.98
C ASP A 218 26.47 -42.34 10.89
N GLY A 219 26.10 -41.11 10.53
CA GLY A 219 26.78 -40.36 9.49
C GLY A 219 26.14 -40.43 8.13
N THR A 220 25.14 -41.29 7.94
CA THR A 220 24.52 -41.45 6.64
C THR A 220 23.72 -40.20 6.27
N ALA A 221 23.98 -39.66 5.08
CA ALA A 221 23.19 -38.55 4.58
C ALA A 221 21.78 -39.00 4.26
N SER A 222 20.79 -38.34 4.85
CA SER A 222 19.40 -38.74 4.71
C SER A 222 18.46 -37.59 4.35
N GLY A 223 18.97 -36.38 4.19
CA GLY A 223 18.13 -35.25 3.82
C GLY A 223 18.97 -34.10 3.35
N PHE A 224 18.33 -33.18 2.62
CA PHE A 224 19.01 -32.00 2.13
C PHE A 224 18.01 -30.88 1.95
N ALA A 225 18.53 -29.66 1.84
CA ALA A 225 17.71 -28.49 1.58
C ALA A 225 18.48 -27.52 0.69
N ILE A 226 17.75 -26.84 -0.20
CA ILE A 226 18.28 -25.76 -1.01
C ILE A 226 17.43 -24.52 -0.74
N TYR A 227 18.09 -23.43 -0.37
CA TYR A 227 17.36 -22.22 -0.01
C TYR A 227 18.24 -21.00 -0.23
N ARG A 228 17.59 -19.84 -0.23
CA ARG A 228 18.27 -18.55 -0.37
C ARG A 228 17.76 -17.60 0.70
N PRO A 229 18.65 -16.87 1.36
CA PRO A 229 18.22 -15.85 2.32
C PRO A 229 17.91 -14.53 1.63
N LYS A 230 16.92 -13.84 2.19
CA LYS A 230 16.59 -12.47 1.77
C LYS A 230 16.70 -11.57 2.99
N PRO A 231 17.81 -10.87 3.17
CA PRO A 231 18.00 -10.07 4.38
C PRO A 231 17.01 -8.92 4.46
N GLY A 232 16.83 -8.42 5.68
CA GLY A 232 15.80 -7.43 5.92
C GLY A 232 16.04 -6.14 5.16
N TRP A 233 14.96 -5.51 4.73
CA TRP A 233 15.04 -4.27 3.96
C TRP A 233 13.92 -3.31 4.37
N ASN A 239 12.50 -8.13 8.98
CA ASN A 239 11.63 -8.96 8.14
C ASN A 239 12.45 -9.84 7.20
N ALA A 240 13.51 -10.46 7.72
CA ALA A 240 14.33 -11.32 6.90
C ALA A 240 13.55 -12.57 6.50
N GLU A 241 13.70 -12.97 5.24
CA GLU A 241 12.95 -14.09 4.68
C GLU A 241 13.88 -15.21 4.22
N LEU A 242 13.35 -16.42 4.24
CA LEU A 242 14.00 -17.57 3.63
C LEU A 242 13.16 -18.03 2.45
N HIS A 243 13.79 -18.17 1.29
CA HIS A 243 13.14 -18.66 0.08
C HIS A 243 13.64 -20.08 -0.15
N VAL A 244 12.81 -21.07 0.17
CA VAL A 244 13.18 -22.46 0.04
C VAL A 244 12.98 -22.92 -1.40
N GLN A 245 14.00 -23.55 -1.97
CA GLN A 245 13.89 -24.13 -3.29
C GLN A 245 13.48 -25.60 -3.25
N GLU A 246 13.95 -26.36 -2.25
CA GLU A 246 13.65 -27.78 -2.20
C GLU A 246 14.09 -28.35 -0.84
N VAL A 247 13.28 -29.24 -0.30
CA VAL A 247 13.59 -30.00 0.92
C VAL A 247 13.12 -31.42 0.71
N LEU A 248 14.02 -32.40 0.90
CA LEU A 248 13.69 -33.80 0.76
C LEU A 248 14.42 -34.61 1.81
N GLY A 249 13.82 -35.73 2.19
CA GLY A 249 14.43 -36.64 3.14
C GLY A 249 13.97 -38.06 2.88
N THR A 250 14.85 -39.02 3.19
CA THR A 250 14.55 -40.42 2.96
C THR A 250 13.70 -41.05 4.05
N ASN A 251 13.41 -40.31 5.12
CA ASN A 251 12.55 -40.80 6.19
C ASN A 251 11.91 -39.58 6.85
N PRO A 252 10.79 -39.78 7.58
CA PRO A 252 10.10 -38.62 8.15
C PRO A 252 10.93 -37.80 9.13
N ARG A 253 11.87 -38.41 9.84
CA ARG A 253 12.64 -37.66 10.83
C ARG A 253 13.57 -36.65 10.16
N SER A 254 14.28 -37.08 9.13
CA SER A 254 15.19 -36.19 8.44
C SER A 254 14.44 -35.05 7.75
N TYR A 255 13.30 -35.38 7.14
CA TYR A 255 12.46 -34.35 6.54
C TYR A 255 12.02 -33.32 7.57
N ALA A 256 11.46 -33.79 8.69
CA ALA A 256 10.97 -32.87 9.71
C ALA A 256 12.11 -32.12 10.38
N ARG A 257 13.24 -32.80 10.61
CA ARG A 257 14.36 -32.14 11.26
C ARG A 257 14.96 -31.05 10.37
N THR A 258 15.01 -31.30 9.06
CA THR A 258 15.54 -30.30 8.14
C THR A 258 14.64 -29.06 8.10
N TRP A 259 13.32 -29.27 8.07
CA TRP A 259 12.41 -28.12 8.11
C TRP A 259 12.51 -27.39 9.44
N ARG A 260 12.58 -28.14 10.54
CA ARG A 260 12.74 -27.51 11.85
C ARG A 260 14.01 -26.66 11.91
N TYR A 261 15.07 -27.10 11.23
CA TYR A 261 16.28 -26.29 11.14
C TYR A 261 16.03 -24.96 10.46
N LEU A 262 15.34 -24.98 9.32
CA LEU A 262 15.07 -23.76 8.58
C LEU A 262 14.14 -22.84 9.37
N LEU A 263 13.17 -23.41 10.08
CA LEU A 263 12.18 -22.63 10.80
C LEU A 263 12.72 -22.05 12.11
N ASP A 264 13.75 -22.66 12.68
CA ASP A 264 14.33 -22.18 13.92
C ASP A 264 15.51 -21.23 13.71
N MET A 265 15.84 -20.89 12.47
CA MET A 265 16.94 -19.96 12.23
C MET A 265 16.60 -18.63 12.88
N ASP A 266 17.60 -18.02 13.53
CA ASP A 266 17.29 -16.97 14.50
C ASP A 266 16.74 -15.71 13.84
N LEU A 267 17.51 -15.08 12.96
CA LEU A 267 17.14 -13.79 12.42
C LEU A 267 16.07 -13.86 11.31
N VAL A 268 15.42 -14.99 11.12
CA VAL A 268 14.41 -15.15 10.09
C VAL A 268 13.03 -14.85 10.66
N ARG A 269 12.22 -14.13 9.89
CA ARG A 269 10.82 -13.86 10.19
C ARG A 269 9.85 -14.65 9.32
N LYS A 270 10.08 -14.73 8.02
CA LYS A 270 9.14 -15.33 7.10
C LYS A 270 9.84 -16.37 6.25
N ILE A 271 9.11 -17.42 5.89
CA ILE A 271 9.62 -18.46 5.01
C ILE A 271 8.64 -18.64 3.86
N LYS A 272 9.17 -18.98 2.69
CA LYS A 272 8.36 -19.19 1.49
C LYS A 272 8.90 -20.38 0.73
N TYR A 273 8.01 -21.28 0.31
CA TYR A 273 8.36 -22.43 -0.51
C TYR A 273 7.44 -22.39 -1.72
N HIS A 274 7.94 -21.85 -2.83
CA HIS A 274 7.22 -21.85 -4.09
C HIS A 274 7.52 -23.14 -4.84
N GLY A 275 6.49 -23.72 -5.45
CA GLY A 275 6.67 -24.94 -6.20
C GLY A 275 6.69 -26.21 -5.37
N ALA A 276 6.12 -26.18 -4.17
CA ALA A 276 6.01 -27.39 -3.37
C ALA A 276 4.84 -28.24 -3.87
N SER A 277 4.76 -29.46 -3.33
CA SER A 277 3.61 -30.30 -3.60
C SER A 277 2.38 -29.78 -2.85
N VAL A 278 1.21 -29.92 -3.48
CA VAL A 278 -0.03 -29.55 -2.80
C VAL A 278 -0.28 -30.44 -1.59
N GLN A 279 0.40 -31.58 -1.51
CA GLN A 279 0.35 -32.45 -0.33
C GLN A 279 1.72 -32.56 0.31
N GLU A 280 2.48 -31.47 0.29
CA GLU A 280 3.77 -31.40 0.97
C GLU A 280 3.59 -31.75 2.44
N GLU A 281 4.42 -32.69 2.92
CA GLU A 281 4.28 -33.16 4.29
C GLU A 281 4.39 -32.03 5.31
N LEU A 282 5.11 -30.96 4.97
CA LEU A 282 5.21 -29.80 5.86
C LEU A 282 3.83 -29.31 6.28
N ARG A 283 2.86 -29.33 5.35
CA ARG A 283 1.52 -28.83 5.66
C ARG A 283 0.89 -29.57 6.83
N TYR A 284 1.23 -30.84 7.01
CA TYR A 284 0.65 -31.67 8.07
C TYR A 284 1.56 -31.78 9.29
N LEU A 285 2.82 -31.37 9.18
CA LEU A 285 3.68 -31.28 10.36
C LEU A 285 3.29 -30.07 11.21
N VAL A 286 2.94 -28.95 10.57
CA VAL A 286 2.60 -27.73 11.29
C VAL A 286 1.38 -27.96 12.17
N ALA A 287 1.47 -27.52 13.43
CA ALA A 287 0.38 -27.76 14.37
C ALA A 287 -0.84 -26.91 14.03
N ASN A 288 -0.62 -25.68 13.57
CA ASN A 288 -1.69 -24.73 13.29
C ASN A 288 -1.68 -24.42 11.79
N HIS A 289 -2.46 -25.20 11.03
CA HIS A 289 -2.52 -25.02 9.58
C HIS A 289 -2.76 -23.57 9.14
N PRO A 290 -3.65 -22.79 9.77
CA PRO A 290 -3.87 -21.41 9.27
C PRO A 290 -2.62 -20.55 9.25
N SER A 291 -1.57 -20.92 9.98
CA SER A 291 -0.34 -20.14 9.95
C SER A 291 0.47 -20.37 8.68
N LEU A 292 0.20 -21.44 7.95
CA LEU A 292 0.91 -21.77 6.71
C LEU A 292 -0.04 -21.58 5.53
N GLU A 293 0.09 -20.45 4.85
CA GLU A 293 -0.76 -20.17 3.70
C GLU A 293 -0.42 -21.13 2.57
N CYS A 294 -1.46 -21.56 1.85
CA CYS A 294 -1.31 -22.51 0.75
C CYS A 294 -2.06 -21.98 -0.46
N VAL A 295 -1.31 -21.54 -1.47
CA VAL A 295 -1.89 -21.04 -2.72
C VAL A 295 -1.59 -22.07 -3.80
N VAL A 296 -2.64 -22.62 -4.41
CA VAL A 296 -2.53 -23.70 -5.37
C VAL A 296 -2.66 -23.14 -6.78
N SER A 297 -1.79 -23.61 -7.68
CA SER A 297 -1.80 -23.16 -9.06
C SER A 297 -1.30 -24.28 -9.96
N ASP A 298 -1.46 -24.09 -11.27
CA ASP A 298 -1.00 -25.06 -12.25
C ASP A 298 0.50 -25.28 -12.15
N ALA A 299 0.93 -26.50 -12.47
CA ALA A 299 2.36 -26.79 -12.54
C ALA A 299 2.73 -27.35 -13.91
N ILE A 300 2.38 -28.61 -14.15
CA ILE A 300 2.80 -29.33 -15.35
C ILE A 300 1.58 -29.66 -16.18
N GLN A 301 1.69 -29.43 -17.49
CA GLN A 301 0.71 -29.89 -18.46
C GLN A 301 1.22 -31.15 -19.14
N VAL A 302 0.32 -32.10 -19.40
CA VAL A 302 0.64 -33.37 -20.02
C VAL A 302 0.00 -33.44 -21.40
N ARG A 303 0.78 -33.86 -22.39
CA ARG A 303 0.29 -34.17 -23.72
C ARG A 303 0.57 -35.63 -23.99
N LEU A 304 -0.47 -36.47 -23.96
CA LEU A 304 -0.28 -37.88 -24.28
C LEU A 304 -0.04 -38.05 -25.77
N VAL A 305 1.05 -38.72 -26.11
CA VAL A 305 1.42 -38.93 -27.50
C VAL A 305 1.23 -40.39 -27.94
N ASP A 306 1.38 -41.35 -27.03
CA ASP A 306 1.09 -42.76 -27.29
C ASP A 306 0.13 -43.22 -26.20
N ILE A 307 -1.18 -43.10 -26.48
CA ILE A 307 -2.18 -43.34 -25.45
C ILE A 307 -2.13 -44.76 -24.90
N PRO A 308 -2.16 -45.82 -25.72
CA PRO A 308 -2.15 -47.18 -25.12
C PRO A 308 -0.90 -47.46 -24.29
N ARG A 309 0.28 -47.09 -24.76
CA ARG A 309 1.49 -47.35 -23.99
C ARG A 309 1.53 -46.50 -22.71
N ALA A 310 1.08 -45.25 -22.78
CA ALA A 310 1.11 -44.41 -21.59
C ALA A 310 0.16 -44.97 -20.53
N LEU A 311 -1.06 -45.35 -20.93
CA LEU A 311 -2.01 -45.91 -19.98
C LEU A 311 -1.54 -47.25 -19.43
N ALA A 312 -0.79 -48.02 -20.21
CA ALA A 312 -0.30 -49.31 -19.74
C ALA A 312 0.97 -49.21 -18.91
N GLN A 313 1.68 -48.09 -18.96
CA GLN A 313 2.94 -47.95 -18.25
C GLN A 313 2.78 -47.49 -16.81
N ARG A 314 1.72 -46.74 -16.50
CA ARG A 314 1.49 -46.35 -15.12
C ARG A 314 0.70 -47.43 -14.40
N ARG A 315 0.62 -47.30 -13.08
CA ARG A 315 -0.20 -48.18 -12.25
C ARG A 315 -1.38 -47.41 -11.69
N TYR A 316 -2.36 -48.16 -11.19
CA TYR A 316 -3.65 -47.59 -10.83
C TYR A 316 -3.99 -47.92 -9.38
N ALA A 317 -4.66 -46.97 -8.72
CA ALA A 317 -4.89 -47.06 -7.28
C ALA A 317 -5.83 -48.20 -6.92
N ALA A 318 -6.69 -48.61 -7.85
CA ALA A 318 -7.58 -49.74 -7.64
C ALA A 318 -7.87 -50.39 -8.98
N ASP A 319 -8.51 -51.56 -8.93
CA ASP A 319 -8.83 -52.27 -10.16
C ASP A 319 -9.77 -51.45 -11.01
N VAL A 320 -9.56 -51.51 -12.33
CA VAL A 320 -10.39 -50.79 -13.28
C VAL A 320 -10.46 -51.59 -14.57
N ASP A 321 -11.67 -51.68 -15.14
CA ASP A 321 -11.89 -52.29 -16.44
C ASP A 321 -12.90 -51.39 -17.13
N VAL A 322 -12.41 -50.51 -17.99
CA VAL A 322 -13.22 -49.45 -18.57
C VAL A 322 -12.85 -49.28 -20.04
N VAL A 323 -13.84 -48.90 -20.84
CA VAL A 323 -13.65 -48.61 -22.25
C VAL A 323 -13.76 -47.11 -22.45
N LEU A 324 -12.70 -46.51 -23.00
CA LEU A 324 -12.61 -45.07 -23.17
C LEU A 324 -12.68 -44.72 -24.64
N GLU A 325 -13.67 -43.90 -25.00
CA GLU A 325 -13.75 -43.34 -26.35
C GLU A 325 -12.95 -42.04 -26.35
N VAL A 326 -11.72 -42.10 -26.85
CA VAL A 326 -10.77 -40.98 -26.77
C VAL A 326 -10.78 -40.23 -28.08
N THR A 327 -10.97 -38.91 -28.00
CA THR A 327 -10.94 -38.01 -29.15
C THR A 327 -9.71 -37.11 -29.06
N ASP A 328 -8.91 -37.09 -30.12
CA ASP A 328 -7.72 -36.26 -30.22
C ASP A 328 -7.95 -35.28 -31.36
N ASP A 329 -8.28 -34.03 -31.02
CA ASP A 329 -8.62 -33.06 -32.05
C ASP A 329 -7.39 -32.63 -32.85
N PHE A 330 -6.26 -32.45 -32.18
CA PHE A 330 -5.06 -31.97 -32.87
C PHE A 330 -4.42 -33.07 -33.70
N LEU A 331 -4.35 -34.29 -33.17
CA LEU A 331 -3.78 -35.44 -33.86
C LEU A 331 -4.85 -36.53 -33.96
N PRO A 332 -5.78 -36.42 -34.91
CA PRO A 332 -6.90 -37.37 -34.97
C PRO A 332 -6.48 -38.82 -35.17
N GLU A 333 -5.22 -39.07 -35.56
CA GLU A 333 -4.76 -40.44 -35.69
C GLU A 333 -4.66 -41.17 -34.36
N ASN A 334 -4.65 -40.44 -33.24
CA ASN A 334 -4.66 -41.05 -31.93
C ASN A 334 -6.06 -41.33 -31.42
N SER A 335 -7.09 -40.81 -32.10
CA SER A 335 -8.46 -41.06 -31.69
C SER A 335 -8.78 -42.54 -31.83
N GLY A 336 -9.57 -43.05 -30.89
CA GLY A 336 -9.95 -44.45 -30.92
C GLY A 336 -10.59 -44.87 -29.62
N ARG A 337 -11.04 -46.12 -29.61
CA ARG A 337 -11.75 -46.70 -28.48
C ARG A 337 -10.84 -47.74 -27.82
N TYR A 338 -10.49 -47.51 -26.56
CA TYR A 338 -9.50 -48.30 -25.85
C TYR A 338 -10.11 -48.95 -24.62
N ARG A 339 -9.78 -50.22 -24.40
CA ARG A 339 -10.14 -50.93 -23.18
C ARG A 339 -8.94 -50.87 -22.23
N LEU A 340 -9.16 -50.29 -21.05
CA LEU A 340 -8.12 -50.19 -20.03
C LEU A 340 -8.39 -51.21 -18.93
N ARG A 341 -7.42 -52.07 -18.69
CA ARG A 341 -7.47 -53.04 -17.60
C ARG A 341 -6.24 -52.78 -16.71
N GLY A 342 -6.48 -52.31 -15.49
CA GLY A 342 -5.38 -51.92 -14.64
C GLY A 342 -5.65 -52.17 -13.18
N GLY A 343 -4.57 -52.15 -12.41
CA GLY A 343 -4.61 -52.33 -10.98
C GLY A 343 -3.31 -51.87 -10.38
N LEU A 344 -3.04 -52.34 -9.17
CA LEU A 344 -1.80 -51.95 -8.50
C LEU A 344 -0.57 -52.56 -9.15
N ASP A 345 -0.67 -53.81 -9.63
CA ASP A 345 0.51 -54.52 -10.13
C ASP A 345 0.43 -54.86 -11.62
N HIS A 346 -0.62 -54.42 -12.32
CA HIS A 346 -0.75 -54.77 -13.73
C HIS A 346 -1.45 -53.62 -14.46
N ALA A 347 -1.24 -53.57 -15.77
CA ALA A 347 -1.89 -52.58 -16.62
C ALA A 347 -1.76 -52.94 -18.09
N SER A 348 -2.86 -52.90 -18.82
CA SER A 348 -2.86 -53.10 -20.26
C SER A 348 -3.92 -52.19 -20.87
N CYS A 349 -3.72 -51.88 -22.15
CA CYS A 349 -4.62 -50.99 -22.87
C CYS A 349 -4.54 -51.35 -24.35
N GLU A 350 -5.70 -51.57 -24.96
CA GLU A 350 -5.76 -52.05 -26.34
C GLU A 350 -7.04 -51.55 -27.00
N ILE A 351 -7.00 -51.48 -28.32
CA ILE A 351 -8.17 -51.12 -29.11
C ILE A 351 -9.26 -52.16 -28.91
N THR A 352 -10.50 -51.71 -28.80
CA THR A 352 -11.64 -52.59 -28.63
C THR A 352 -12.83 -52.07 -29.43
N THR A 353 -13.74 -52.99 -29.73
CA THR A 353 -15.01 -52.64 -30.37
C THR A 353 -16.19 -52.76 -29.42
N ASP A 354 -15.94 -53.08 -28.14
CA ASP A 354 -17.01 -53.11 -27.16
C ASP A 354 -17.59 -51.71 -26.95
N ASP A 355 -18.71 -51.65 -26.25
CA ASP A 355 -19.36 -50.37 -25.99
C ASP A 355 -18.49 -49.52 -25.07
N ALA A 356 -18.40 -48.24 -25.40
CA ALA A 356 -17.59 -47.32 -24.60
C ALA A 356 -18.31 -46.98 -23.30
N ASP A 357 -17.51 -46.81 -22.25
CA ASP A 357 -18.03 -46.43 -20.93
C ASP A 357 -17.91 -44.94 -20.67
N ILE A 358 -16.85 -44.31 -21.17
CA ILE A 358 -16.54 -42.91 -20.90
C ILE A 358 -16.07 -42.27 -22.20
N ALA A 359 -16.55 -41.06 -22.47
CA ALA A 359 -16.12 -40.27 -23.61
C ALA A 359 -15.34 -39.05 -23.13
N LEU A 360 -14.14 -38.86 -23.67
CA LEU A 360 -13.31 -37.74 -23.24
C LEU A 360 -12.28 -37.44 -24.31
N THR A 361 -11.70 -36.24 -24.22
CA THR A 361 -10.66 -35.79 -25.13
C THR A 361 -9.29 -36.21 -24.62
N VAL A 362 -8.31 -36.17 -25.53
CA VAL A 362 -6.94 -36.50 -25.13
C VAL A 362 -6.40 -35.46 -24.15
N ARG A 363 -6.88 -34.21 -24.24
CA ARG A 363 -6.48 -33.20 -23.28
C ARG A 363 -6.94 -33.56 -21.88
N ASP A 364 -8.22 -33.91 -21.74
CA ASP A 364 -8.75 -34.29 -20.44
C ASP A 364 -8.16 -35.61 -19.95
N LEU A 365 -7.90 -36.55 -20.87
CA LEU A 365 -7.21 -37.77 -20.50
C LEU A 365 -5.81 -37.48 -19.95
N GLY A 366 -5.10 -36.55 -20.58
CA GLY A 366 -3.80 -36.14 -20.07
C GLY A 366 -3.89 -35.48 -18.70
N SER A 367 -4.98 -34.76 -18.42
CA SER A 367 -5.13 -34.07 -17.15
C SER A 367 -5.20 -35.05 -15.98
N VAL A 368 -5.87 -36.19 -16.16
CA VAL A 368 -6.02 -37.16 -15.09
C VAL A 368 -4.88 -38.16 -15.03
N TYR A 369 -3.94 -38.11 -15.97
CA TYR A 369 -2.98 -39.20 -16.14
C TYR A 369 -2.04 -39.33 -14.95
N MET A 370 -1.73 -38.24 -14.27
CA MET A 370 -0.79 -38.26 -13.15
C MET A 370 -1.49 -38.37 -11.80
N GLY A 371 -2.80 -38.54 -11.79
CA GLY A 371 -3.53 -38.64 -10.54
C GLY A 371 -3.72 -37.35 -9.79
N GLY A 372 -3.50 -36.21 -10.44
CA GLY A 372 -3.63 -34.93 -9.76
C GLY A 372 -4.93 -34.20 -10.03
N VAL A 373 -5.73 -34.73 -10.93
CA VAL A 373 -7.04 -34.16 -11.28
C VAL A 373 -8.03 -35.30 -11.37
N SER A 374 -9.12 -35.21 -10.63
CA SER A 374 -10.10 -36.29 -10.59
C SER A 374 -10.93 -36.31 -11.87
N LEU A 375 -11.02 -37.49 -12.49
CA LEU A 375 -11.89 -37.65 -13.64
C LEU A 375 -13.35 -37.38 -13.28
N GLN A 376 -13.75 -37.70 -12.03
CA GLN A 376 -15.11 -37.45 -11.59
C GLN A 376 -15.46 -35.96 -11.64
N VAL A 377 -14.53 -35.11 -11.23
CA VAL A 377 -14.79 -33.67 -11.25
C VAL A 377 -14.90 -33.15 -12.68
N LEU A 378 -14.04 -33.64 -13.58
CA LEU A 378 -14.15 -33.26 -14.99
C LEU A 378 -15.51 -33.65 -15.56
N ALA A 379 -16.04 -34.80 -15.13
CA ALA A 379 -17.36 -35.21 -15.60
C ALA A 379 -18.46 -34.35 -15.01
N SER A 380 -18.38 -34.07 -13.70
CA SER A 380 -19.37 -33.19 -13.08
C SER A 380 -19.34 -31.80 -13.70
N ALA A 381 -18.19 -31.38 -14.23
CA ALA A 381 -18.09 -30.08 -14.88
C ALA A 381 -18.67 -30.07 -16.28
N GLY A 382 -18.93 -31.24 -16.87
CA GLY A 382 -19.40 -31.32 -18.23
C GLY A 382 -18.34 -31.50 -19.28
N LEU A 383 -17.07 -31.64 -18.88
CA LEU A 383 -15.99 -31.80 -19.83
C LEU A 383 -15.82 -33.24 -20.27
N VAL A 384 -16.18 -34.19 -19.42
CA VAL A 384 -16.11 -35.62 -19.70
C VAL A 384 -17.52 -36.19 -19.59
N THR A 385 -17.83 -37.17 -20.44
CA THR A 385 -19.17 -37.73 -20.53
C THR A 385 -19.17 -39.19 -20.10
N GLU A 386 -20.05 -39.52 -19.15
CA GLU A 386 -20.26 -40.90 -18.73
C GLU A 386 -21.30 -41.56 -19.64
N LEU A 387 -20.93 -42.69 -20.22
CA LEU A 387 -21.83 -43.41 -21.11
C LEU A 387 -22.51 -44.60 -20.45
N ARG A 388 -21.90 -45.18 -19.42
CA ARG A 388 -22.48 -46.30 -18.69
C ARG A 388 -22.32 -46.06 -17.20
N ALA A 389 -23.36 -46.38 -16.44
CA ALA A 389 -23.45 -45.98 -15.04
C ALA A 389 -22.30 -46.59 -14.21
N GLY A 390 -21.77 -45.78 -13.29
CA GLY A 390 -20.75 -46.23 -12.38
C GLY A 390 -19.33 -46.25 -12.94
N ALA A 391 -19.17 -46.05 -14.24
CA ALA A 391 -17.84 -46.15 -14.84
C ALA A 391 -16.93 -45.01 -14.41
N VAL A 392 -17.44 -43.77 -14.43
CA VAL A 392 -16.59 -42.62 -14.13
C VAL A 392 -16.08 -42.68 -12.70
N GLN A 393 -16.94 -43.05 -11.75
CA GLN A 393 -16.53 -43.08 -10.35
C GLN A 393 -15.43 -44.10 -10.12
N ARG A 394 -15.58 -45.30 -10.68
CA ARG A 394 -14.56 -46.33 -10.52
C ARG A 394 -13.26 -45.94 -11.23
N ALA A 395 -13.37 -45.37 -12.43
CA ALA A 395 -12.19 -44.97 -13.18
C ALA A 395 -11.48 -43.78 -12.53
N ALA A 396 -12.23 -42.87 -11.92
CA ALA A 396 -11.62 -41.74 -11.26
C ALA A 396 -10.76 -42.20 -10.09
N THR A 397 -11.29 -43.11 -9.27
CA THR A 397 -10.49 -43.68 -8.18
C THR A 397 -9.24 -44.36 -8.71
N ALA A 398 -9.37 -45.14 -9.78
CA ALA A 398 -8.22 -45.88 -10.31
C ALA A 398 -7.18 -44.95 -10.90
N PHE A 399 -7.61 -43.87 -11.58
CA PHE A 399 -6.66 -42.92 -12.13
C PHE A 399 -6.03 -42.05 -11.06
N GLY A 400 -6.65 -41.95 -9.89
CA GLY A 400 -6.05 -41.24 -8.78
C GLY A 400 -4.86 -41.99 -8.21
N TRP A 401 -4.32 -41.43 -7.12
CA TRP A 401 -3.16 -42.03 -6.48
C TRP A 401 -3.06 -41.50 -5.06
N PRO A 402 -2.64 -42.32 -4.09
CA PRO A 402 -2.54 -41.83 -2.71
C PRO A 402 -1.53 -40.73 -2.52
N VAL A 403 -0.54 -40.62 -3.40
CA VAL A 403 0.46 -39.55 -3.35
C VAL A 403 0.22 -38.65 -4.56
N ALA A 404 -0.05 -37.37 -4.29
CA ALA A 404 -0.30 -36.43 -5.36
C ALA A 404 0.97 -36.21 -6.17
N PRO A 405 0.83 -36.00 -7.48
CA PRO A 405 2.00 -35.62 -8.28
C PRO A 405 2.52 -34.25 -7.89
N SER A 406 3.80 -34.03 -8.16
CA SER A 406 4.45 -32.79 -7.75
C SER A 406 5.33 -32.29 -8.89
N ALA A 407 5.67 -31.00 -8.82
CA ALA A 407 6.40 -30.37 -9.89
C ALA A 407 7.87 -30.79 -9.87
N PRO A 408 8.45 -31.12 -11.01
CA PRO A 408 9.88 -31.46 -11.07
C PRO A 408 10.70 -30.18 -11.04
N ASP A 409 12.02 -30.34 -11.13
CA ASP A 409 12.88 -29.17 -11.25
C ASP A 409 12.57 -28.41 -12.54
N ASP A 410 12.75 -27.09 -12.50
CA ASP A 410 12.31 -26.23 -13.59
C ASP A 410 13.04 -26.54 -14.89
N PHE A 411 12.30 -26.46 -16.00
CA PHE A 411 12.90 -26.55 -17.33
C PHE A 411 12.08 -25.73 -18.35
N GLU B 3 -17.38 -18.20 41.75
CA GLU B 3 -17.83 -19.56 42.00
C GLU B 3 -18.64 -20.08 40.82
N LEU B 4 -18.11 -21.09 40.14
CA LEU B 4 -18.58 -21.49 38.83
C LEU B 4 -19.54 -22.68 38.90
N THR B 5 -20.58 -22.63 38.07
CA THR B 5 -21.56 -23.70 37.93
C THR B 5 -21.59 -24.15 36.48
N LEU B 6 -21.48 -25.46 36.26
CA LEU B 6 -21.67 -26.03 34.93
C LEU B 6 -23.14 -26.34 34.72
N ARG B 7 -23.76 -25.68 33.74
CA ARG B 7 -25.20 -25.82 33.54
C ARG B 7 -25.54 -25.47 32.10
N THR B 8 -26.79 -25.76 31.73
CA THR B 8 -27.30 -25.43 30.41
C THR B 8 -28.15 -24.17 30.49
N ILE B 9 -28.56 -23.68 29.32
CA ILE B 9 -29.36 -22.46 29.25
C ILE B 9 -30.75 -22.74 29.81
N ALA B 10 -31.25 -21.82 30.65
CA ALA B 10 -32.50 -22.02 31.37
C ALA B 10 -33.70 -21.38 30.69
N ASP B 11 -33.57 -20.16 30.16
CA ASP B 11 -34.71 -19.47 29.57
C ASP B 11 -34.20 -18.55 28.47
N GLU B 12 -35.06 -17.62 28.04
CA GLU B 12 -34.75 -16.81 26.87
C GLU B 12 -33.79 -15.66 27.20
N ASP B 13 -33.97 -15.02 28.36
CA ASP B 13 -32.98 -14.05 28.79
C ASP B 13 -31.63 -14.71 29.04
N ASP B 14 -31.64 -15.93 29.58
CA ASP B 14 -30.40 -16.68 29.74
C ASP B 14 -29.74 -16.93 28.39
N TYR B 15 -30.53 -17.21 27.36
CA TYR B 15 -29.98 -17.47 26.03
C TYR B 15 -29.26 -16.24 25.49
N GLU B 16 -29.89 -15.06 25.61
CA GLU B 16 -29.30 -13.85 25.07
C GLU B 16 -28.03 -13.46 25.82
N SER B 17 -28.00 -13.64 27.14
CA SER B 17 -26.77 -13.40 27.90
C SER B 17 -25.68 -14.39 27.51
N TYR B 18 -26.07 -15.66 27.30
CA TYR B 18 -25.11 -16.69 26.90
C TYR B 18 -24.47 -16.34 25.57
N MET B 19 -25.28 -16.00 24.57
CA MET B 19 -24.74 -15.67 23.25
C MET B 19 -23.93 -14.37 23.29
N ALA B 20 -24.36 -13.40 24.10
CA ALA B 20 -23.62 -12.16 24.22
C ALA B 20 -22.22 -12.40 24.74
N SER B 21 -22.06 -13.31 25.71
CA SER B 21 -20.73 -13.61 26.22
C SER B 21 -19.86 -14.29 25.17
N ALA B 22 -20.46 -15.12 24.32
CA ALA B 22 -19.68 -15.79 23.28
C ALA B 22 -19.14 -14.78 22.28
N TYR B 23 -19.97 -13.84 21.84
CA TYR B 23 -19.49 -12.77 20.96
C TYR B 23 -18.45 -11.91 21.66
N SER B 24 -18.65 -11.65 22.96
CA SER B 24 -17.72 -10.80 23.71
C SER B 24 -16.32 -11.41 23.77
N VAL B 25 -16.23 -12.73 23.97
CA VAL B 25 -14.93 -13.39 23.98
C VAL B 25 -14.22 -13.20 22.65
N PHE B 26 -14.96 -13.16 21.55
CA PHE B 26 -14.39 -12.93 20.23
C PHE B 26 -14.33 -11.45 19.88
N LEU B 27 -14.36 -10.56 20.87
CA LEU B 27 -14.08 -9.14 20.69
C LEU B 27 -15.13 -8.44 19.82
N ARG B 28 -16.37 -8.93 19.87
CA ARG B 28 -17.44 -8.46 19.00
C ARG B 28 -18.64 -8.04 19.82
N ASP B 29 -19.40 -7.08 19.30
CA ASP B 29 -20.72 -6.79 19.84
C ASP B 29 -21.67 -7.93 19.48
N PRO B 30 -22.72 -8.14 20.27
CA PRO B 30 -23.69 -9.20 19.94
C PRO B 30 -24.43 -8.87 18.65
N GLN B 31 -24.48 -9.84 17.75
CA GLN B 31 -25.23 -9.72 16.50
C GLN B 31 -26.66 -10.15 16.79
N LYS B 32 -27.53 -9.16 17.04
CA LYS B 32 -28.88 -9.48 17.48
C LYS B 32 -29.66 -10.24 16.41
N ASP B 33 -29.46 -9.91 15.14
CA ASP B 33 -30.21 -10.57 14.08
C ASP B 33 -29.81 -12.04 13.94
N GLU B 34 -28.51 -12.35 14.05
CA GLU B 34 -28.10 -13.75 13.98
C GLU B 34 -28.54 -14.52 15.22
N ILE B 35 -28.43 -13.91 16.40
CA ILE B 35 -28.86 -14.56 17.63
C ILE B 35 -30.35 -14.89 17.56
N GLU B 36 -31.14 -14.00 16.98
CA GLU B 36 -32.59 -14.21 16.93
C GLU B 36 -32.95 -15.33 15.97
N VAL B 37 -32.34 -15.37 14.79
CA VAL B 37 -32.74 -16.38 13.81
C VAL B 37 -32.19 -17.76 14.18
N ASN B 38 -31.04 -17.83 14.83
CA ASN B 38 -30.46 -19.13 15.19
C ASN B 38 -31.15 -19.75 16.40
N ARG B 39 -31.87 -18.96 17.19
CA ARG B 39 -32.64 -19.52 18.29
C ARG B 39 -33.63 -20.57 17.80
N LYS B 40 -34.14 -20.41 16.57
CA LYS B 40 -35.22 -21.26 16.08
C LYS B 40 -34.81 -22.72 15.93
N PHE B 41 -33.51 -23.02 15.77
CA PHE B 41 -33.04 -24.39 15.76
C PHE B 41 -32.08 -24.69 16.90
N THR B 42 -32.04 -23.83 17.91
CA THR B 42 -31.19 -24.04 19.08
C THR B 42 -31.96 -24.85 20.12
N GLU B 43 -31.32 -25.91 20.62
CA GLU B 43 -31.84 -26.68 21.74
C GLU B 43 -31.12 -26.24 23.01
N LEU B 44 -31.87 -25.65 23.95
CA LEU B 44 -31.26 -25.08 25.14
C LEU B 44 -30.49 -26.12 25.95
N ASP B 45 -30.98 -27.35 26.00
CA ASP B 45 -30.32 -28.38 26.79
C ASP B 45 -29.05 -28.92 26.14
N ARG B 46 -28.73 -28.48 24.93
CA ARG B 46 -27.45 -28.79 24.30
C ARG B 46 -26.46 -27.64 24.37
N MET B 47 -26.83 -26.53 24.99
CA MET B 47 -25.98 -25.35 25.12
C MET B 47 -25.47 -25.30 26.55
N ILE B 48 -24.24 -25.78 26.77
CA ILE B 48 -23.67 -25.88 28.10
C ILE B 48 -22.68 -24.74 28.30
N GLY B 49 -22.32 -24.50 29.56
CA GLY B 49 -21.35 -23.46 29.85
C GLY B 49 -21.12 -23.35 31.34
N PHE B 50 -20.23 -22.42 31.69
CA PHE B 50 -19.93 -22.10 33.08
C PHE B 50 -20.48 -20.73 33.42
N HIS B 51 -21.16 -20.65 34.56
CA HIS B 51 -21.77 -19.41 35.04
C HIS B 51 -21.26 -19.17 36.46
N ASP B 52 -20.78 -17.96 36.73
CA ASP B 52 -20.19 -17.65 38.01
C ASP B 52 -21.19 -17.06 39.00
N GLY B 53 -22.48 -17.13 38.71
CA GLY B 53 -23.50 -16.56 39.53
C GLY B 53 -24.08 -15.28 39.00
N LYS B 54 -23.30 -14.51 38.22
CA LYS B 54 -23.78 -13.26 37.65
C LYS B 54 -23.58 -13.14 36.15
N LYS B 55 -22.63 -13.86 35.55
CA LYS B 55 -22.48 -13.84 34.10
C LYS B 55 -21.91 -15.18 33.63
N TRP B 56 -22.06 -15.44 32.34
CA TRP B 56 -21.46 -16.62 31.71
C TRP B 56 -19.96 -16.37 31.50
N VAL B 57 -19.14 -17.35 31.90
CA VAL B 57 -17.70 -17.24 31.75
C VAL B 57 -17.11 -18.27 30.79
N ALA B 58 -17.91 -19.19 30.28
CA ALA B 58 -17.46 -20.17 29.31
C ALA B 58 -18.68 -20.80 28.66
N THR B 59 -18.54 -21.18 27.39
CA THR B 59 -19.65 -21.76 26.64
C THR B 59 -19.14 -22.85 25.71
N THR B 60 -20.03 -23.79 25.40
CA THR B 60 -19.81 -24.77 24.34
C THR B 60 -21.17 -25.37 24.01
N GLY B 61 -21.62 -25.19 22.76
CA GLY B 61 -22.92 -25.64 22.34
C GLY B 61 -22.83 -26.65 21.19
N ALA B 62 -23.99 -27.21 20.85
CA ALA B 62 -24.08 -28.17 19.76
C ALA B 62 -25.48 -28.13 19.15
N PHE B 63 -25.54 -28.15 17.83
CA PHE B 63 -26.78 -28.28 17.11
C PHE B 63 -26.96 -29.72 16.66
N SER B 64 -28.21 -30.18 16.66
CA SER B 64 -28.54 -31.51 16.13
C SER B 64 -28.71 -31.38 14.63
N ARG B 65 -27.72 -31.86 13.86
CA ARG B 65 -27.75 -31.75 12.41
C ARG B 65 -27.53 -33.14 11.82
N HIS B 66 -27.52 -33.19 10.49
CA HIS B 66 -27.32 -34.43 9.75
C HIS B 66 -26.40 -34.13 8.58
N VAL B 67 -25.39 -34.96 8.40
CA VAL B 67 -24.31 -34.70 7.45
C VAL B 67 -24.27 -35.82 6.42
N VAL B 68 -23.93 -35.47 5.18
CA VAL B 68 -23.74 -36.45 4.12
C VAL B 68 -22.34 -37.05 4.25
N LEU B 69 -22.26 -38.35 4.23
CA LEU B 69 -20.99 -39.07 4.28
C LEU B 69 -20.57 -39.48 2.88
N PRO B 70 -19.29 -39.82 2.69
CA PRO B 70 -18.89 -40.46 1.43
C PRO B 70 -19.75 -41.68 1.16
N GLY B 71 -20.42 -41.69 0.00
CA GLY B 71 -21.37 -42.72 -0.36
C GLY B 71 -22.81 -42.26 -0.35
N GLY B 72 -23.11 -41.13 0.29
CA GLY B 72 -24.42 -40.54 0.24
C GLY B 72 -25.28 -40.72 1.47
N ALA B 73 -24.87 -41.58 2.40
CA ALA B 73 -25.64 -41.78 3.62
C ALA B 73 -25.65 -40.51 4.46
N VAL B 74 -26.82 -40.17 4.99
CA VAL B 74 -27.02 -38.98 5.81
C VAL B 74 -27.23 -39.44 7.25
N VAL B 75 -26.28 -39.11 8.12
CA VAL B 75 -26.29 -39.59 9.50
C VAL B 75 -26.39 -38.41 10.46
N PRO B 76 -26.95 -38.61 11.65
CA PRO B 76 -26.98 -37.53 12.64
C PRO B 76 -25.58 -37.16 13.11
N VAL B 77 -25.37 -35.87 13.35
CA VAL B 77 -24.07 -35.34 13.74
C VAL B 77 -24.29 -34.17 14.68
N ALA B 78 -23.41 -34.04 15.66
CA ALA B 78 -23.42 -32.89 16.56
C ALA B 78 -22.61 -31.77 15.93
N ALA B 79 -23.28 -30.66 15.63
CA ALA B 79 -22.63 -29.48 15.06
C ALA B 79 -22.20 -28.59 16.21
N VAL B 80 -20.93 -28.69 16.60
CA VAL B 80 -20.42 -28.00 17.79
C VAL B 80 -20.24 -26.52 17.47
N THR B 81 -20.60 -25.67 18.42
CA THR B 81 -20.64 -24.22 18.20
C THR B 81 -20.41 -23.51 19.52
N ALA B 82 -20.16 -22.20 19.43
CA ALA B 82 -20.13 -21.29 20.58
C ALA B 82 -19.14 -21.76 21.65
N VAL B 83 -17.90 -22.03 21.21
CA VAL B 83 -16.86 -22.51 22.10
C VAL B 83 -16.04 -21.31 22.54
N THR B 84 -16.29 -20.81 23.74
CA THR B 84 -15.63 -19.63 24.27
C THR B 84 -15.28 -19.84 25.74
N VAL B 85 -14.26 -19.11 26.19
CA VAL B 85 -13.95 -18.98 27.61
C VAL B 85 -13.56 -17.54 27.88
N SER B 86 -14.07 -17.00 28.99
CA SER B 86 -13.76 -15.63 29.37
C SER B 86 -12.25 -15.43 29.47
N PRO B 87 -11.73 -14.25 29.11
CA PRO B 87 -10.28 -14.02 29.20
C PRO B 87 -9.74 -14.09 30.62
N THR B 88 -10.58 -13.84 31.62
CA THR B 88 -10.14 -13.95 33.01
C THR B 88 -10.19 -15.38 33.55
N HIS B 89 -10.72 -16.32 32.77
CA HIS B 89 -10.83 -17.71 33.21
C HIS B 89 -10.16 -18.67 32.24
N ARG B 90 -9.21 -18.19 31.44
CA ARG B 90 -8.54 -19.04 30.49
C ARG B 90 -7.50 -19.93 31.18
N ARG B 91 -7.20 -21.06 30.55
CA ARG B 91 -6.15 -21.98 31.00
C ARG B 91 -6.42 -22.47 32.41
N ARG B 92 -7.69 -22.74 32.73
CA ARG B 92 -8.08 -23.25 34.03
C ARG B 92 -8.93 -24.51 33.93
N GLY B 93 -8.99 -25.14 32.77
CA GLY B 93 -9.67 -26.41 32.60
C GLY B 93 -11.13 -26.34 32.18
N LEU B 94 -11.68 -25.13 32.01
CA LEU B 94 -13.10 -25.01 31.69
C LEU B 94 -13.41 -25.57 30.30
N LEU B 95 -12.57 -25.27 29.31
CA LEU B 95 -12.81 -25.77 27.96
C LEU B 95 -12.79 -27.29 27.92
N THR B 96 -11.82 -27.90 28.60
CA THR B 96 -11.72 -29.35 28.64
C THR B 96 -12.94 -29.98 29.30
N THR B 97 -13.36 -29.41 30.43
CA THR B 97 -14.52 -29.94 31.14
C THR B 97 -15.78 -29.89 30.28
N MET B 98 -16.00 -28.74 29.63
CA MET B 98 -17.19 -28.60 28.78
C MET B 98 -17.18 -29.63 27.65
N MET B 99 -16.00 -29.92 27.09
CA MET B 99 -15.93 -30.85 25.97
C MET B 99 -16.11 -32.28 26.43
N ARG B 100 -15.62 -32.64 27.62
CA ARG B 100 -15.88 -33.96 28.17
C ARG B 100 -17.38 -34.19 28.34
N HIS B 101 -18.07 -33.22 28.93
CA HIS B 101 -19.52 -33.34 29.08
C HIS B 101 -20.21 -33.37 27.72
N GLN B 102 -19.75 -32.55 26.79
CA GLN B 102 -20.40 -32.48 25.49
C GLN B 102 -20.22 -33.78 24.72
N LEU B 103 -19.00 -34.31 24.68
CA LEU B 103 -18.77 -35.57 23.97
C LEU B 103 -19.52 -36.72 24.62
N ALA B 104 -19.62 -36.70 25.95
CA ALA B 104 -20.41 -37.72 26.64
C ALA B 104 -21.89 -37.61 26.28
N ASP B 105 -22.44 -36.40 26.25
CA ASP B 105 -23.82 -36.24 25.83
C ASP B 105 -24.01 -36.65 24.37
N ILE B 106 -23.05 -36.31 23.51
CA ILE B 106 -23.12 -36.71 22.11
C ILE B 106 -23.10 -38.23 22.01
N ARG B 107 -22.25 -38.88 22.81
CA ARG B 107 -22.20 -40.34 22.84
C ARG B 107 -23.51 -40.91 23.36
N SER B 108 -24.12 -40.24 24.34
CA SER B 108 -25.37 -40.72 24.92
C SER B 108 -26.54 -40.54 23.97
N ARG B 109 -26.45 -39.60 23.01
CA ARG B 109 -27.51 -39.41 22.03
C ARG B 109 -27.39 -40.33 20.82
N GLY B 110 -26.38 -41.19 20.78
CA GLY B 110 -26.21 -42.07 19.65
C GLY B 110 -25.55 -41.44 18.44
N GLU B 111 -25.10 -40.19 18.53
CA GLU B 111 -24.42 -39.55 17.42
C GLU B 111 -22.99 -40.07 17.32
N SER B 112 -22.63 -40.64 16.17
CA SER B 112 -21.34 -41.28 16.00
C SER B 112 -20.19 -40.31 15.78
N LEU B 113 -20.47 -39.04 15.52
CA LEU B 113 -19.39 -38.10 15.28
C LEU B 113 -19.86 -36.68 15.54
N ALA B 114 -18.90 -35.79 15.79
CA ALA B 114 -19.13 -34.36 15.91
C ALA B 114 -18.31 -33.62 14.86
N MET B 115 -18.82 -32.47 14.42
CA MET B 115 -18.12 -31.65 13.45
C MET B 115 -18.00 -30.22 13.95
N LEU B 116 -16.87 -29.58 13.63
CA LEU B 116 -16.50 -28.31 14.23
C LEU B 116 -15.69 -27.49 13.25
N PHE B 117 -16.14 -26.26 12.99
CA PHE B 117 -15.40 -25.38 12.10
C PHE B 117 -14.06 -25.01 12.70
N ALA B 118 -13.02 -25.01 11.87
CA ALA B 118 -11.67 -24.67 12.33
C ALA B 118 -11.57 -23.24 12.84
N SER B 119 -12.49 -22.36 12.45
CA SER B 119 -12.49 -20.97 12.93
C SER B 119 -12.81 -20.87 14.43
N GLU B 120 -13.18 -21.97 15.07
CA GLU B 120 -13.32 -22.02 16.53
C GLU B 120 -11.92 -22.14 17.14
N ALA B 121 -11.20 -21.01 17.09
CA ALA B 121 -9.76 -21.02 17.34
C ALA B 121 -9.40 -21.43 18.76
N LEU B 122 -10.32 -21.31 19.72
CA LEU B 122 -9.97 -21.55 21.11
C LEU B 122 -9.71 -23.03 21.40
N ILE B 123 -10.19 -23.94 20.57
CA ILE B 123 -9.98 -25.38 20.80
C ILE B 123 -9.44 -26.05 19.54
N TYR B 124 -8.78 -25.29 18.68
CA TYR B 124 -8.21 -25.85 17.44
C TYR B 124 -7.27 -27.01 17.75
N GLY B 125 -7.55 -28.17 17.13
CA GLY B 125 -6.65 -29.30 17.21
C GLY B 125 -6.62 -30.03 18.54
N ARG B 126 -7.58 -29.80 19.41
CA ARG B 126 -7.61 -30.41 20.73
C ARG B 126 -8.70 -31.48 20.81
N PHE B 127 -8.62 -32.29 21.86
CA PHE B 127 -9.67 -33.22 22.26
C PHE B 127 -9.93 -34.33 21.25
N GLY B 128 -9.02 -34.56 20.31
CA GLY B 128 -9.22 -35.56 19.29
C GLY B 128 -9.84 -35.05 18.01
N TYR B 129 -10.10 -33.75 17.90
CA TYR B 129 -10.58 -33.18 16.65
C TYR B 129 -9.46 -33.14 15.61
N GLY B 130 -9.75 -33.63 14.41
CA GLY B 130 -8.81 -33.60 13.30
C GLY B 130 -9.43 -32.92 12.09
N VAL B 131 -8.64 -32.08 11.43
CA VAL B 131 -9.11 -31.40 10.22
C VAL B 131 -9.34 -32.44 9.14
N ALA B 132 -10.58 -32.55 8.67
CA ALA B 132 -10.96 -33.53 7.67
C ALA B 132 -11.43 -32.93 6.37
N THR B 133 -11.79 -31.65 6.34
CA THR B 133 -12.32 -31.00 5.16
C THR B 133 -11.64 -29.64 5.02
N GLU B 134 -11.33 -29.27 3.77
CA GLU B 134 -10.76 -27.97 3.45
C GLU B 134 -11.74 -27.18 2.59
N SER B 135 -11.50 -25.88 2.54
CA SER B 135 -12.25 -25.00 1.65
C SER B 135 -11.27 -24.14 0.85
N ALA B 136 -11.74 -23.64 -0.27
CA ALA B 136 -10.93 -22.82 -1.16
C ALA B 136 -11.56 -21.45 -1.31
N GLU B 137 -10.74 -20.41 -1.22
CA GLU B 137 -11.15 -19.07 -1.58
C GLU B 137 -10.79 -18.84 -3.04
N LEU B 138 -11.79 -18.66 -3.89
CA LEU B 138 -11.60 -18.43 -5.32
C LEU B 138 -11.90 -16.97 -5.64
N SER B 139 -11.04 -16.35 -6.43
CA SER B 139 -11.21 -14.95 -6.76
C SER B 139 -10.45 -14.62 -8.04
N GLY B 140 -10.86 -13.53 -8.67
CA GLY B 140 -10.18 -13.07 -9.87
C GLY B 140 -11.01 -12.04 -10.58
N GLN B 141 -10.41 -11.44 -11.61
CA GLN B 141 -11.08 -10.47 -12.46
C GLN B 141 -12.05 -11.18 -13.39
N VAL B 142 -13.32 -10.78 -13.37
CA VAL B 142 -14.35 -11.47 -14.14
C VAL B 142 -14.05 -11.41 -15.63
N ARG B 143 -13.36 -10.37 -16.09
CA ARG B 143 -13.03 -10.24 -17.50
C ARG B 143 -12.06 -11.31 -17.97
N GLU B 144 -11.38 -11.98 -17.04
CA GLU B 144 -10.37 -12.99 -17.36
C GLU B 144 -10.87 -14.41 -17.15
N LEU B 145 -12.16 -14.60 -16.88
CA LEU B 145 -12.68 -15.89 -16.44
C LEU B 145 -13.62 -16.51 -17.47
N ALA B 146 -13.28 -16.40 -18.75
CA ALA B 146 -14.00 -17.13 -19.78
C ALA B 146 -13.86 -18.63 -19.57
N PHE B 147 -14.87 -19.38 -20.01
CA PHE B 147 -14.88 -20.82 -19.86
C PHE B 147 -14.21 -21.50 -21.06
N ARG B 148 -13.87 -22.77 -20.88
CA ARG B 148 -13.42 -23.59 -21.99
C ARG B 148 -14.55 -23.70 -23.03
N PRO B 149 -14.22 -23.74 -24.32
CA PRO B 149 -15.28 -23.66 -25.34
C PRO B 149 -16.22 -24.85 -25.35
N THR B 150 -15.78 -26.02 -24.90
CA THR B 150 -16.62 -27.21 -24.88
C THR B 150 -17.61 -27.23 -23.72
N VAL B 151 -17.68 -26.16 -22.94
CA VAL B 151 -18.59 -26.10 -21.80
C VAL B 151 -19.99 -25.73 -22.31
N ASP B 152 -20.94 -26.64 -22.11
CA ASP B 152 -22.31 -26.42 -22.57
C ASP B 152 -23.08 -25.63 -21.51
N LEU B 153 -23.58 -24.46 -21.89
CA LEU B 153 -24.35 -23.63 -20.97
C LEU B 153 -25.84 -23.94 -20.97
N GLY B 154 -26.34 -24.65 -21.98
CA GLY B 154 -27.73 -25.04 -22.02
C GLY B 154 -28.66 -23.91 -22.43
N ASP B 155 -29.96 -24.22 -22.39
CA ASP B 155 -31.02 -23.30 -22.79
C ASP B 155 -31.65 -22.58 -21.61
N GLY B 156 -30.99 -22.58 -20.46
CA GLY B 156 -31.62 -22.08 -19.25
C GLY B 156 -31.82 -20.59 -19.24
N THR B 157 -32.66 -20.14 -18.30
CA THR B 157 -32.95 -18.74 -18.07
C THR B 157 -32.77 -18.43 -16.59
N LEU B 158 -32.60 -17.14 -16.28
CA LEU B 158 -32.30 -16.71 -14.92
C LEU B 158 -33.20 -15.55 -14.50
N GLU B 159 -33.48 -15.51 -13.20
CA GLU B 159 -34.25 -14.44 -12.59
C GLU B 159 -33.65 -14.13 -11.23
N GLU B 160 -33.45 -12.84 -10.95
CA GLU B 160 -33.12 -12.41 -9.59
C GLU B 160 -34.43 -12.28 -8.82
N VAL B 161 -34.49 -12.91 -7.65
CA VAL B 161 -35.75 -13.11 -6.95
C VAL B 161 -35.58 -12.70 -5.48
N SER B 162 -36.72 -12.57 -4.81
CA SER B 162 -36.72 -12.27 -3.40
C SER B 162 -36.34 -13.51 -2.60
N ALA B 163 -36.06 -13.30 -1.31
CA ALA B 163 -35.72 -14.42 -0.43
C ALA B 163 -36.85 -15.43 -0.39
N GLU B 164 -38.10 -14.95 -0.32
CA GLU B 164 -39.26 -15.85 -0.26
C GLU B 164 -39.34 -16.73 -1.50
N THR B 165 -39.21 -16.13 -2.69
CA THR B 165 -39.23 -16.90 -3.92
C THR B 165 -38.06 -17.87 -3.99
N PHE B 166 -36.88 -17.42 -3.56
CA PHE B 166 -35.71 -18.28 -3.51
C PHE B 166 -35.96 -19.51 -2.64
N LEU B 167 -36.55 -19.31 -1.46
CA LEU B 167 -36.76 -20.41 -0.53
C LEU B 167 -37.86 -21.37 -0.97
N ALA B 168 -38.61 -21.05 -2.02
CA ALA B 168 -39.60 -21.97 -2.54
C ALA B 168 -39.02 -22.97 -3.52
N SER B 169 -37.82 -22.71 -4.05
CA SER B 169 -37.17 -23.57 -5.03
C SER B 169 -35.82 -24.10 -4.58
N ALA B 170 -35.04 -23.29 -3.86
CA ALA B 170 -33.69 -23.70 -3.48
C ALA B 170 -33.64 -24.99 -2.65
N PRO B 171 -34.52 -25.24 -1.67
CA PRO B 171 -34.41 -26.51 -0.92
C PRO B 171 -34.48 -27.75 -1.77
N ALA B 172 -35.37 -27.79 -2.77
CA ALA B 172 -35.49 -28.98 -3.62
C ALA B 172 -34.24 -29.19 -4.45
N ILE B 173 -33.66 -28.11 -4.98
CA ILE B 173 -32.40 -28.21 -5.72
C ILE B 173 -31.29 -28.71 -4.81
N TYR B 174 -31.18 -28.12 -3.62
CA TYR B 174 -30.14 -28.50 -2.67
C TYR B 174 -30.26 -29.97 -2.28
N ASP B 175 -31.47 -30.41 -1.93
CA ASP B 175 -31.66 -31.79 -1.49
C ASP B 175 -31.26 -32.80 -2.56
N ALA B 176 -31.33 -32.41 -3.84
CA ALA B 176 -31.04 -33.33 -4.92
C ALA B 176 -29.56 -33.47 -5.22
N VAL B 177 -28.73 -32.48 -4.88
CA VAL B 177 -27.32 -32.51 -5.28
C VAL B 177 -26.43 -32.99 -4.15
N ILE B 178 -26.84 -32.81 -2.90
CA ILE B 178 -25.95 -33.05 -1.77
C ILE B 178 -25.66 -34.53 -1.50
N PRO B 179 -26.48 -35.50 -1.94
CA PRO B 179 -26.05 -36.91 -1.79
C PRO B 179 -24.71 -37.21 -2.41
N GLY B 180 -24.26 -36.42 -3.37
CA GLY B 180 -22.96 -36.56 -3.97
C GLY B 180 -21.90 -35.60 -3.47
N LEU B 181 -22.20 -34.81 -2.43
CA LEU B 181 -21.28 -33.80 -1.89
C LEU B 181 -21.07 -34.07 -0.40
N PRO B 182 -20.19 -35.01 -0.05
CA PRO B 182 -19.93 -35.29 1.36
C PRO B 182 -19.48 -34.04 2.11
N GLY B 183 -19.93 -33.93 3.37
CA GLY B 183 -19.65 -32.78 4.18
C GLY B 183 -20.81 -31.81 4.28
N GLN B 184 -21.68 -31.79 3.27
CA GLN B 184 -22.86 -30.95 3.33
C GLN B 184 -23.84 -31.48 4.35
N MET B 185 -24.65 -30.58 4.91
CA MET B 185 -25.60 -30.93 5.95
C MET B 185 -27.01 -30.61 5.52
N SER B 186 -27.97 -31.38 6.05
CA SER B 186 -29.38 -31.13 5.79
C SER B 186 -29.74 -29.71 6.23
N ARG B 187 -30.65 -29.09 5.48
CA ARG B 187 -31.10 -27.74 5.77
C ARG B 187 -32.62 -27.74 5.95
N THR B 188 -33.07 -27.63 7.20
CA THR B 188 -34.47 -27.41 7.51
C THR B 188 -34.86 -25.99 7.09
N PRO B 189 -36.16 -25.66 7.11
CA PRO B 189 -36.54 -24.26 6.92
C PRO B 189 -35.83 -23.29 7.87
N GLU B 190 -35.64 -23.69 9.13
CA GLU B 190 -35.00 -22.82 10.11
C GLU B 190 -33.54 -22.57 9.76
N TRP B 191 -32.84 -23.60 9.26
CA TRP B 191 -31.45 -23.42 8.86
C TRP B 191 -31.35 -22.58 7.59
N TRP B 192 -32.30 -22.74 6.68
CA TRP B 192 -32.34 -21.88 5.50
C TRP B 192 -32.52 -20.42 5.90
N ALA B 193 -33.31 -20.16 6.95
CA ALA B 193 -33.53 -18.79 7.40
C ALA B 193 -32.23 -18.13 7.85
N SER B 194 -31.37 -18.89 8.53
CA SER B 194 -30.07 -18.36 8.94
C SER B 194 -29.13 -18.22 7.74
N TRP B 195 -29.10 -19.23 6.87
CA TRP B 195 -28.20 -19.20 5.71
C TRP B 195 -28.54 -18.06 4.76
N THR B 196 -29.82 -17.69 4.67
CA THR B 196 -30.26 -16.65 3.76
C THR B 196 -30.52 -15.32 4.47
N LEU B 197 -30.16 -15.21 5.75
CA LEU B 197 -30.35 -13.97 6.48
C LEU B 197 -29.51 -12.85 5.88
N ASP B 198 -30.14 -11.68 5.70
CA ASP B 198 -29.43 -10.49 5.21
C ASP B 198 -28.77 -9.82 6.42
N SER B 199 -27.76 -10.51 6.96
CA SER B 199 -27.13 -10.08 8.19
C SER B 199 -26.49 -8.71 8.03
N GLU B 200 -26.62 -7.88 9.07
CA GLU B 200 -26.02 -6.55 9.07
C GLU B 200 -24.50 -6.62 8.94
N GLU B 201 -23.89 -7.62 9.58
CA GLU B 201 -22.44 -7.72 9.57
C GLU B 201 -21.91 -7.83 8.13
N LEU B 202 -22.55 -8.68 7.31
CA LEU B 202 -22.13 -8.89 5.92
C LEU B 202 -22.59 -7.77 5.00
N GLN B 203 -23.65 -7.05 5.36
CA GLN B 203 -24.01 -5.86 4.61
C GLN B 203 -22.89 -4.82 4.65
N LYS B 204 -22.25 -4.66 5.80
CA LYS B 204 -21.16 -3.70 5.93
C LYS B 204 -19.93 -4.14 5.12
N GLU B 205 -19.67 -5.44 5.03
CA GLU B 205 -18.54 -5.91 4.25
C GLU B 205 -18.78 -5.72 2.75
N SER B 206 -20.04 -5.70 2.32
CA SER B 206 -20.37 -5.58 0.91
C SER B 206 -21.72 -4.90 0.71
N GLY B 207 -22.80 -5.69 0.74
CA GLY B 207 -24.12 -5.13 0.51
C GLY B 207 -25.21 -6.12 0.84
N LYS B 208 -26.43 -5.74 0.50
CA LYS B 208 -27.59 -6.58 0.81
C LYS B 208 -27.56 -7.86 -0.02
N VAL B 209 -27.98 -8.96 0.60
CA VAL B 209 -27.95 -10.26 -0.04
C VAL B 209 -28.91 -10.30 -1.22
N ARG B 210 -28.54 -11.05 -2.26
CA ARG B 210 -29.35 -11.20 -3.46
C ARG B 210 -29.43 -12.68 -3.83
N PHE B 211 -30.53 -13.05 -4.48
CA PHE B 211 -30.82 -14.44 -4.81
C PHE B 211 -31.10 -14.58 -6.29
N VAL B 212 -30.54 -15.62 -6.89
CA VAL B 212 -30.71 -15.91 -8.31
C VAL B 212 -31.25 -17.34 -8.45
N LEU B 213 -32.18 -17.53 -9.37
CA LEU B 213 -32.71 -18.85 -9.70
C LEU B 213 -32.47 -19.14 -11.18
N HIS B 214 -32.01 -20.36 -11.46
CA HIS B 214 -31.83 -20.82 -12.83
C HIS B 214 -32.94 -21.78 -13.19
N TYR B 215 -33.61 -21.52 -14.31
CA TYR B 215 -34.72 -22.34 -14.77
C TYR B 215 -34.34 -23.06 -16.06
N GLU B 216 -34.69 -24.33 -16.15
CA GLU B 216 -34.61 -25.05 -17.41
C GLU B 216 -35.65 -24.50 -18.39
N SER B 217 -35.56 -24.95 -19.64
CA SER B 217 -36.48 -24.46 -20.66
C SER B 217 -37.93 -24.84 -20.35
N ASP B 218 -38.14 -25.95 -19.64
CA ASP B 218 -39.49 -26.35 -19.26
C ASP B 218 -40.01 -25.63 -18.02
N GLY B 219 -39.23 -24.70 -17.46
CA GLY B 219 -39.63 -23.96 -16.29
C GLY B 219 -39.10 -24.52 -14.98
N THR B 220 -38.51 -25.71 -15.01
CA THR B 220 -38.04 -26.35 -13.78
C THR B 220 -36.83 -25.59 -13.22
N ALA B 221 -36.90 -25.23 -11.94
CA ALA B 221 -35.75 -24.64 -11.27
C ALA B 221 -34.67 -25.70 -11.11
N SER B 222 -33.47 -25.39 -11.59
CA SER B 222 -32.37 -26.35 -11.59
C SER B 222 -31.06 -25.79 -11.03
N GLY B 223 -31.04 -24.53 -10.60
CA GLY B 223 -29.85 -23.96 -10.01
C GLY B 223 -30.18 -22.67 -9.27
N PHE B 224 -29.27 -22.28 -8.40
CA PHE B 224 -29.47 -21.04 -7.63
C PHE B 224 -28.12 -20.46 -7.24
N ALA B 225 -28.15 -19.19 -6.86
CA ALA B 225 -26.96 -18.50 -6.38
C ALA B 225 -27.35 -17.52 -5.28
N ILE B 226 -26.46 -17.38 -4.30
CA ILE B 226 -26.57 -16.37 -3.26
C ILE B 226 -25.31 -15.52 -3.32
N TYR B 227 -25.48 -14.20 -3.40
CA TYR B 227 -24.33 -13.33 -3.55
C TYR B 227 -24.65 -11.94 -3.03
N ARG B 228 -23.59 -11.16 -2.80
CA ARG B 228 -23.69 -9.78 -2.37
C ARG B 228 -22.79 -8.89 -3.22
N PRO B 229 -23.29 -7.73 -3.65
CA PRO B 229 -22.44 -6.77 -4.36
C PRO B 229 -21.69 -5.86 -3.41
N LYS B 230 -20.48 -5.49 -3.82
CA LYS B 230 -19.67 -4.50 -3.12
C LYS B 230 -19.35 -3.37 -4.09
N PRO B 231 -20.10 -2.27 -4.06
CA PRO B 231 -19.91 -1.22 -5.07
C PRO B 231 -18.55 -0.55 -4.96
N GLY B 232 -18.16 0.09 -6.07
CA GLY B 232 -16.81 0.61 -6.17
C GLY B 232 -16.50 1.67 -5.13
N TRP B 233 -15.24 1.67 -4.68
CA TRP B 233 -14.76 2.60 -3.67
C TRP B 233 -13.33 3.03 -3.96
N PRO B 238 -12.64 2.11 -9.98
CA PRO B 238 -13.49 1.14 -10.67
C PRO B 238 -13.19 -0.28 -10.20
N ASN B 239 -13.76 -0.70 -9.07
CA ASN B 239 -13.38 -1.94 -8.43
C ASN B 239 -14.58 -2.62 -7.78
N ALA B 240 -15.71 -2.66 -8.47
CA ALA B 240 -16.89 -3.32 -7.92
C ALA B 240 -16.66 -4.82 -7.84
N GLU B 241 -17.07 -5.43 -6.72
CA GLU B 241 -16.84 -6.84 -6.46
C GLU B 241 -18.16 -7.57 -6.26
N LEU B 242 -18.15 -8.86 -6.56
CA LEU B 242 -19.22 -9.78 -6.19
C LEU B 242 -18.68 -10.78 -5.17
N HIS B 243 -19.38 -10.91 -4.05
CA HIS B 243 -19.02 -11.86 -3.00
C HIS B 243 -20.05 -12.99 -3.06
N VAL B 244 -19.64 -14.12 -3.64
CA VAL B 244 -20.55 -15.25 -3.80
C VAL B 244 -20.58 -16.06 -2.51
N GLN B 245 -21.77 -16.35 -2.02
CA GLN B 245 -21.94 -17.19 -0.85
C GLN B 245 -22.16 -18.65 -1.22
N GLU B 246 -22.84 -18.92 -2.33
CA GLU B 246 -23.12 -20.30 -2.73
C GLU B 246 -23.69 -20.31 -4.13
N VAL B 247 -23.26 -21.28 -4.94
CA VAL B 247 -23.82 -21.57 -6.25
C VAL B 247 -23.90 -23.08 -6.41
N LEU B 248 -25.10 -23.57 -6.74
CA LEU B 248 -25.31 -25.01 -6.94
C LEU B 248 -26.27 -25.22 -8.10
N GLY B 249 -26.13 -26.37 -8.75
CA GLY B 249 -27.01 -26.75 -9.84
C GLY B 249 -27.15 -28.25 -9.92
N THR B 250 -28.31 -28.70 -10.39
CA THR B 250 -28.60 -30.13 -10.47
C THR B 250 -28.01 -30.78 -11.73
N ASN B 251 -27.40 -30.01 -12.61
CA ASN B 251 -26.76 -30.54 -13.81
C ASN B 251 -25.63 -29.60 -14.19
N PRO B 252 -24.67 -30.08 -15.00
CA PRO B 252 -23.53 -29.22 -15.34
C PRO B 252 -23.91 -27.95 -16.07
N ARG B 253 -24.99 -27.97 -16.85
CA ARG B 253 -25.37 -26.81 -17.64
C ARG B 253 -25.88 -25.68 -16.76
N SER B 254 -26.76 -25.99 -15.81
CA SER B 254 -27.30 -24.94 -14.94
C SER B 254 -26.22 -24.35 -14.05
N TYR B 255 -25.31 -25.19 -13.54
CA TYR B 255 -24.20 -24.69 -12.75
C TYR B 255 -23.34 -23.72 -13.56
N ALA B 256 -22.95 -24.12 -14.77
CA ALA B 256 -22.10 -23.27 -15.58
C ALA B 256 -22.82 -22.01 -16.03
N ARG B 257 -24.12 -22.12 -16.36
CA ARG B 257 -24.88 -20.95 -16.79
C ARG B 257 -25.03 -19.95 -15.65
N THR B 258 -25.25 -20.43 -14.42
CA THR B 258 -25.40 -19.53 -13.28
C THR B 258 -24.10 -18.79 -12.99
N TRP B 259 -22.96 -19.48 -13.05
CA TRP B 259 -21.69 -18.80 -12.87
C TRP B 259 -21.43 -17.82 -14.00
N ARG B 260 -21.73 -18.21 -15.24
CA ARG B 260 -21.59 -17.30 -16.37
C ARG B 260 -22.46 -16.07 -16.18
N TYR B 261 -23.63 -16.24 -15.56
CA TYR B 261 -24.47 -15.09 -15.26
C TYR B 261 -23.76 -14.12 -14.31
N LEU B 262 -23.16 -14.66 -13.24
CA LEU B 262 -22.44 -13.80 -12.29
C LEU B 262 -21.22 -13.17 -12.93
N LEU B 263 -20.53 -13.91 -13.80
CA LEU B 263 -19.27 -13.41 -14.37
C LEU B 263 -19.50 -12.40 -15.47
N ASP B 264 -20.65 -12.44 -16.15
CA ASP B 264 -20.96 -11.48 -17.21
C ASP B 264 -21.75 -10.29 -16.71
N MET B 265 -22.03 -10.20 -15.42
CA MET B 265 -22.80 -9.10 -14.89
C MET B 265 -22.10 -7.76 -15.14
N ASP B 266 -22.88 -6.78 -15.57
CA ASP B 266 -22.32 -5.49 -15.94
C ASP B 266 -21.86 -4.75 -14.69
N LEU B 267 -20.87 -3.87 -14.87
CA LEU B 267 -20.25 -3.09 -13.81
C LEU B 267 -19.52 -3.93 -12.77
N VAL B 268 -19.33 -5.23 -13.01
CA VAL B 268 -18.58 -6.08 -12.09
C VAL B 268 -17.13 -6.11 -12.54
N ARG B 269 -16.21 -5.98 -11.59
CA ARG B 269 -14.79 -6.07 -11.88
C ARG B 269 -14.15 -7.33 -11.34
N LYS B 270 -14.45 -7.68 -10.09
CA LYS B 270 -13.80 -8.79 -9.39
C LYS B 270 -14.87 -9.66 -8.76
N ILE B 271 -14.58 -10.96 -8.65
CA ILE B 271 -15.47 -11.91 -8.00
C ILE B 271 -14.67 -12.68 -6.95
N LYS B 272 -15.35 -13.05 -5.86
CA LYS B 272 -14.73 -13.77 -4.77
C LYS B 272 -15.70 -14.82 -4.26
N TYR B 273 -15.22 -16.04 -4.07
CA TYR B 273 -16.01 -17.13 -3.49
C TYR B 273 -15.21 -17.72 -2.33
N HIS B 274 -15.51 -17.28 -1.11
CA HIS B 274 -14.92 -17.87 0.09
C HIS B 274 -15.75 -19.08 0.53
N GLY B 275 -15.06 -20.13 0.96
CA GLY B 275 -15.74 -21.32 1.41
C GLY B 275 -16.20 -22.25 0.32
N ALA B 276 -15.58 -22.19 -0.86
CA ALA B 276 -15.89 -23.15 -1.91
C ALA B 276 -15.18 -24.47 -1.65
N SER B 277 -15.53 -25.48 -2.44
CA SER B 277 -14.79 -26.73 -2.40
C SER B 277 -13.42 -26.55 -3.05
N VAL B 278 -12.42 -27.24 -2.50
CA VAL B 278 -11.10 -27.24 -3.12
C VAL B 278 -11.14 -27.86 -4.51
N GLN B 279 -12.20 -28.60 -4.83
CA GLN B 279 -12.45 -29.12 -6.16
C GLN B 279 -13.73 -28.53 -6.73
N GLU B 280 -13.97 -27.25 -6.43
CA GLU B 280 -15.12 -26.53 -6.98
C GLU B 280 -15.12 -26.62 -8.51
N GLU B 281 -16.27 -26.98 -9.06
CA GLU B 281 -16.37 -27.23 -10.50
C GLU B 281 -15.96 -26.00 -11.31
N LEU B 282 -16.17 -24.80 -10.76
CA LEU B 282 -15.75 -23.57 -11.41
C LEU B 282 -14.26 -23.59 -11.77
N ARG B 283 -13.42 -24.16 -10.90
CA ARG B 283 -11.98 -24.18 -11.14
C ARG B 283 -11.63 -24.83 -12.47
N TYR B 284 -12.41 -25.82 -12.90
CA TYR B 284 -12.11 -26.56 -14.12
C TYR B 284 -12.90 -26.07 -15.32
N LEU B 285 -13.96 -25.28 -15.09
CA LEU B 285 -14.65 -24.63 -16.20
C LEU B 285 -13.81 -23.49 -16.78
N VAL B 286 -13.10 -22.76 -15.91
CA VAL B 286 -12.31 -21.61 -16.35
C VAL B 286 -11.22 -22.08 -17.30
N ALA B 287 -11.07 -21.38 -18.42
CA ALA B 287 -10.09 -21.77 -19.43
C ALA B 287 -8.67 -21.51 -18.97
N ASN B 288 -8.44 -20.42 -18.26
CA ASN B 288 -7.10 -20.00 -17.84
C ASN B 288 -7.05 -20.06 -16.31
N HIS B 289 -6.63 -21.20 -15.78
CA HIS B 289 -6.58 -21.39 -14.32
C HIS B 289 -5.86 -20.27 -13.57
N PRO B 290 -4.72 -19.74 -14.03
CA PRO B 290 -4.06 -18.67 -13.25
C PRO B 290 -4.91 -17.43 -13.03
N SER B 291 -5.98 -17.24 -13.81
CA SER B 291 -6.83 -16.08 -13.59
C SER B 291 -7.74 -16.24 -12.38
N LEU B 292 -7.92 -17.46 -11.88
CA LEU B 292 -8.75 -17.74 -10.71
C LEU B 292 -7.84 -18.20 -9.58
N GLU B 293 -7.52 -17.29 -8.67
CA GLU B 293 -6.66 -17.65 -7.54
C GLU B 293 -7.38 -18.63 -6.62
N CYS B 294 -6.62 -19.59 -6.09
CA CYS B 294 -7.17 -20.63 -5.23
C CYS B 294 -6.32 -20.73 -3.96
N VAL B 295 -6.89 -20.32 -2.83
CA VAL B 295 -6.24 -20.39 -1.52
C VAL B 295 -6.96 -21.45 -0.70
N VAL B 296 -6.22 -22.48 -0.25
CA VAL B 296 -6.79 -23.61 0.46
C VAL B 296 -6.53 -23.45 1.95
N SER B 297 -7.56 -23.70 2.76
CA SER B 297 -7.43 -23.58 4.21
C SER B 297 -8.36 -24.59 4.88
N ASP B 298 -8.17 -24.76 6.19
CA ASP B 298 -9.00 -25.67 6.96
C ASP B 298 -10.46 -25.26 6.91
N ALA B 299 -11.35 -26.27 6.95
CA ALA B 299 -12.78 -26.02 7.05
C ALA B 299 -13.39 -26.72 8.27
N ILE B 300 -13.56 -28.03 8.20
CA ILE B 300 -14.30 -28.78 9.21
C ILE B 300 -13.35 -29.76 9.90
N GLN B 301 -13.43 -29.80 11.24
CA GLN B 301 -12.77 -30.81 12.04
C GLN B 301 -13.78 -31.88 12.44
N VAL B 302 -13.34 -33.14 12.44
CA VAL B 302 -14.18 -34.28 12.79
C VAL B 302 -13.69 -34.86 14.11
N ARG B 303 -14.61 -35.15 15.01
CA ARG B 303 -14.33 -35.89 16.24
C ARG B 303 -15.16 -37.16 16.20
N LEU B 304 -14.50 -38.29 15.98
CA LEU B 304 -15.19 -39.58 15.99
C LEU B 304 -15.57 -39.96 17.41
N VAL B 305 -16.86 -40.24 17.62
CA VAL B 305 -17.36 -40.61 18.94
C VAL B 305 -17.74 -42.09 19.02
N ASP B 306 -18.19 -42.69 17.92
CA ASP B 306 -18.45 -44.13 17.84
C ASP B 306 -17.66 -44.62 16.63
N ILE B 307 -16.43 -45.06 16.87
CA ILE B 307 -15.54 -45.41 15.75
C ILE B 307 -16.09 -46.56 14.90
N PRO B 308 -16.49 -47.71 15.47
CA PRO B 308 -16.98 -48.79 14.59
C PRO B 308 -18.19 -48.40 13.77
N ARG B 309 -19.15 -47.71 14.39
CA ARG B 309 -20.36 -47.31 13.67
C ARG B 309 -20.06 -46.23 12.63
N ALA B 310 -19.15 -45.30 12.95
CA ALA B 310 -18.82 -44.25 12.00
C ALA B 310 -18.16 -44.81 10.75
N LEU B 311 -17.19 -45.73 10.94
CA LEU B 311 -16.50 -46.32 9.80
C LEU B 311 -17.44 -47.19 8.96
N ALA B 312 -18.45 -47.80 9.60
CA ALA B 312 -19.41 -48.63 8.87
C ALA B 312 -20.50 -47.82 8.19
N GLN B 313 -20.65 -46.54 8.53
CA GLN B 313 -21.72 -45.73 7.95
C GLN B 313 -21.32 -45.13 6.61
N ARG B 314 -20.05 -44.84 6.40
CA ARG B 314 -19.60 -44.32 5.12
C ARG B 314 -19.27 -45.48 4.18
N ARG B 315 -19.10 -45.13 2.91
CA ARG B 315 -18.66 -46.08 1.90
C ARG B 315 -17.27 -45.69 1.44
N TYR B 316 -16.60 -46.62 0.76
CA TYR B 316 -15.19 -46.47 0.46
C TYR B 316 -14.95 -46.57 -1.04
N ALA B 317 -13.95 -45.81 -1.52
CA ALA B 317 -13.72 -45.67 -2.95
C ALA B 317 -13.29 -46.98 -3.60
N ALA B 318 -12.72 -47.89 -2.84
CA ALA B 318 -12.35 -49.20 -3.34
C ALA B 318 -12.43 -50.18 -2.19
N ASP B 319 -12.32 -51.47 -2.52
CA ASP B 319 -12.37 -52.51 -1.50
C ASP B 319 -11.20 -52.35 -0.55
N VAL B 320 -11.44 -52.62 0.73
CA VAL B 320 -10.40 -52.50 1.75
C VAL B 320 -10.66 -53.55 2.83
N ASP B 321 -9.58 -54.18 3.29
CA ASP B 321 -9.62 -55.10 4.42
C ASP B 321 -8.37 -54.81 5.26
N VAL B 322 -8.53 -54.01 6.31
CA VAL B 322 -7.40 -53.50 7.09
C VAL B 322 -7.76 -53.53 8.57
N VAL B 323 -6.74 -53.75 9.39
CA VAL B 323 -6.88 -53.77 10.85
C VAL B 323 -6.24 -52.51 11.40
N LEU B 324 -7.01 -51.71 12.13
CA LEU B 324 -6.57 -50.41 12.65
C LEU B 324 -6.40 -50.48 14.16
N GLU B 325 -5.19 -50.21 14.64
CA GLU B 325 -4.92 -50.05 16.07
C GLU B 325 -5.13 -48.58 16.41
N VAL B 326 -6.29 -48.25 16.98
CA VAL B 326 -6.71 -46.87 17.21
C VAL B 326 -6.43 -46.49 18.66
N THR B 327 -5.74 -45.37 18.86
CA THR B 327 -5.48 -44.82 20.18
C THR B 327 -6.24 -43.50 20.34
N ASP B 328 -7.04 -43.42 21.41
CA ASP B 328 -7.82 -42.23 21.73
C ASP B 328 -7.34 -41.71 23.08
N ASP B 329 -6.53 -40.66 23.07
CA ASP B 329 -5.96 -40.15 24.32
C ASP B 329 -7.01 -39.46 25.18
N PHE B 330 -7.91 -38.69 24.57
CA PHE B 330 -8.87 -37.92 25.36
C PHE B 330 -9.96 -38.82 25.93
N LEU B 331 -10.47 -39.76 25.12
CA LEU B 331 -11.51 -40.71 25.53
C LEU B 331 -10.96 -42.12 25.36
N PRO B 332 -10.16 -42.59 26.31
CA PRO B 332 -9.50 -43.90 26.14
C PRO B 332 -10.45 -45.09 26.00
N GLU B 333 -11.73 -44.94 26.31
CA GLU B 333 -12.67 -46.04 26.13
C GLU B 333 -12.89 -46.37 24.66
N ASN B 334 -12.53 -45.45 23.75
CA ASN B 334 -12.63 -45.70 22.31
C ASN B 334 -11.40 -46.39 21.74
N SER B 335 -10.31 -46.49 22.49
CA SER B 335 -9.12 -47.17 22.02
C SER B 335 -9.40 -48.65 21.80
N GLY B 336 -8.81 -49.21 20.75
CA GLY B 336 -9.02 -50.61 20.45
C GLY B 336 -8.54 -50.96 19.06
N ARG B 337 -8.64 -52.25 18.75
CA ARG B 337 -8.19 -52.80 17.48
C ARG B 337 -9.40 -53.20 16.66
N TYR B 338 -9.59 -52.55 15.52
CA TYR B 338 -10.80 -52.70 14.72
C TYR B 338 -10.45 -53.21 13.33
N ARG B 339 -11.24 -54.17 12.85
CA ARG B 339 -11.14 -54.66 11.48
C ARG B 339 -12.16 -53.93 10.62
N LEU B 340 -11.69 -53.22 9.60
CA LEU B 340 -12.55 -52.51 8.67
C LEU B 340 -12.62 -53.29 7.37
N ARG B 341 -13.83 -53.65 6.97
CA ARG B 341 -14.08 -54.30 5.68
C ARG B 341 -15.10 -53.44 4.95
N GLY B 342 -14.67 -52.81 3.86
CA GLY B 342 -15.54 -51.86 3.18
C GLY B 342 -15.31 -51.85 1.69
N GLY B 343 -16.25 -51.23 0.99
CA GLY B 343 -16.17 -51.06 -0.43
C GLY B 343 -17.14 -50.01 -0.90
N LEU B 344 -17.45 -50.03 -2.19
CA LEU B 344 -18.37 -49.05 -2.75
C LEU B 344 -19.80 -49.29 -2.25
N ASP B 345 -20.19 -50.54 -2.07
CA ASP B 345 -21.57 -50.89 -1.75
C ASP B 345 -21.75 -51.53 -0.38
N HIS B 346 -20.69 -51.68 0.41
CA HIS B 346 -20.79 -52.33 1.70
C HIS B 346 -19.77 -51.71 2.65
N ALA B 347 -20.02 -51.87 3.94
CA ALA B 347 -19.07 -51.41 4.95
C ALA B 347 -19.41 -52.04 6.30
N SER B 348 -18.39 -52.60 6.94
CA SER B 348 -18.53 -53.15 8.30
C SER B 348 -17.24 -52.87 9.05
N CYS B 349 -17.34 -52.82 10.37
CA CYS B 349 -16.21 -52.53 11.23
C CYS B 349 -16.46 -53.20 12.56
N GLU B 350 -15.48 -53.95 13.05
CA GLU B 350 -15.69 -54.79 14.23
C GLU B 350 -14.40 -54.93 15.00
N ILE B 351 -14.55 -55.23 16.30
CA ILE B 351 -13.40 -55.56 17.12
C ILE B 351 -12.79 -56.86 16.62
N THR B 352 -11.47 -56.90 16.55
CA THR B 352 -10.77 -58.11 16.11
C THR B 352 -9.51 -58.30 16.95
N THR B 353 -9.03 -59.54 16.97
CA THR B 353 -7.76 -59.88 17.61
C THR B 353 -6.67 -60.19 16.61
N ASP B 354 -6.94 -60.07 15.30
CA ASP B 354 -5.93 -60.28 14.28
C ASP B 354 -4.82 -59.23 14.40
N ASP B 355 -3.73 -59.47 13.68
CA ASP B 355 -2.60 -58.56 13.70
C ASP B 355 -2.98 -57.21 13.10
N ALA B 356 -2.55 -56.14 13.75
CA ALA B 356 -2.84 -54.80 13.28
C ALA B 356 -1.99 -54.46 12.07
N ASP B 357 -2.59 -53.72 11.13
CA ASP B 357 -1.88 -53.26 9.94
C ASP B 357 -1.42 -51.82 10.04
N ILE B 358 -2.20 -50.97 10.73
CA ILE B 358 -1.94 -49.54 10.81
C ILE B 358 -2.19 -49.09 12.25
N ALA B 359 -1.29 -48.27 12.77
CA ALA B 359 -1.44 -47.66 14.08
C ALA B 359 -1.61 -46.16 13.91
N LEU B 360 -2.66 -45.61 14.51
CA LEU B 360 -2.94 -44.19 14.38
C LEU B 360 -3.86 -43.75 15.51
N THR B 361 -3.92 -42.43 15.69
CA THR B 361 -4.77 -41.82 16.69
C THR B 361 -6.18 -41.60 16.14
N VAL B 362 -7.13 -41.41 17.06
CA VAL B 362 -8.49 -41.11 16.63
C VAL B 362 -8.56 -39.76 15.94
N ARG B 363 -7.67 -38.83 16.31
CA ARG B 363 -7.62 -37.54 15.64
C ARG B 363 -7.26 -37.70 14.18
N ASP B 364 -6.19 -38.44 13.89
CA ASP B 364 -5.79 -38.64 12.50
C ASP B 364 -6.80 -39.50 11.75
N LEU B 365 -7.43 -40.46 12.43
CA LEU B 365 -8.50 -41.24 11.80
C LEU B 365 -9.64 -40.33 11.38
N GLY B 366 -10.02 -39.37 12.23
CA GLY B 366 -11.03 -38.41 11.85
C GLY B 366 -10.62 -37.53 10.68
N SER B 367 -9.32 -37.25 10.56
CA SER B 367 -8.84 -36.38 9.48
C SER B 367 -9.07 -37.02 8.11
N VAL B 368 -8.88 -38.34 8.01
CA VAL B 368 -9.06 -39.02 6.73
C VAL B 368 -10.49 -39.48 6.52
N TYR B 369 -11.36 -39.29 7.51
CA TYR B 369 -12.67 -39.95 7.51
C TYR B 369 -13.58 -39.47 6.38
N MET B 370 -13.45 -38.21 5.97
CA MET B 370 -14.32 -37.65 4.94
C MET B 370 -13.69 -37.70 3.56
N GLY B 371 -12.54 -38.36 3.42
CA GLY B 371 -11.88 -38.44 2.13
C GLY B 371 -11.18 -37.18 1.69
N GLY B 372 -10.95 -36.22 2.58
CA GLY B 372 -10.30 -34.99 2.21
C GLY B 372 -8.82 -34.91 2.56
N VAL B 373 -8.32 -35.91 3.28
CA VAL B 373 -6.92 -35.96 3.70
C VAL B 373 -6.40 -37.38 3.46
N SER B 374 -5.30 -37.49 2.73
CA SER B 374 -4.76 -38.80 2.37
C SER B 374 -4.10 -39.46 3.57
N LEU B 375 -4.50 -40.70 3.86
CA LEU B 375 -3.85 -41.47 4.91
C LEU B 375 -2.37 -41.71 4.59
N GLN B 376 -2.02 -41.83 3.31
CA GLN B 376 -0.63 -42.04 2.93
C GLN B 376 0.23 -40.84 3.30
N VAL B 377 -0.29 -39.62 3.11
CA VAL B 377 0.49 -38.44 3.44
C VAL B 377 0.72 -38.34 4.95
N LEU B 378 -0.31 -38.64 5.74
CA LEU B 378 -0.13 -38.67 7.20
C LEU B 378 0.94 -39.69 7.59
N ALA B 379 1.03 -40.81 6.86
CA ALA B 379 2.08 -41.78 7.14
C ALA B 379 3.46 -41.26 6.75
N SER B 380 3.55 -40.65 5.55
CA SER B 380 4.82 -40.07 5.12
C SER B 380 5.28 -38.95 6.05
N ALA B 381 4.34 -38.27 6.70
CA ALA B 381 4.70 -37.21 7.63
C ALA B 381 5.19 -37.76 8.97
N GLY B 382 4.95 -39.04 9.24
CA GLY B 382 5.32 -39.63 10.52
C GLY B 382 4.23 -39.64 11.56
N LEU B 383 3.02 -39.17 11.21
CA LEU B 383 1.93 -39.13 12.17
C LEU B 383 1.20 -40.45 12.27
N VAL B 384 1.20 -41.24 11.19
CA VAL B 384 0.57 -42.54 11.14
C VAL B 384 1.65 -43.58 10.87
N THR B 385 1.52 -44.75 11.49
CA THR B 385 2.54 -45.80 11.41
C THR B 385 1.98 -47.02 10.69
N GLU B 386 2.67 -47.46 9.64
CA GLU B 386 2.33 -48.69 8.95
C GLU B 386 3.01 -49.86 9.64
N LEU B 387 2.23 -50.87 10.02
CA LEU B 387 2.76 -52.04 10.71
C LEU B 387 2.97 -53.23 9.79
N ARG B 388 2.23 -53.31 8.68
CA ARG B 388 2.42 -54.36 7.70
C ARG B 388 2.40 -53.76 6.31
N ALA B 389 3.29 -54.26 5.45
CA ALA B 389 3.57 -53.62 4.17
C ALA B 389 2.34 -53.56 3.28
N GLY B 390 2.19 -52.43 2.57
CA GLY B 390 1.12 -52.24 1.62
C GLY B 390 -0.21 -51.84 2.20
N ALA B 391 -0.37 -51.87 3.52
CA ALA B 391 -1.68 -51.60 4.12
C ALA B 391 -2.09 -50.15 3.94
N VAL B 392 -1.18 -49.21 4.18
CA VAL B 392 -1.54 -47.80 4.16
C VAL B 392 -1.99 -47.37 2.75
N GLN B 393 -1.29 -47.84 1.71
CA GLN B 393 -1.63 -47.43 0.36
C GLN B 393 -3.04 -47.90 -0.02
N ARG B 394 -3.35 -49.16 0.28
CA ARG B 394 -4.70 -49.66 -0.01
C ARG B 394 -5.74 -48.95 0.84
N ALA B 395 -5.44 -48.72 2.13
CA ALA B 395 -6.39 -48.06 3.00
C ALA B 395 -6.55 -46.58 2.63
N ALA B 396 -5.47 -45.94 2.19
CA ALA B 396 -5.55 -44.53 1.82
C ALA B 396 -6.46 -44.34 0.62
N THR B 397 -6.28 -45.19 -0.40
CA THR B 397 -7.15 -45.13 -1.58
C THR B 397 -8.61 -45.34 -1.18
N ALA B 398 -8.87 -46.33 -0.33
CA ALA B 398 -10.24 -46.63 0.07
C ALA B 398 -10.84 -45.51 0.91
N PHE B 399 -10.04 -44.89 1.77
CA PHE B 399 -10.53 -43.80 2.60
C PHE B 399 -10.75 -42.52 1.80
N GLY B 400 -10.14 -42.40 0.63
CA GLY B 400 -10.40 -41.28 -0.25
C GLY B 400 -11.78 -41.36 -0.87
N TRP B 401 -12.04 -40.40 -1.78
CA TRP B 401 -13.34 -40.36 -2.45
C TRP B 401 -13.18 -39.55 -3.73
N PRO B 402 -13.86 -39.93 -4.82
CA PRO B 402 -13.70 -39.19 -6.08
C PRO B 402 -14.17 -37.75 -6.01
N VAL B 403 -15.07 -37.43 -5.10
CA VAL B 403 -15.54 -36.07 -4.88
C VAL B 403 -15.03 -35.62 -3.52
N ALA B 404 -14.26 -34.54 -3.51
CA ALA B 404 -13.70 -34.04 -2.27
C ALA B 404 -14.83 -33.56 -1.35
N PRO B 405 -14.69 -33.74 -0.04
CA PRO B 405 -15.67 -33.15 0.89
C PRO B 405 -15.59 -31.63 0.87
N SER B 406 -16.69 -31.01 1.26
CA SER B 406 -16.79 -29.55 1.22
C SER B 406 -17.48 -29.06 2.49
N ALA B 407 -17.27 -27.77 2.76
CA ALA B 407 -17.77 -27.15 3.98
C ALA B 407 -19.27 -26.91 3.89
N PRO B 408 -20.02 -27.22 4.94
CA PRO B 408 -21.46 -26.95 4.96
C PRO B 408 -21.71 -25.47 5.25
N ASP B 409 -23.00 -25.14 5.35
CA ASP B 409 -23.37 -23.80 5.78
C ASP B 409 -22.84 -23.54 7.19
N ASP B 410 -22.49 -22.29 7.45
CA ASP B 410 -21.78 -21.94 8.68
C ASP B 410 -22.64 -22.20 9.91
N PHE B 411 -21.98 -22.64 10.98
CA PHE B 411 -22.63 -22.77 12.27
C PHE B 411 -21.60 -22.57 13.38
N GLU C 3 -43.90 -12.09 -20.04
CA GLU C 3 -44.07 -11.13 -21.13
C GLU C 3 -43.68 -9.72 -20.69
N LEU C 4 -42.98 -9.00 -21.55
CA LEU C 4 -42.46 -7.68 -21.23
C LEU C 4 -43.32 -6.60 -21.88
N THR C 5 -43.53 -5.50 -21.15
CA THR C 5 -44.31 -4.37 -21.63
C THR C 5 -43.43 -3.12 -21.61
N LEU C 6 -43.42 -2.40 -22.74
CA LEU C 6 -42.76 -1.10 -22.82
C LEU C 6 -43.75 -0.01 -22.44
N ARG C 7 -43.46 0.72 -21.37
CA ARG C 7 -44.40 1.72 -20.86
C ARG C 7 -43.64 2.74 -20.02
N THR C 8 -44.36 3.80 -19.67
CA THR C 8 -43.86 4.86 -18.81
C THR C 8 -44.36 4.66 -17.38
N ILE C 9 -43.85 5.49 -16.47
CA ILE C 9 -44.23 5.40 -15.06
C ILE C 9 -45.68 5.83 -14.88
N ALA C 10 -46.42 5.06 -14.10
CA ALA C 10 -47.86 5.26 -13.92
C ALA C 10 -48.22 6.09 -12.70
N ASP C 11 -47.56 5.84 -11.56
CA ASP C 11 -47.85 6.58 -10.34
C ASP C 11 -46.58 6.63 -9.49
N GLU C 12 -46.75 7.00 -8.22
CA GLU C 12 -45.59 7.27 -7.38
C GLU C 12 -44.94 5.99 -6.86
N ASP C 13 -45.75 4.99 -6.49
CA ASP C 13 -45.18 3.70 -6.12
C ASP C 13 -44.49 3.06 -7.32
N ASP C 14 -45.06 3.22 -8.51
CA ASP C 14 -44.38 2.78 -9.72
C ASP C 14 -43.05 3.50 -9.89
N TYR C 15 -43.02 4.79 -9.54
CA TYR C 15 -41.78 5.58 -9.65
C TYR C 15 -40.70 5.04 -8.73
N GLU C 16 -41.05 4.78 -7.45
CA GLU C 16 -40.05 4.31 -6.51
C GLU C 16 -39.55 2.92 -6.88
N SER C 17 -40.45 2.05 -7.36
CA SER C 17 -40.01 0.75 -7.85
C SER C 17 -39.13 0.90 -9.08
N TYR C 18 -39.46 1.86 -9.96
CA TYR C 18 -38.65 2.13 -11.14
C TYR C 18 -37.24 2.57 -10.77
N MET C 19 -37.12 3.55 -9.86
CA MET C 19 -35.80 4.02 -9.45
C MET C 19 -35.05 2.96 -8.66
N ALA C 20 -35.76 2.17 -7.85
CA ALA C 20 -35.10 1.09 -7.11
C ALA C 20 -34.44 0.10 -8.06
N SER C 21 -35.10 -0.23 -9.16
CA SER C 21 -34.51 -1.17 -10.12
C SER C 21 -33.28 -0.56 -10.78
N ALA C 22 -33.28 0.75 -11.02
CA ALA C 22 -32.13 1.40 -11.64
C ALA C 22 -30.92 1.34 -10.72
N TYR C 23 -31.12 1.67 -9.44
CA TYR C 23 -30.02 1.56 -8.48
C TYR C 23 -29.54 0.12 -8.33
N SER C 24 -30.47 -0.83 -8.36
CA SER C 24 -30.09 -2.24 -8.20
C SER C 24 -29.20 -2.70 -9.34
N VAL C 25 -29.49 -2.27 -10.56
CA VAL C 25 -28.64 -2.62 -11.71
C VAL C 25 -27.22 -2.11 -11.49
N PHE C 26 -27.08 -0.94 -10.87
CA PHE C 26 -25.78 -0.36 -10.57
C PHE C 26 -25.23 -0.81 -9.21
N LEU C 27 -25.70 -1.95 -8.70
CA LEU C 27 -25.11 -2.61 -7.54
C LEU C 27 -25.22 -1.77 -6.27
N ARG C 28 -26.25 -0.93 -6.19
CA ARG C 28 -26.40 0.00 -5.08
C ARG C 28 -27.78 -0.12 -4.46
N ASP C 29 -27.87 0.17 -3.17
CA ASP C 29 -29.15 0.36 -2.53
C ASP C 29 -29.78 1.66 -3.02
N PRO C 30 -31.11 1.77 -3.00
CA PRO C 30 -31.75 3.02 -3.42
C PRO C 30 -31.43 4.16 -2.45
N GLN C 31 -31.01 5.29 -3.01
CA GLN C 31 -30.77 6.51 -2.23
C GLN C 31 -32.09 7.25 -2.09
N LYS C 32 -32.75 7.07 -0.95
CA LYS C 32 -34.10 7.58 -0.77
C LYS C 32 -34.15 9.10 -0.84
N ASP C 33 -33.13 9.77 -0.28
CA ASP C 33 -33.14 11.24 -0.26
C ASP C 33 -32.99 11.82 -1.66
N GLU C 34 -32.11 11.24 -2.48
CA GLU C 34 -31.94 11.74 -3.85
C GLU C 34 -33.16 11.41 -4.71
N ILE C 35 -33.72 10.21 -4.53
CA ILE C 35 -34.92 9.83 -5.28
C ILE C 35 -36.06 10.81 -4.99
N GLU C 36 -36.17 11.25 -3.74
CA GLU C 36 -37.25 12.16 -3.37
C GLU C 36 -37.07 13.55 -3.98
N VAL C 37 -35.86 14.11 -3.91
CA VAL C 37 -35.68 15.47 -4.38
C VAL C 37 -35.69 15.54 -5.89
N ASN C 38 -35.23 14.48 -6.58
CA ASN C 38 -35.22 14.48 -8.03
C ASN C 38 -36.62 14.26 -8.62
N ARG C 39 -37.54 13.68 -7.84
CA ARG C 39 -38.92 13.53 -8.30
C ARG C 39 -39.54 14.87 -8.68
N LYS C 40 -39.13 15.94 -8.01
CA LYS C 40 -39.78 17.24 -8.15
C LYS C 40 -39.64 17.82 -9.55
N PHE C 41 -38.63 17.40 -10.31
CA PHE C 41 -38.50 17.82 -11.71
C PHE C 41 -38.59 16.64 -12.67
N THR C 42 -39.08 15.49 -12.19
CA THR C 42 -39.25 14.32 -13.04
C THR C 42 -40.61 14.36 -13.71
N GLU C 43 -40.64 14.17 -15.02
CA GLU C 43 -41.88 14.02 -15.76
C GLU C 43 -42.09 12.53 -16.03
N LEU C 44 -43.15 11.98 -15.45
CA LEU C 44 -43.36 10.53 -15.48
C LEU C 44 -43.49 10.01 -16.91
N ASP C 45 -44.09 10.78 -17.80
CA ASP C 45 -44.27 10.32 -19.17
C ASP C 45 -42.99 10.39 -20.00
N ARG C 46 -41.89 10.87 -19.44
CA ARG C 46 -40.59 10.79 -20.08
C ARG C 46 -39.72 9.67 -19.51
N MET C 47 -40.23 8.92 -18.53
CA MET C 47 -39.49 7.84 -17.89
C MET C 47 -40.03 6.52 -18.42
N ILE C 48 -39.35 5.96 -19.40
CA ILE C 48 -39.80 4.75 -20.07
C ILE C 48 -39.00 3.57 -19.55
N GLY C 49 -39.51 2.37 -19.78
CA GLY C 49 -38.81 1.17 -19.35
C GLY C 49 -39.60 -0.07 -19.73
N PHE C 50 -39.03 -1.21 -19.38
CA PHE C 50 -39.66 -2.51 -19.57
C PHE C 50 -40.06 -3.11 -18.23
N HIS C 51 -41.29 -3.62 -18.16
CA HIS C 51 -41.83 -4.22 -16.95
C HIS C 51 -42.34 -5.61 -17.31
N ASP C 52 -41.95 -6.62 -16.52
CA ASP C 52 -42.30 -8.00 -16.82
C ASP C 52 -43.59 -8.46 -16.13
N GLY C 53 -44.37 -7.54 -15.58
CA GLY C 53 -45.59 -7.84 -14.87
C GLY C 53 -45.47 -7.71 -13.37
N LYS C 54 -44.27 -7.90 -12.81
CA LYS C 54 -44.06 -7.77 -11.37
C LYS C 54 -42.90 -6.86 -10.98
N LYS C 55 -41.93 -6.62 -11.87
CA LYS C 55 -40.86 -5.67 -11.56
C LYS C 55 -40.37 -5.05 -12.85
N TRP C 56 -39.67 -3.93 -12.71
CA TRP C 56 -39.01 -3.28 -13.84
C TRP C 56 -37.73 -4.04 -14.20
N VAL C 57 -37.55 -4.33 -15.49
CA VAL C 57 -36.37 -5.05 -15.97
C VAL C 57 -35.51 -4.20 -16.88
N ALA C 58 -35.93 -2.98 -17.20
CA ALA C 58 -35.14 -2.06 -18.00
C ALA C 58 -35.73 -0.67 -17.84
N THR C 59 -34.87 0.35 -17.89
CA THR C 59 -35.28 1.74 -17.70
C THR C 59 -34.49 2.66 -18.62
N THR C 60 -35.10 3.79 -18.96
CA THR C 60 -34.43 4.88 -19.67
C THR C 60 -35.29 6.13 -19.51
N GLY C 61 -34.74 7.19 -18.90
CA GLY C 61 -35.47 8.39 -18.63
C GLY C 61 -34.83 9.61 -19.28
N ALA C 62 -35.54 10.73 -19.19
CA ALA C 62 -35.06 11.99 -19.74
C ALA C 62 -35.68 13.15 -18.98
N PHE C 63 -34.86 14.15 -18.66
CA PHE C 63 -35.35 15.40 -18.09
C PHE C 63 -35.42 16.46 -19.18
N SER C 64 -36.42 17.33 -19.10
CA SER C 64 -36.52 18.47 -19.99
C SER C 64 -35.66 19.59 -19.44
N ARG C 65 -34.49 19.82 -20.04
CA ARG C 65 -33.56 20.84 -19.58
C ARG C 65 -33.20 21.76 -20.74
N HIS C 66 -32.34 22.73 -20.44
CA HIS C 66 -31.88 23.71 -21.42
C HIS C 66 -30.39 23.92 -21.23
N VAL C 67 -29.63 23.89 -22.31
CA VAL C 67 -28.18 23.93 -22.25
C VAL C 67 -27.68 25.16 -23.01
N VAL C 68 -26.59 25.74 -22.50
CA VAL C 68 -25.93 26.85 -23.18
C VAL C 68 -25.04 26.28 -24.28
N LEU C 69 -25.17 26.82 -25.49
CA LEU C 69 -24.36 26.41 -26.62
C LEU C 69 -23.19 27.36 -26.82
N PRO C 70 -22.18 26.96 -27.59
CA PRO C 70 -21.16 27.93 -28.01
C PRO C 70 -21.82 29.11 -28.71
N GLY C 71 -21.59 30.32 -28.18
CA GLY C 71 -22.24 31.52 -28.67
C GLY C 71 -23.26 32.10 -27.70
N GLY C 72 -23.71 31.33 -26.71
CA GLY C 72 -24.58 31.82 -25.67
C GLY C 72 -26.04 31.42 -25.79
N ALA C 73 -26.45 30.85 -26.92
CA ALA C 73 -27.84 30.45 -27.08
C ALA C 73 -28.20 29.33 -26.09
N VAL C 74 -29.37 29.45 -25.48
CA VAL C 74 -29.87 28.48 -24.53
C VAL C 74 -31.02 27.73 -25.21
N VAL C 75 -30.81 26.46 -25.49
CA VAL C 75 -31.76 25.67 -26.28
C VAL C 75 -32.27 24.50 -25.45
N PRO C 76 -33.49 24.00 -25.70
CA PRO C 76 -33.95 22.82 -24.98
C PRO C 76 -33.15 21.58 -25.36
N VAL C 77 -32.93 20.71 -24.38
CA VAL C 77 -32.12 19.52 -24.53
C VAL C 77 -32.69 18.43 -23.65
N ALA C 78 -32.63 17.18 -24.13
CA ALA C 78 -33.05 16.04 -23.34
C ALA C 78 -31.88 15.56 -22.47
N ALA C 79 -32.05 15.66 -21.15
CA ALA C 79 -31.04 15.18 -20.20
C ALA C 79 -31.36 13.73 -19.86
N VAL C 80 -30.71 12.81 -20.56
CA VAL C 80 -31.03 11.39 -20.44
C VAL C 80 -30.42 10.84 -19.15
N THR C 81 -31.17 9.96 -18.49
CA THR C 81 -30.76 9.45 -17.19
C THR C 81 -31.34 8.04 -16.99
N ALA C 82 -30.81 7.34 -15.98
CA ALA C 82 -31.39 6.08 -15.49
C ALA C 82 -31.51 5.04 -16.60
N VAL C 83 -30.40 4.80 -17.30
CA VAL C 83 -30.38 3.86 -18.43
C VAL C 83 -29.87 2.53 -17.87
N THR C 84 -30.79 1.59 -17.63
CA THR C 84 -30.44 0.31 -17.04
C THR C 84 -31.19 -0.82 -17.72
N VAL C 85 -30.60 -2.02 -17.65
CA VAL C 85 -31.26 -3.27 -18.00
C VAL C 85 -30.87 -4.31 -16.96
N SER C 86 -31.85 -5.08 -16.50
CA SER C 86 -31.58 -6.13 -15.53
C SER C 86 -30.51 -7.08 -16.08
N PRO C 87 -29.63 -7.60 -15.22
CA PRO C 87 -28.58 -8.52 -15.73
C PRO C 87 -29.14 -9.79 -16.32
N THR C 88 -30.37 -10.17 -15.97
CA THR C 88 -31.00 -11.35 -16.53
C THR C 88 -31.62 -11.11 -17.89
N HIS C 89 -31.63 -9.86 -18.37
CA HIS C 89 -32.26 -9.49 -19.64
C HIS C 89 -31.28 -8.79 -20.57
N ARG C 90 -29.99 -9.05 -20.42
CA ARG C 90 -29.00 -8.39 -21.28
C ARG C 90 -29.05 -8.96 -22.69
N ARG C 91 -28.61 -8.13 -23.64
CA ARG C 91 -28.38 -8.53 -25.02
C ARG C 91 -29.65 -9.15 -25.65
N ARG C 92 -30.80 -8.54 -25.37
CA ARG C 92 -32.06 -8.99 -25.93
C ARG C 92 -32.81 -7.85 -26.62
N GLY C 93 -32.15 -6.73 -26.88
CA GLY C 93 -32.75 -5.63 -27.61
C GLY C 93 -33.47 -4.59 -26.76
N LEU C 94 -33.51 -4.76 -25.45
CA LEU C 94 -34.26 -3.83 -24.60
C LEU C 94 -33.67 -2.43 -24.64
N LEU C 95 -32.34 -2.31 -24.52
CA LEU C 95 -31.71 -1.00 -24.57
C LEU C 95 -31.95 -0.32 -25.92
N THR C 96 -31.83 -1.07 -27.01
CA THR C 96 -32.02 -0.50 -28.34
C THR C 96 -33.45 0.00 -28.52
N THR C 97 -34.43 -0.81 -28.11
CA THR C 97 -35.82 -0.42 -28.25
C THR C 97 -36.12 0.83 -27.44
N MET C 98 -35.66 0.87 -26.18
CA MET C 98 -35.91 2.03 -25.34
C MET C 98 -35.32 3.29 -25.95
N MET C 99 -34.13 3.18 -26.55
CA MET C 99 -33.48 4.37 -27.10
C MET C 99 -34.11 4.81 -28.42
N ARG C 100 -34.59 3.86 -29.24
CA ARG C 100 -35.33 4.25 -30.44
C ARG C 100 -36.58 5.04 -30.08
N HIS C 101 -37.35 4.55 -29.11
CA HIS C 101 -38.54 5.27 -28.68
C HIS C 101 -38.17 6.60 -28.03
N GLN C 102 -37.11 6.62 -27.23
CA GLN C 102 -36.74 7.85 -26.52
C GLN C 102 -36.28 8.92 -27.51
N LEU C 103 -35.38 8.56 -28.43
CA LEU C 103 -34.88 9.56 -29.38
C LEU C 103 -35.99 10.06 -30.30
N ALA C 104 -36.94 9.18 -30.65
CA ALA C 104 -38.08 9.62 -31.45
C ALA C 104 -38.94 10.63 -30.69
N ASP C 105 -39.17 10.38 -29.40
CA ASP C 105 -39.91 11.33 -28.57
C ASP C 105 -39.14 12.64 -28.42
N ILE C 106 -37.82 12.56 -28.24
CA ILE C 106 -37.00 13.75 -28.09
C ILE C 106 -37.11 14.64 -29.32
N ARG C 107 -37.06 14.03 -30.50
CA ARG C 107 -37.14 14.79 -31.74
C ARG C 107 -38.52 15.45 -31.90
N SER C 108 -39.58 14.74 -31.53
CA SER C 108 -40.93 15.28 -31.69
C SER C 108 -41.23 16.39 -30.70
N ARG C 109 -40.50 16.46 -29.60
CA ARG C 109 -40.66 17.52 -28.61
C ARG C 109 -39.91 18.79 -28.98
N GLY C 110 -39.27 18.82 -30.14
CA GLY C 110 -38.50 19.97 -30.58
C GLY C 110 -37.11 20.08 -30.02
N GLU C 111 -36.67 19.10 -29.23
CA GLU C 111 -35.30 19.10 -28.71
C GLU C 111 -34.37 18.65 -29.82
N SER C 112 -33.39 19.49 -30.17
CA SER C 112 -32.49 19.20 -31.27
C SER C 112 -31.37 18.23 -30.90
N LEU C 113 -31.20 17.93 -29.61
CA LEU C 113 -30.13 17.04 -29.19
C LEU C 113 -30.46 16.46 -27.83
N ALA C 114 -29.78 15.37 -27.50
CA ALA C 114 -29.83 14.77 -26.18
C ALA C 114 -28.42 14.77 -25.58
N MET C 115 -28.36 14.85 -24.25
CA MET C 115 -27.08 14.83 -23.54
C MET C 115 -27.13 13.78 -22.44
N LEU C 116 -25.98 13.14 -22.21
CA LEU C 116 -25.92 11.97 -21.37
C LEU C 116 -24.55 11.91 -20.69
N PHE C 117 -24.55 11.81 -19.36
CA PHE C 117 -23.28 11.68 -18.64
C PHE C 117 -22.62 10.34 -18.97
N ALA C 118 -21.30 10.39 -19.17
CA ALA C 118 -20.55 9.18 -19.51
C ALA C 118 -20.62 8.13 -18.41
N SER C 119 -20.93 8.51 -17.17
CA SER C 119 -21.07 7.55 -16.08
C SER C 119 -22.26 6.62 -16.26
N GLU C 120 -23.13 6.87 -17.24
CA GLU C 120 -24.17 5.93 -17.63
C GLU C 120 -23.52 4.84 -18.49
N ALA C 121 -22.77 3.97 -17.81
CA ALA C 121 -21.82 3.07 -18.48
C ALA C 121 -22.51 2.05 -19.38
N LEU C 122 -23.78 1.75 -19.18
CA LEU C 122 -24.41 0.65 -19.91
C LEU C 122 -24.60 0.95 -21.40
N ILE C 123 -24.60 2.22 -21.80
CA ILE C 123 -24.78 2.55 -23.21
C ILE C 123 -23.69 3.50 -23.68
N TYR C 124 -22.53 3.45 -23.03
CA TYR C 124 -21.41 4.29 -23.42
C TYR C 124 -21.05 4.09 -24.87
N GLY C 125 -21.07 5.19 -25.63
CA GLY C 125 -20.63 5.19 -27.01
C GLY C 125 -21.57 4.53 -28.00
N ARG C 126 -22.81 4.26 -27.61
CA ARG C 126 -23.76 3.58 -28.49
C ARG C 126 -24.80 4.56 -29.01
N PHE C 127 -25.50 4.12 -30.07
CA PHE C 127 -26.69 4.78 -30.60
C PHE C 127 -26.40 6.15 -31.19
N GLY C 128 -25.15 6.46 -31.49
CA GLY C 128 -24.79 7.76 -32.02
C GLY C 128 -24.37 8.77 -30.98
N TYR C 129 -24.33 8.39 -29.70
CA TYR C 129 -23.81 9.28 -28.67
C TYR C 129 -22.30 9.41 -28.83
N GLY C 130 -21.81 10.63 -28.86
CA GLY C 130 -20.39 10.91 -28.92
C GLY C 130 -19.96 11.80 -27.78
N VAL C 131 -18.81 11.48 -27.19
CA VAL C 131 -18.27 12.29 -26.10
C VAL C 131 -17.91 13.67 -26.65
N ALA C 132 -18.56 14.71 -26.12
CA ALA C 132 -18.35 16.07 -26.57
C ALA C 132 -17.75 16.99 -25.52
N THR C 133 -17.79 16.62 -24.24
CA THR C 133 -17.29 17.46 -23.15
C THR C 133 -16.47 16.60 -22.20
N GLU C 134 -15.37 17.16 -21.70
CA GLU C 134 -14.53 16.51 -20.72
C GLU C 134 -14.59 17.26 -19.40
N SER C 135 -14.17 16.59 -18.35
CA SER C 135 -14.03 17.21 -17.03
C SER C 135 -12.66 16.87 -16.48
N ALA C 136 -12.19 17.70 -15.55
CA ALA C 136 -10.88 17.53 -14.94
C ALA C 136 -11.04 17.35 -13.45
N GLU C 137 -10.33 16.37 -12.88
CA GLU C 137 -10.20 16.24 -11.44
C GLU C 137 -8.93 16.96 -11.02
N LEU C 138 -9.08 18.04 -10.26
CA LEU C 138 -7.96 18.85 -9.79
C LEU C 138 -7.75 18.58 -8.30
N SER C 139 -6.50 18.39 -7.91
CA SER C 139 -6.18 18.06 -6.52
C SER C 139 -4.74 18.41 -6.22
N GLY C 140 -4.45 18.57 -4.94
CA GLY C 140 -3.10 18.88 -4.49
C GLY C 140 -3.12 19.36 -3.05
N GLN C 141 -1.91 19.51 -2.52
CA GLN C 141 -1.71 20.03 -1.17
C GLN C 141 -1.93 21.54 -1.18
N VAL C 142 -2.81 22.02 -0.29
CA VAL C 142 -3.17 23.44 -0.28
C VAL C 142 -1.95 24.31 0.04
N ARG C 143 -0.98 23.79 0.79
CA ARG C 143 0.21 24.57 1.11
C ARG C 143 1.07 24.87 -0.11
N GLU C 144 0.86 24.15 -1.21
CA GLU C 144 1.68 24.29 -2.41
C GLU C 144 0.99 25.08 -3.51
N LEU C 145 -0.19 25.65 -3.23
CA LEU C 145 -1.04 26.22 -4.26
C LEU C 145 -1.17 27.74 -4.14
N ALA C 146 -0.07 28.43 -3.85
CA ALA C 146 -0.06 29.88 -3.95
C ALA C 146 -0.34 30.32 -5.38
N PHE C 147 -0.93 31.51 -5.50
CA PHE C 147 -1.27 32.06 -6.81
C PHE C 147 -0.10 32.84 -7.39
N ARG C 148 -0.17 33.10 -8.69
CA ARG C 148 0.76 34.03 -9.31
C ARG C 148 0.57 35.40 -8.69
N PRO C 149 1.64 36.18 -8.50
CA PRO C 149 1.51 37.42 -7.72
C PRO C 149 0.66 38.48 -8.38
N THR C 150 0.55 38.48 -9.72
CA THR C 150 -0.24 39.50 -10.41
C THR C 150 -1.74 39.24 -10.34
N VAL C 151 -2.18 38.23 -9.61
CA VAL C 151 -3.60 37.91 -9.51
C VAL C 151 -4.25 38.81 -8.48
N ASP C 152 -5.21 39.63 -8.93
CA ASP C 152 -5.90 40.55 -8.04
C ASP C 152 -7.04 39.85 -7.32
N LEU C 153 -7.01 39.84 -5.99
CA LEU C 153 -8.04 39.22 -5.18
C LEU C 153 -9.19 40.16 -4.85
N GLY C 154 -9.01 41.47 -4.98
CA GLY C 154 -10.07 42.42 -4.71
C GLY C 154 -10.29 42.65 -3.23
N ASP C 155 -11.31 43.45 -2.94
CA ASP C 155 -11.65 43.84 -1.58
C ASP C 155 -12.79 43.00 -0.99
N GLY C 156 -13.10 41.87 -1.59
CA GLY C 156 -14.28 41.12 -1.23
C GLY C 156 -14.19 40.48 0.15
N THR C 157 -15.35 40.03 0.62
CA THR C 157 -15.48 39.34 1.89
C THR C 157 -16.23 38.04 1.69
N LEU C 158 -16.09 37.14 2.67
CA LEU C 158 -16.67 35.80 2.57
C LEU C 158 -17.46 35.48 3.83
N GLU C 159 -18.51 34.70 3.65
CA GLU C 159 -19.36 34.22 4.74
C GLU C 159 -19.79 32.79 4.46
N GLU C 160 -19.68 31.92 5.46
CA GLU C 160 -20.28 30.61 5.39
C GLU C 160 -21.75 30.73 5.79
N VAL C 161 -22.65 30.21 4.96
CA VAL C 161 -24.08 30.48 5.08
C VAL C 161 -24.84 29.17 4.98
N SER C 162 -26.12 29.23 5.36
CA SER C 162 -27.01 28.09 5.28
C SER C 162 -27.45 27.88 3.85
N ALA C 163 -28.07 26.72 3.60
CA ALA C 163 -28.57 26.42 2.26
C ALA C 163 -29.60 27.45 1.81
N GLU C 164 -30.50 27.86 2.71
CA GLU C 164 -31.49 28.87 2.36
C GLU C 164 -30.84 30.19 1.98
N THR C 165 -29.88 30.65 2.79
CA THR C 165 -29.17 31.88 2.45
C THR C 165 -28.38 31.72 1.15
N PHE C 166 -27.74 30.56 0.97
CA PHE C 166 -27.04 30.27 -0.27
C PHE C 166 -27.96 30.35 -1.48
N LEU C 167 -29.15 29.76 -1.37
CA LEU C 167 -30.08 29.69 -2.49
C LEU C 167 -30.74 31.03 -2.79
N ALA C 168 -30.54 32.05 -1.95
CA ALA C 168 -31.08 33.37 -2.24
C ALA C 168 -30.16 34.19 -3.13
N SER C 169 -28.89 33.82 -3.24
CA SER C 169 -27.90 34.58 -4.01
C SER C 169 -27.25 33.76 -5.12
N ALA C 170 -27.03 32.48 -4.89
CA ALA C 170 -26.33 31.66 -5.89
C ALA C 170 -27.02 31.61 -7.25
N PRO C 171 -28.36 31.50 -7.37
CA PRO C 171 -28.96 31.46 -8.71
C PRO C 171 -28.63 32.68 -9.57
N ALA C 172 -28.66 33.88 -8.98
CA ALA C 172 -28.37 35.08 -9.75
C ALA C 172 -26.92 35.10 -10.21
N ILE C 173 -26.00 34.67 -9.34
CA ILE C 173 -24.60 34.56 -9.73
C ILE C 173 -24.44 33.55 -10.85
N TYR C 174 -25.06 32.37 -10.70
CA TYR C 174 -24.99 31.33 -11.71
C TYR C 174 -25.57 31.81 -13.04
N ASP C 175 -26.76 32.42 -13.01
CA ASP C 175 -27.41 32.87 -14.24
C ASP C 175 -26.56 33.87 -14.99
N ALA C 176 -25.70 34.62 -14.30
CA ALA C 176 -24.91 35.65 -14.95
C ALA C 176 -23.66 35.11 -15.64
N VAL C 177 -23.15 33.96 -15.22
CA VAL C 177 -21.87 33.48 -15.74
C VAL C 177 -22.07 32.44 -16.85
N ILE C 178 -23.18 31.72 -16.84
CA ILE C 178 -23.35 30.58 -17.74
C ILE C 178 -23.55 30.96 -19.21
N PRO C 179 -24.01 32.17 -19.58
CA PRO C 179 -24.01 32.51 -21.01
C PRO C 179 -22.65 32.40 -21.68
N GLY C 180 -21.56 32.47 -20.91
CA GLY C 180 -20.22 32.27 -21.41
C GLY C 180 -19.60 30.91 -21.13
N LEU C 181 -20.38 29.95 -20.62
CA LEU C 181 -19.89 28.62 -20.26
C LEU C 181 -20.72 27.58 -20.98
N PRO C 182 -20.41 27.29 -22.24
CA PRO C 182 -21.16 26.26 -22.98
C PRO C 182 -21.12 24.93 -22.25
N GLY C 183 -22.24 24.21 -22.28
CA GLY C 183 -22.39 22.95 -21.59
C GLY C 183 -23.15 23.06 -20.28
N GLN C 184 -23.12 24.23 -19.64
CA GLN C 184 -23.90 24.43 -18.43
C GLN C 184 -25.39 24.48 -18.76
N MET C 185 -26.21 24.10 -17.79
CA MET C 185 -27.64 24.02 -17.98
C MET C 185 -28.36 24.93 -17.00
N SER C 186 -29.50 25.44 -17.42
CA SER C 186 -30.33 26.26 -16.55
C SER C 186 -30.71 25.47 -15.29
N ARG C 187 -30.80 26.18 -14.17
CA ARG C 187 -31.12 25.56 -12.89
C ARG C 187 -32.35 26.25 -12.32
N THR C 188 -33.49 25.55 -12.38
CA THR C 188 -34.70 25.96 -11.70
C THR C 188 -34.50 25.80 -10.19
N PRO C 189 -35.43 26.32 -9.38
CA PRO C 189 -35.36 26.02 -7.94
C PRO C 189 -35.28 24.53 -7.63
N GLU C 190 -36.02 23.70 -8.38
CA GLU C 190 -36.03 22.26 -8.12
C GLU C 190 -34.67 21.64 -8.43
N TRP C 191 -34.00 22.11 -9.50
CA TRP C 191 -32.68 21.58 -9.81
C TRP C 191 -31.64 22.06 -8.81
N TRP C 192 -31.77 23.30 -8.32
CA TRP C 192 -30.90 23.77 -7.25
C TRP C 192 -31.07 22.92 -5.99
N ALA C 193 -32.30 22.48 -5.71
CA ALA C 193 -32.55 21.67 -4.52
C ALA C 193 -31.80 20.35 -4.58
N SER C 194 -31.71 19.73 -5.75
CA SER C 194 -30.95 18.50 -5.88
C SER C 194 -29.45 18.75 -5.81
N TRP C 195 -28.99 19.80 -6.47
CA TRP C 195 -27.57 20.12 -6.51
C TRP C 195 -27.02 20.44 -5.12
N THR C 196 -27.84 21.02 -4.25
CA THR C 196 -27.43 21.41 -2.90
C THR C 196 -27.90 20.43 -1.84
N LEU C 197 -28.46 19.29 -2.24
CA LEU C 197 -28.91 18.31 -1.27
C LEU C 197 -27.74 17.78 -0.45
N ASP C 198 -27.93 17.71 0.88
CA ASP C 198 -26.92 17.14 1.77
C ASP C 198 -27.07 15.62 1.75
N SER C 199 -26.72 15.03 0.61
CA SER C 199 -26.97 13.63 0.38
C SER C 199 -26.20 12.76 1.37
N GLU C 200 -26.86 11.71 1.85
CA GLU C 200 -26.21 10.78 2.77
C GLU C 200 -25.01 10.09 2.12
N GLU C 201 -25.08 9.81 0.82
CA GLU C 201 -23.96 9.17 0.14
C GLU C 201 -22.69 10.01 0.27
N LEU C 202 -22.79 11.30 0.02
CA LEU C 202 -21.62 12.16 0.05
C LEU C 202 -21.20 12.52 1.47
N GLN C 203 -22.14 12.49 2.42
CA GLN C 203 -21.78 12.63 3.82
C GLN C 203 -20.84 11.51 4.24
N LYS C 204 -21.10 10.28 3.77
CA LYS C 204 -20.27 9.14 4.12
C LYS C 204 -18.88 9.26 3.50
N GLU C 205 -18.79 9.81 2.29
CA GLU C 205 -17.49 9.98 1.64
C GLU C 205 -16.68 11.10 2.28
N SER C 206 -17.34 12.06 2.91
CA SER C 206 -16.63 13.20 3.49
C SER C 206 -17.39 13.77 4.69
N GLY C 207 -18.32 14.66 4.42
CA GLY C 207 -19.05 15.30 5.51
C GLY C 207 -20.23 16.08 4.98
N LYS C 208 -20.86 16.83 5.88
CA LYS C 208 -22.04 17.59 5.53
C LYS C 208 -21.67 18.73 4.57
N VAL C 209 -22.57 19.01 3.63
CA VAL C 209 -22.32 20.04 2.63
C VAL C 209 -22.30 21.40 3.30
N ARG C 210 -21.43 22.28 2.81
CA ARG C 210 -21.25 23.61 3.34
C ARG C 210 -21.26 24.61 2.20
N PHE C 211 -21.70 25.84 2.50
CA PHE C 211 -21.93 26.85 1.46
C PHE C 211 -21.19 28.14 1.82
N VAL C 212 -20.56 28.74 0.81
CA VAL C 212 -19.81 29.99 0.97
C VAL C 212 -20.35 31.01 -0.02
N LEU C 213 -20.47 32.26 0.43
CA LEU C 213 -20.83 33.38 -0.42
C LEU C 213 -19.77 34.46 -0.38
N HIS C 214 -19.42 34.99 -1.55
CA HIS C 214 -18.46 36.09 -1.68
C HIS C 214 -19.20 37.39 -1.97
N TYR C 215 -18.90 38.43 -1.19
CA TYR C 215 -19.55 39.72 -1.33
C TYR C 215 -18.54 40.76 -1.80
N GLU C 216 -18.96 41.60 -2.75
CA GLU C 216 -18.19 42.77 -3.11
C GLU C 216 -18.22 43.77 -1.96
N SER C 217 -17.42 44.83 -2.09
CA SER C 217 -17.34 45.82 -1.01
C SER C 217 -18.68 46.51 -0.78
N ASP C 218 -19.50 46.63 -1.81
CA ASP C 218 -20.82 47.25 -1.68
C ASP C 218 -21.87 46.29 -1.14
N GLY C 219 -21.51 45.05 -0.81
CA GLY C 219 -22.44 44.08 -0.31
C GLY C 219 -23.02 43.14 -1.35
N THR C 220 -22.75 43.38 -2.63
CA THR C 220 -23.31 42.56 -3.69
C THR C 220 -22.70 41.17 -3.67
N ALA C 221 -23.55 40.15 -3.66
CA ALA C 221 -23.07 38.78 -3.80
C ALA C 221 -22.53 38.58 -5.21
N SER C 222 -21.28 38.13 -5.31
CA SER C 222 -20.61 37.99 -6.59
C SER C 222 -19.92 36.65 -6.80
N GLY C 223 -19.99 35.75 -5.82
CA GLY C 223 -19.39 34.44 -5.97
C GLY C 223 -19.91 33.49 -4.91
N PHE C 224 -19.73 32.20 -5.17
CA PHE C 224 -20.17 31.20 -4.22
C PHE C 224 -19.31 29.95 -4.34
N ALA C 225 -19.39 29.11 -3.32
CA ALA C 225 -18.70 27.82 -3.32
C ALA C 225 -19.56 26.79 -2.60
N ILE C 226 -19.48 25.56 -3.09
CA ILE C 226 -20.09 24.40 -2.45
C ILE C 226 -18.98 23.39 -2.18
N TYR C 227 -18.87 22.93 -0.94
CA TYR C 227 -17.80 22.00 -0.60
C TYR C 227 -18.20 21.16 0.60
N ARG C 228 -17.44 20.09 0.82
CA ARG C 228 -17.61 19.22 1.96
C ARG C 228 -16.25 18.96 2.60
N PRO C 229 -16.17 19.02 3.93
CA PRO C 229 -14.93 18.67 4.61
C PRO C 229 -14.84 17.17 4.86
N LYS C 230 -13.61 16.68 4.81
CA LYS C 230 -13.30 15.30 5.16
C LYS C 230 -12.25 15.33 6.28
N PRO C 231 -12.67 15.20 7.53
CA PRO C 231 -11.73 15.36 8.65
C PRO C 231 -10.66 14.27 8.66
N GLY C 232 -9.57 14.58 9.36
CA GLY C 232 -8.41 13.70 9.32
C GLY C 232 -8.71 12.33 9.89
N TRP C 233 -8.06 11.33 9.31
CA TRP C 233 -8.24 9.94 9.72
C TRP C 233 -6.91 9.18 9.63
N GLY C 237 -0.95 10.05 10.05
CA GLY C 237 -0.55 11.42 9.77
C GLY C 237 -1.77 12.31 9.51
N PRO C 238 -1.68 13.59 9.85
CA PRO C 238 -2.79 14.50 9.58
C PRO C 238 -3.07 14.62 8.08
N ASN C 239 -4.35 14.67 7.73
CA ASN C 239 -4.73 14.58 6.33
C ASN C 239 -6.18 15.01 6.06
N ALA C 240 -6.63 16.10 6.66
CA ALA C 240 -7.98 16.58 6.41
C ALA C 240 -8.10 17.12 4.98
N GLU C 241 -9.21 16.81 4.32
CA GLU C 241 -9.41 17.17 2.93
C GLU C 241 -10.65 18.04 2.77
N LEU C 242 -10.64 18.85 1.72
CA LEU C 242 -11.82 19.58 1.26
C LEU C 242 -12.20 19.05 -0.12
N HIS C 243 -13.47 18.67 -0.27
CA HIS C 243 -14.00 18.18 -1.54
C HIS C 243 -14.90 19.26 -2.13
N VAL C 244 -14.38 19.98 -3.11
CA VAL C 244 -15.12 21.09 -3.72
C VAL C 244 -16.08 20.55 -4.75
N GLN C 245 -17.34 20.99 -4.68
CA GLN C 245 -18.34 20.62 -5.68
C GLN C 245 -18.47 21.67 -6.77
N GLU C 246 -18.32 22.96 -6.45
CA GLU C 246 -18.51 24.02 -7.42
C GLU C 246 -18.01 25.33 -6.84
N VAL C 247 -17.35 26.14 -7.69
CA VAL C 247 -16.96 27.50 -7.36
C VAL C 247 -17.19 28.36 -8.60
N LEU C 248 -17.93 29.46 -8.43
CA LEU C 248 -18.20 30.35 -9.55
C LEU C 248 -18.15 31.79 -9.06
N GLY C 249 -17.80 32.68 -9.98
CA GLY C 249 -17.76 34.10 -9.67
C GLY C 249 -18.05 34.92 -10.92
N THR C 250 -18.65 36.08 -10.70
CA THR C 250 -19.05 36.95 -11.81
C THR C 250 -17.91 37.83 -12.30
N ASN C 251 -16.74 37.80 -11.66
CA ASN C 251 -15.58 38.56 -12.08
C ASN C 251 -14.33 37.81 -11.61
N PRO C 252 -13.17 38.09 -12.21
CA PRO C 252 -11.97 37.32 -11.84
C PRO C 252 -11.57 37.46 -10.38
N ARG C 253 -11.87 38.60 -9.76
CA ARG C 253 -11.45 38.82 -8.38
C ARG C 253 -12.24 37.95 -7.41
N SER C 254 -13.56 37.86 -7.60
CA SER C 254 -14.37 37.05 -6.69
C SER C 254 -14.04 35.57 -6.82
N TYR C 255 -13.81 35.09 -8.05
CA TYR C 255 -13.40 33.71 -8.26
C TYR C 255 -12.11 33.40 -7.53
N ALA C 256 -11.08 34.23 -7.73
CA ALA C 256 -9.79 33.96 -7.13
C ALA C 256 -9.84 34.08 -5.61
N ARG C 257 -10.57 35.07 -5.09
CA ARG C 257 -10.65 35.24 -3.64
C ARG C 257 -11.36 34.06 -2.99
N THR C 258 -12.41 33.54 -3.62
CA THR C 258 -13.14 32.40 -3.06
C THR C 258 -12.25 31.16 -3.02
N TRP C 259 -11.47 30.92 -4.08
CA TRP C 259 -10.52 29.81 -4.04
C TRP C 259 -9.46 30.04 -2.99
N ARG C 260 -8.96 31.27 -2.87
CA ARG C 260 -7.99 31.59 -1.84
C ARG C 260 -8.54 31.30 -0.46
N TYR C 261 -9.83 31.53 -0.25
CA TYR C 261 -10.45 31.20 1.03
C TYR C 261 -10.35 29.71 1.33
N LEU C 262 -10.70 28.88 0.34
CA LEU C 262 -10.65 27.43 0.54
C LEU C 262 -9.22 26.93 0.72
N LEU C 263 -8.26 27.53 0.02
CA LEU C 263 -6.89 27.03 0.06
C LEU C 263 -6.16 27.44 1.34
N ASP C 264 -6.56 28.55 1.96
CA ASP C 264 -5.94 29.01 3.19
C ASP C 264 -6.66 28.54 4.44
N MET C 265 -7.69 27.72 4.30
CA MET C 265 -8.44 27.27 5.46
C MET C 265 -7.56 26.44 6.40
N ASP C 266 -7.69 26.72 7.70
CA ASP C 266 -6.84 26.09 8.67
C ASP C 266 -7.22 24.62 8.88
N LEU C 267 -6.22 23.80 9.17
CA LEU C 267 -6.29 22.35 9.38
C LEU C 267 -6.56 21.56 8.11
N VAL C 268 -6.51 22.17 6.93
CA VAL C 268 -6.70 21.46 5.68
C VAL C 268 -5.33 21.09 5.12
N ARG C 269 -5.23 19.86 4.61
CA ARG C 269 -4.02 19.38 3.95
C ARG C 269 -4.16 19.26 2.45
N LYS C 270 -5.28 18.70 1.98
CA LYS C 270 -5.48 18.39 0.58
C LYS C 270 -6.82 18.94 0.12
N ILE C 271 -6.89 19.33 -1.15
CA ILE C 271 -8.13 19.80 -1.76
C ILE C 271 -8.36 19.00 -3.04
N LYS C 272 -9.63 18.78 -3.36
CA LYS C 272 -10.00 18.01 -4.54
C LYS C 272 -11.19 18.67 -5.22
N TYR C 273 -11.12 18.84 -6.53
CA TYR C 273 -12.26 19.36 -7.31
C TYR C 273 -12.50 18.37 -8.46
N HIS C 274 -13.46 17.48 -8.25
CA HIS C 274 -13.91 16.57 -9.31
C HIS C 274 -15.01 17.24 -10.13
N GLY C 275 -14.96 17.05 -11.44
CA GLY C 275 -15.95 17.63 -12.31
C GLY C 275 -15.73 19.08 -12.68
N ALA C 276 -14.49 19.55 -12.62
CA ALA C 276 -14.16 20.90 -13.06
C ALA C 276 -14.00 20.94 -14.58
N SER C 277 -13.91 22.15 -15.11
CA SER C 277 -13.57 22.31 -16.52
C SER C 277 -12.11 21.98 -16.75
N VAL C 278 -11.82 21.39 -17.91
CA VAL C 278 -10.42 21.16 -18.27
C VAL C 278 -9.67 22.47 -18.45
N GLN C 279 -10.40 23.58 -18.58
CA GLN C 279 -9.84 24.92 -18.59
C GLN C 279 -10.32 25.71 -17.38
N GLU C 280 -10.47 25.02 -16.25
CA GLU C 280 -10.81 25.68 -14.99
C GLU C 280 -9.80 26.78 -14.68
N GLU C 281 -10.31 27.97 -14.37
CA GLU C 281 -9.46 29.13 -14.19
C GLU C 281 -8.43 28.91 -13.09
N LEU C 282 -8.77 28.11 -12.08
CA LEU C 282 -7.84 27.80 -10.99
C LEU C 282 -6.49 27.28 -11.51
N ARG C 283 -6.52 26.47 -12.58
CA ARG C 283 -5.28 25.89 -13.10
C ARG C 283 -4.26 26.95 -13.47
N TYR C 284 -4.73 28.11 -13.92
CA TYR C 284 -3.85 29.17 -14.40
C TYR C 284 -3.60 30.25 -13.34
N LEU C 285 -4.37 30.25 -12.26
CA LEU C 285 -4.06 31.10 -11.11
C LEU C 285 -2.87 30.55 -10.33
N VAL C 286 -2.80 29.23 -10.20
CA VAL C 286 -1.73 28.60 -9.42
C VAL C 286 -0.38 28.91 -10.04
N ALA C 287 0.57 29.33 -9.19
CA ALA C 287 1.89 29.72 -9.69
C ALA C 287 2.69 28.50 -10.17
N ASN C 288 2.55 27.37 -9.48
CA ASN C 288 3.32 26.16 -9.77
C ASN C 288 2.35 25.07 -10.22
N HIS C 289 2.13 24.98 -11.52
CA HIS C 289 1.19 24.00 -12.06
C HIS C 289 1.43 22.56 -11.59
N PRO C 290 2.67 22.05 -11.51
CA PRO C 290 2.84 20.65 -11.07
C PRO C 290 2.26 20.34 -9.70
N SER C 291 2.00 21.35 -8.86
CA SER C 291 1.38 21.10 -7.56
C SER C 291 -0.11 20.79 -7.65
N LEU C 292 -0.74 21.10 -8.79
CA LEU C 292 -2.16 20.85 -9.00
C LEU C 292 -2.31 19.75 -10.05
N GLU C 293 -2.57 18.53 -9.61
CA GLU C 293 -2.75 17.42 -10.54
C GLU C 293 -4.04 17.62 -11.33
N CYS C 294 -3.99 17.28 -12.62
CA CYS C 294 -5.13 17.44 -13.51
C CYS C 294 -5.34 16.14 -14.28
N VAL C 295 -6.41 15.42 -13.97
CA VAL C 295 -6.77 14.18 -14.65
C VAL C 295 -8.01 14.45 -15.49
N VAL C 296 -7.90 14.23 -16.80
CA VAL C 296 -8.97 14.55 -17.75
C VAL C 296 -9.70 13.27 -18.11
N SER C 297 -11.03 13.35 -18.15
CA SER C 297 -11.86 12.19 -18.47
C SER C 297 -13.13 12.68 -19.15
N ASP C 298 -13.89 11.72 -19.68
CA ASP C 298 -15.16 12.01 -20.34
C ASP C 298 -16.13 12.68 -19.37
N ALA C 299 -16.98 13.55 -19.91
CA ALA C 299 -18.04 14.14 -19.11
C ALA C 299 -19.41 13.92 -19.77
N ILE C 300 -19.71 14.66 -20.83
CA ILE C 300 -21.04 14.66 -21.45
C ILE C 300 -20.93 14.09 -22.86
N GLN C 301 -21.85 13.19 -23.20
CA GLN C 301 -22.02 12.72 -24.57
C GLN C 301 -23.20 13.43 -25.21
N VAL C 302 -23.06 13.77 -26.49
CA VAL C 302 -24.08 14.48 -27.25
C VAL C 302 -24.64 13.54 -28.31
N ARG C 303 -25.97 13.50 -28.43
CA ARG C 303 -26.64 12.78 -29.51
C ARG C 303 -27.46 13.80 -30.30
N LEU C 304 -26.99 14.15 -31.48
CA LEU C 304 -27.75 15.05 -32.34
C LEU C 304 -28.93 14.29 -32.95
N VAL C 305 -30.13 14.83 -32.77
CA VAL C 305 -31.34 14.25 -33.34
C VAL C 305 -31.92 15.12 -34.45
N ASP C 306 -31.68 16.43 -34.43
CA ASP C 306 -32.06 17.33 -35.51
C ASP C 306 -30.77 18.04 -35.93
N ILE C 307 -30.10 17.47 -36.93
CA ILE C 307 -28.78 17.97 -37.31
C ILE C 307 -28.83 19.40 -37.82
N PRO C 308 -29.69 19.77 -38.79
CA PRO C 308 -29.67 21.17 -39.27
C PRO C 308 -29.95 22.20 -38.20
N ARG C 309 -30.95 21.97 -37.34
CA ARG C 309 -31.24 22.97 -36.30
C ARG C 309 -30.14 23.04 -35.26
N ALA C 310 -29.55 21.89 -34.89
CA ALA C 310 -28.48 21.92 -33.90
C ALA C 310 -27.27 22.68 -34.42
N LEU C 311 -26.90 22.44 -35.68
CA LEU C 311 -25.78 23.15 -36.27
C LEU C 311 -26.08 24.64 -36.43
N ALA C 312 -27.35 25.00 -36.65
CA ALA C 312 -27.73 26.40 -36.81
C ALA C 312 -27.96 27.12 -35.49
N GLN C 313 -28.08 26.40 -34.38
CA GLN C 313 -28.37 27.05 -33.11
C GLN C 313 -27.13 27.57 -32.40
N ARG C 314 -25.99 26.92 -32.60
CA ARG C 314 -24.74 27.38 -32.01
C ARG C 314 -24.05 28.38 -32.93
N ARG C 315 -23.02 29.04 -32.40
CA ARG C 315 -22.16 29.92 -33.16
C ARG C 315 -20.76 29.31 -33.26
N TYR C 316 -19.97 29.86 -34.19
CA TYR C 316 -18.69 29.27 -34.55
C TYR C 316 -17.57 30.29 -34.38
N ALA C 317 -16.40 29.79 -34.00
CA ALA C 317 -15.28 30.67 -33.64
C ALA C 317 -14.77 31.46 -34.84
N ALA C 318 -14.95 30.94 -36.05
CA ALA C 318 -14.55 31.65 -37.25
C ALA C 318 -15.48 31.24 -38.39
N ASP C 319 -15.37 31.96 -39.50
CA ASP C 319 -16.21 31.67 -40.66
C ASP C 319 -15.94 30.26 -41.19
N VAL C 320 -17.00 29.60 -41.65
CA VAL C 320 -16.88 28.25 -42.19
C VAL C 320 -17.93 28.07 -43.28
N ASP C 321 -17.53 27.43 -44.38
CA ASP C 321 -18.44 27.06 -45.45
C ASP C 321 -18.02 25.67 -45.89
N VAL C 322 -18.71 24.64 -45.38
CA VAL C 322 -18.29 23.25 -45.55
C VAL C 322 -19.52 22.39 -45.80
N VAL C 323 -19.32 21.34 -46.60
CA VAL C 323 -20.36 20.37 -46.90
C VAL C 323 -20.02 19.08 -46.16
N LEU C 324 -20.95 18.63 -45.31
CA LEU C 324 -20.73 17.48 -44.45
C LEU C 324 -21.57 16.31 -44.92
N GLU C 325 -20.90 15.20 -45.26
CA GLU C 325 -21.58 13.95 -45.56
C GLU C 325 -21.73 13.19 -44.25
N VAL C 326 -22.92 13.26 -43.66
CA VAL C 326 -23.18 12.72 -42.33
C VAL C 326 -23.86 11.37 -42.48
N THR C 327 -23.31 10.37 -41.80
CA THR C 327 -23.90 9.03 -41.76
C THR C 327 -24.43 8.77 -40.35
N ASP C 328 -25.71 8.42 -40.26
CA ASP C 328 -26.37 8.13 -39.00
C ASP C 328 -26.84 6.67 -39.08
N ASP C 329 -26.08 5.76 -38.47
CA ASP C 329 -26.42 4.35 -38.55
C ASP C 329 -27.67 4.02 -37.74
N PHE C 330 -27.80 4.60 -36.55
CA PHE C 330 -28.91 4.25 -35.68
C PHE C 330 -30.23 4.86 -36.17
N LEU C 331 -30.19 6.13 -36.59
CA LEU C 331 -31.37 6.82 -37.12
C LEU C 331 -31.06 7.26 -38.53
N PRO C 332 -31.12 6.34 -39.50
CA PRO C 332 -30.72 6.68 -40.88
C PRO C 332 -31.56 7.79 -41.51
N GLU C 333 -32.70 8.16 -40.93
CA GLU C 333 -33.47 9.27 -41.50
C GLU C 333 -32.72 10.58 -41.37
N ASN C 334 -31.71 10.66 -40.48
CA ASN C 334 -30.87 11.82 -40.35
C ASN C 334 -29.67 11.81 -41.29
N SER C 335 -29.40 10.67 -41.94
CA SER C 335 -28.29 10.60 -42.88
C SER C 335 -28.53 11.54 -44.05
N GLY C 336 -27.47 12.18 -44.50
CA GLY C 336 -27.58 13.12 -45.59
C GLY C 336 -26.35 13.99 -45.70
N ARG C 337 -26.38 14.84 -46.72
CA ARG C 337 -25.28 15.75 -47.03
C ARG C 337 -25.71 17.16 -46.67
N TYR C 338 -25.00 17.77 -45.72
CA TYR C 338 -25.41 19.04 -45.15
C TYR C 338 -24.35 20.10 -45.42
N ARG C 339 -24.80 21.28 -45.86
CA ARG C 339 -23.94 22.44 -46.03
C ARG C 339 -24.07 23.33 -44.79
N LEU C 340 -22.96 23.56 -44.11
CA LEU C 340 -22.93 24.43 -42.92
C LEU C 340 -22.23 25.74 -43.28
N ARG C 341 -22.93 26.85 -43.08
CA ARG C 341 -22.36 28.18 -43.21
C ARG C 341 -22.56 28.90 -41.88
N GLY C 342 -21.47 29.17 -41.18
CA GLY C 342 -21.56 29.74 -39.85
C GLY C 342 -20.39 30.65 -39.54
N GLY C 343 -20.56 31.43 -38.48
CA GLY C 343 -19.55 32.34 -38.01
C GLY C 343 -19.85 32.77 -36.60
N LEU C 344 -19.26 33.90 -36.20
CA LEU C 344 -19.47 34.42 -34.85
C LEU C 344 -20.89 34.91 -34.65
N ASP C 345 -21.48 35.50 -35.69
CA ASP C 345 -22.79 36.13 -35.59
C ASP C 345 -23.87 35.48 -36.45
N HIS C 346 -23.57 34.38 -37.13
CA HIS C 346 -24.55 33.75 -38.01
C HIS C 346 -24.32 32.24 -38.04
N ALA C 347 -25.38 31.51 -38.41
CA ALA C 347 -25.31 30.07 -38.59
C ALA C 347 -26.53 29.55 -39.35
N SER C 348 -26.30 28.77 -40.39
CA SER C 348 -27.38 28.13 -41.15
C SER C 348 -26.89 26.77 -41.62
N CYS C 349 -27.84 25.87 -41.87
CA CYS C 349 -27.50 24.51 -42.29
C CYS C 349 -28.67 23.89 -43.05
N GLU C 350 -28.38 23.31 -44.21
CA GLU C 350 -29.43 22.70 -45.03
C GLU C 350 -28.82 21.59 -45.88
N ILE C 351 -29.67 20.64 -46.27
CA ILE C 351 -29.27 19.58 -47.18
C ILE C 351 -28.92 20.16 -48.54
N THR C 352 -27.84 19.64 -49.14
CA THR C 352 -27.37 20.11 -50.43
C THR C 352 -26.90 18.94 -51.29
N THR C 353 -26.83 19.18 -52.60
CA THR C 353 -26.28 18.23 -53.55
C THR C 353 -24.90 18.63 -54.04
N ASP C 354 -24.33 19.71 -53.53
CA ASP C 354 -22.96 20.08 -53.89
C ASP C 354 -21.99 18.99 -53.46
N ASP C 355 -20.76 19.09 -53.94
CA ASP C 355 -19.74 18.12 -53.59
C ASP C 355 -19.43 18.19 -52.10
N ALA C 356 -19.33 17.03 -51.47
CA ALA C 356 -19.04 16.96 -50.04
C ALA C 356 -17.58 17.25 -49.77
N ASP C 357 -17.31 17.95 -48.67
CA ASP C 357 -15.95 18.26 -48.25
C ASP C 357 -15.44 17.31 -47.17
N ILE C 358 -16.31 16.87 -46.27
CA ILE C 358 -15.92 16.06 -45.13
C ILE C 358 -16.96 14.96 -44.94
N ALA C 359 -16.48 13.74 -44.69
CA ALA C 359 -17.35 12.61 -44.38
C ALA C 359 -17.13 12.20 -42.93
N LEU C 360 -18.23 12.09 -42.18
CA LEU C 360 -18.15 11.71 -40.77
C LEU C 360 -19.50 11.19 -40.32
N THR C 361 -19.48 10.48 -39.19
CA THR C 361 -20.68 9.92 -38.59
C THR C 361 -21.35 10.96 -37.70
N VAL C 362 -22.62 10.70 -37.37
CA VAL C 362 -23.34 11.59 -36.48
C VAL C 362 -22.74 11.57 -35.08
N ARG C 363 -22.16 10.42 -34.68
CA ARG C 363 -21.49 10.34 -33.40
C ARG C 363 -20.31 11.29 -33.33
N ASP C 364 -19.44 11.26 -34.34
CA ASP C 364 -18.29 12.16 -34.34
C ASP C 364 -18.72 13.61 -34.53
N LEU C 365 -19.79 13.84 -35.30
CA LEU C 365 -20.33 15.19 -35.42
C LEU C 365 -20.79 15.71 -34.05
N GLY C 366 -21.44 14.85 -33.26
CA GLY C 366 -21.81 15.23 -31.92
C GLY C 366 -20.61 15.49 -31.03
N SER C 367 -19.51 14.76 -31.26
CA SER C 367 -18.33 14.91 -30.42
C SER C 367 -17.71 16.29 -30.57
N VAL C 368 -17.71 16.86 -31.79
CA VAL C 368 -17.12 18.16 -32.01
C VAL C 368 -18.10 19.30 -31.79
N TYR C 369 -19.37 18.98 -31.49
CA TYR C 369 -20.44 19.98 -31.54
C TYR C 369 -20.30 21.03 -30.44
N MET C 370 -19.76 20.67 -29.29
CA MET C 370 -19.66 21.59 -28.16
C MET C 370 -18.29 22.27 -28.08
N GLY C 371 -17.43 22.07 -29.07
CA GLY C 371 -16.11 22.68 -29.07
C GLY C 371 -15.11 22.04 -28.13
N GLY C 372 -15.39 20.83 -27.63
CA GLY C 372 -14.47 20.19 -26.72
C GLY C 372 -13.59 19.15 -27.37
N VAL C 373 -13.82 18.85 -28.65
CA VAL C 373 -13.05 17.86 -29.40
C VAL C 373 -12.73 18.42 -30.77
N SER C 374 -11.45 18.45 -31.13
CA SER C 374 -11.04 19.00 -32.42
C SER C 374 -11.38 18.03 -33.54
N LEU C 375 -12.08 18.54 -34.56
CA LEU C 375 -12.35 17.73 -35.74
C LEU C 375 -11.06 17.33 -36.44
N GLN C 376 -10.03 18.16 -36.38
CA GLN C 376 -8.75 17.83 -37.01
C GLN C 376 -8.14 16.58 -36.39
N VAL C 377 -8.23 16.45 -35.06
CA VAL C 377 -7.67 15.27 -34.41
C VAL C 377 -8.45 14.03 -34.80
N LEU C 378 -9.79 14.12 -34.86
CA LEU C 378 -10.59 12.99 -35.31
C LEU C 378 -10.23 12.59 -36.74
N ALA C 379 -9.90 13.58 -37.59
CA ALA C 379 -9.51 13.26 -38.96
C ALA C 379 -8.14 12.60 -39.00
N SER C 380 -7.17 13.13 -38.26
CA SER C 380 -5.85 12.51 -38.18
C SER C 380 -5.92 11.11 -37.59
N ALA C 381 -6.91 10.85 -36.74
CA ALA C 381 -7.06 9.53 -36.14
C ALA C 381 -7.65 8.51 -37.11
N GLY C 382 -8.23 8.96 -38.22
CA GLY C 382 -8.87 8.06 -39.16
C GLY C 382 -10.36 7.92 -38.97
N LEU C 383 -10.94 8.62 -37.99
CA LEU C 383 -12.38 8.51 -37.73
C LEU C 383 -13.19 9.42 -38.63
N VAL C 384 -12.60 10.53 -39.06
CA VAL C 384 -13.23 11.49 -39.97
C VAL C 384 -12.37 11.56 -41.23
N THR C 385 -13.02 11.69 -42.38
CA THR C 385 -12.33 11.65 -43.66
C THR C 385 -12.47 12.99 -44.38
N GLU C 386 -11.32 13.56 -44.78
CA GLU C 386 -11.32 14.77 -45.59
C GLU C 386 -11.43 14.40 -47.06
N LEU C 387 -12.40 14.97 -47.74
CA LEU C 387 -12.63 14.68 -49.15
C LEU C 387 -12.06 15.73 -50.08
N ARG C 388 -11.92 16.97 -49.62
CA ARG C 388 -11.34 18.04 -50.42
C ARG C 388 -10.35 18.81 -49.55
N ALA C 389 -9.23 19.22 -50.15
CA ALA C 389 -8.11 19.74 -49.39
C ALA C 389 -8.47 21.00 -48.61
N GLY C 390 -7.95 21.08 -47.38
CA GLY C 390 -8.12 22.26 -46.54
C GLY C 390 -9.43 22.34 -45.80
N ALA C 391 -10.39 21.46 -46.08
CA ALA C 391 -11.71 21.60 -45.48
C ALA C 391 -11.69 21.33 -43.98
N VAL C 392 -11.00 20.26 -43.55
CA VAL C 392 -11.01 19.88 -42.15
C VAL C 392 -10.40 20.97 -41.28
N GLN C 393 -9.28 21.55 -41.72
CA GLN C 393 -8.61 22.56 -40.90
C GLN C 393 -9.50 23.77 -40.66
N ARG C 394 -10.17 24.25 -41.72
CA ARG C 394 -11.07 25.38 -41.55
C ARG C 394 -12.27 25.01 -40.69
N ALA C 395 -12.83 23.81 -40.90
CA ALA C 395 -13.99 23.39 -40.12
C ALA C 395 -13.64 23.14 -38.66
N ALA C 396 -12.44 22.62 -38.38
CA ALA C 396 -12.06 22.34 -37.01
C ALA C 396 -11.97 23.61 -36.18
N THR C 397 -11.31 24.64 -36.72
CA THR C 397 -11.22 25.91 -36.01
C THR C 397 -12.60 26.49 -35.74
N ALA C 398 -13.49 26.45 -36.73
CA ALA C 398 -14.82 27.03 -36.56
C ALA C 398 -15.62 26.26 -35.52
N PHE C 399 -15.48 24.94 -35.47
CA PHE C 399 -16.21 24.15 -34.49
C PHE C 399 -15.63 24.30 -33.09
N GLY C 400 -14.39 24.77 -32.96
CA GLY C 400 -13.83 25.06 -31.67
C GLY C 400 -14.47 26.28 -31.03
N TRP C 401 -13.94 26.65 -29.86
CA TRP C 401 -14.48 27.80 -29.14
C TRP C 401 -13.44 28.27 -28.15
N PRO C 402 -13.29 29.58 -27.92
CA PRO C 402 -12.26 30.06 -26.98
C PRO C 402 -12.49 29.60 -25.55
N VAL C 403 -13.72 29.25 -25.17
CA VAL C 403 -14.02 28.73 -23.85
C VAL C 403 -14.44 27.27 -24.01
N ALA C 404 -13.70 26.38 -23.35
CA ALA C 404 -14.00 24.96 -23.44
C ALA C 404 -15.35 24.66 -22.78
N PRO C 405 -16.10 23.69 -23.32
CA PRO C 405 -17.32 23.27 -22.64
C PRO C 405 -16.99 22.60 -21.31
N SER C 406 -17.96 22.63 -20.41
CA SER C 406 -17.77 22.09 -19.07
C SER C 406 -19.02 21.32 -18.66
N ALA C 407 -18.83 20.44 -17.66
CA ALA C 407 -19.88 19.54 -17.22
C ALA C 407 -20.92 20.30 -16.40
N PRO C 408 -22.20 20.07 -16.66
CA PRO C 408 -23.27 20.69 -15.87
C PRO C 408 -23.41 19.94 -14.55
N ASP C 409 -24.39 20.37 -13.75
CA ASP C 409 -24.72 19.64 -12.53
C ASP C 409 -25.20 18.24 -12.88
N ASP C 410 -24.94 17.31 -11.97
CA ASP C 410 -25.18 15.89 -12.24
C ASP C 410 -26.66 15.62 -12.50
N PHE C 411 -26.93 14.71 -13.43
CA PHE C 411 -28.28 14.21 -13.66
C PHE C 411 -28.23 12.78 -14.17
N GLU D 3 35.32 34.36 -5.15
CA GLU D 3 35.49 35.07 -6.40
C GLU D 3 34.98 34.23 -7.56
N LEU D 4 33.83 34.62 -8.12
CA LEU D 4 33.16 33.86 -9.15
C LEU D 4 33.42 34.45 -10.53
N THR D 5 33.59 33.58 -11.51
CA THR D 5 33.80 33.97 -12.90
C THR D 5 32.68 33.40 -13.76
N LEU D 6 32.04 34.26 -14.56
CA LEU D 6 31.08 33.82 -15.55
C LEU D 6 31.81 33.56 -16.86
N ARG D 7 31.78 32.31 -17.31
CA ARG D 7 32.54 31.91 -18.50
C ARG D 7 31.89 30.69 -19.12
N THR D 8 32.36 30.34 -20.31
CA THR D 8 31.90 29.18 -21.04
C THR D 8 32.86 28.00 -20.85
N ILE D 9 32.44 26.83 -21.35
CA ILE D 9 33.24 25.62 -21.23
C ILE D 9 34.49 25.73 -22.10
N ALA D 10 35.64 25.36 -21.53
CA ALA D 10 36.93 25.55 -22.18
C ALA D 10 37.43 24.33 -22.93
N ASP D 11 37.34 23.14 -22.36
CA ASP D 11 37.87 21.94 -23.00
C ASP D 11 37.04 20.73 -22.56
N GLU D 12 37.57 19.53 -22.80
CA GLU D 12 36.79 18.31 -22.60
C GLU D 12 36.73 17.90 -21.13
N ASP D 13 37.85 18.00 -20.41
CA ASP D 13 37.78 17.77 -18.97
C ASP D 13 36.89 18.80 -18.29
N ASP D 14 36.97 20.05 -18.75
CA ASP D 14 36.07 21.09 -18.24
C ASP D 14 34.61 20.75 -18.56
N TYR D 15 34.35 20.17 -19.72
CA TYR D 15 32.99 19.79 -20.08
C TYR D 15 32.43 18.75 -19.12
N GLU D 16 33.23 17.72 -18.82
CA GLU D 16 32.73 16.66 -17.94
C GLU D 16 32.53 17.16 -16.52
N SER D 17 33.42 18.03 -16.03
CA SER D 17 33.21 18.64 -14.72
C SER D 17 31.96 19.51 -14.69
N TYR D 18 31.73 20.26 -15.77
CA TYR D 18 30.53 21.10 -15.88
C TYR D 18 29.27 20.25 -15.80
N MET D 19 29.19 19.18 -16.59
CA MET D 19 28.02 18.31 -16.55
C MET D 19 27.91 17.57 -15.23
N ALA D 20 29.06 17.18 -14.64
CA ALA D 20 29.03 16.51 -13.35
C ALA D 20 28.40 17.38 -12.29
N SER D 21 28.71 18.67 -12.29
CA SER D 21 28.13 19.57 -11.30
C SER D 21 26.62 19.72 -11.48
N ALA D 22 26.16 19.69 -12.74
CA ALA D 22 24.73 19.82 -13.00
C ALA D 22 23.94 18.62 -12.46
N TYR D 23 24.42 17.41 -12.74
CA TYR D 23 23.77 16.22 -12.19
C TYR D 23 23.81 16.22 -10.67
N SER D 24 24.92 16.69 -10.08
CA SER D 24 25.05 16.69 -8.63
C SER D 24 24.00 17.59 -7.98
N VAL D 25 23.71 18.73 -8.59
CA VAL D 25 22.68 19.63 -8.07
C VAL D 25 21.34 18.92 -8.00
N PHE D 26 21.06 18.06 -8.98
CA PHE D 26 19.81 17.31 -9.01
C PHE D 26 19.93 15.97 -8.29
N LEU D 27 20.88 15.83 -7.36
CA LEU D 27 20.97 14.70 -6.45
C LEU D 27 21.27 13.39 -7.19
N ARG D 28 21.96 13.48 -8.32
CA ARG D 28 22.20 12.34 -9.19
C ARG D 28 23.69 12.19 -9.44
N ASP D 29 24.14 10.95 -9.62
CA ASP D 29 25.47 10.71 -10.15
C ASP D 29 25.51 11.10 -11.62
N PRO D 30 26.68 11.42 -12.15
CA PRO D 30 26.77 11.76 -13.57
C PRO D 30 26.43 10.54 -14.44
N GLN D 31 25.55 10.76 -15.40
CA GLN D 31 25.20 9.72 -16.37
C GLN D 31 26.23 9.79 -17.50
N LYS D 32 27.25 8.94 -17.42
CA LYS D 32 28.37 9.04 -18.36
C LYS D 32 27.91 8.80 -19.79
N ASP D 33 27.00 7.84 -20.00
CA ASP D 33 26.56 7.54 -21.36
C ASP D 33 25.79 8.69 -21.98
N GLU D 34 24.91 9.34 -21.21
CA GLU D 34 24.17 10.48 -21.73
C GLU D 34 25.07 11.69 -21.95
N ILE D 35 26.01 11.92 -21.02
CA ILE D 35 26.95 13.02 -21.19
C ILE D 35 27.76 12.84 -22.46
N GLU D 36 28.14 11.60 -22.77
CA GLU D 36 28.98 11.34 -23.93
C GLU D 36 28.23 11.54 -25.23
N VAL D 37 27.00 11.04 -25.33
CA VAL D 37 26.27 11.15 -26.59
C VAL D 37 25.75 12.57 -26.82
N ASN D 38 25.42 13.29 -25.75
CA ASN D 38 24.93 14.66 -25.91
C ASN D 38 26.04 15.64 -26.23
N ARG D 39 27.30 15.27 -25.96
CA ARG D 39 28.44 16.09 -26.35
C ARG D 39 28.45 16.36 -27.86
N LYS D 40 27.94 15.43 -28.66
CA LYS D 40 28.06 15.50 -30.11
C LYS D 40 27.30 16.68 -30.73
N PHE D 41 26.27 17.19 -30.06
CA PHE D 41 25.56 18.37 -30.53
C PHE D 41 25.69 19.54 -29.55
N THR D 42 26.63 19.45 -28.61
CA THR D 42 26.87 20.52 -27.67
C THR D 42 27.89 21.50 -28.25
N GLU D 43 27.56 22.78 -28.24
CA GLU D 43 28.49 23.85 -28.59
C GLU D 43 29.01 24.44 -27.29
N LEU D 44 30.31 24.30 -27.06
CA LEU D 44 30.89 24.68 -25.78
C LEU D 44 30.67 26.15 -25.47
N ASP D 45 30.69 27.02 -26.49
CA ASP D 45 30.54 28.45 -26.26
C ASP D 45 29.10 28.87 -25.99
N ARG D 46 28.15 27.93 -26.03
CA ARG D 46 26.78 28.19 -25.59
C ARG D 46 26.51 27.62 -24.21
N MET D 47 27.49 27.01 -23.57
CA MET D 47 27.35 26.44 -22.23
C MET D 47 28.08 27.36 -21.26
N ILE D 48 27.32 28.23 -20.60
CA ILE D 48 27.89 29.23 -19.70
C ILE D 48 27.64 28.81 -18.26
N GLY D 49 28.38 29.41 -17.35
CA GLY D 49 28.22 29.11 -15.94
C GLY D 49 29.17 29.93 -15.09
N PHE D 50 29.08 29.72 -13.79
CA PHE D 50 29.95 30.37 -12.81
C PHE D 50 30.92 29.35 -12.25
N HIS D 51 32.20 29.73 -12.20
CA HIS D 51 33.28 28.89 -11.69
C HIS D 51 34.02 29.69 -10.62
N ASP D 52 34.23 29.08 -9.46
CA ASP D 52 34.85 29.78 -8.34
C ASP D 52 36.37 29.58 -8.29
N GLY D 53 36.96 29.05 -9.36
CA GLY D 53 38.37 28.77 -9.40
C GLY D 53 38.71 27.30 -9.27
N LYS D 54 37.87 26.53 -8.58
CA LYS D 54 38.12 25.10 -8.38
C LYS D 54 36.96 24.20 -8.77
N LYS D 55 35.72 24.69 -8.81
CA LYS D 55 34.61 23.88 -9.28
C LYS D 55 33.55 24.78 -9.88
N TRP D 56 32.66 24.17 -10.68
CA TRP D 56 31.49 24.87 -11.21
C TRP D 56 30.44 24.99 -10.11
N VAL D 57 29.90 26.20 -9.94
CA VAL D 57 28.90 26.45 -8.91
C VAL D 57 27.54 26.84 -9.49
N ALA D 58 27.42 27.01 -10.80
CA ALA D 58 26.16 27.32 -11.46
C ALA D 58 26.34 27.07 -12.95
N THR D 59 25.26 26.64 -13.61
CA THR D 59 25.31 26.32 -15.03
C THR D 59 24.03 26.77 -15.71
N THR D 60 24.15 27.06 -17.01
CA THR D 60 23.00 27.31 -17.88
C THR D 60 23.47 27.18 -19.31
N GLY D 61 22.88 26.24 -20.06
CA GLY D 61 23.30 25.96 -21.42
C GLY D 61 22.16 26.15 -22.40
N ALA D 62 22.51 26.02 -23.69
CA ALA D 62 21.54 26.14 -24.77
C ALA D 62 22.02 25.34 -25.97
N PHE D 63 21.10 24.60 -26.58
CA PHE D 63 21.34 23.91 -27.83
C PHE D 63 20.76 24.70 -29.00
N SER D 64 21.45 24.64 -30.13
CA SER D 64 20.96 25.23 -31.38
C SER D 64 20.04 24.22 -32.04
N ARG D 65 18.72 24.46 -31.95
CA ARG D 65 17.73 23.56 -32.50
C ARG D 65 16.77 24.33 -33.39
N HIS D 66 15.80 23.61 -33.96
CA HIS D 66 14.80 24.19 -34.84
C HIS D 66 13.45 23.57 -34.50
N VAL D 67 12.42 24.40 -34.35
CA VAL D 67 11.11 23.96 -33.87
C VAL D 67 10.06 24.25 -34.93
N VAL D 68 9.08 23.36 -35.03
CA VAL D 68 7.95 23.55 -35.94
C VAL D 68 6.93 24.47 -35.28
N LEU D 69 6.51 25.50 -36.00
CA LEU D 69 5.50 26.42 -35.54
C LEU D 69 4.15 26.07 -36.13
N PRO D 70 3.05 26.58 -35.55
CA PRO D 70 1.75 26.48 -36.22
C PRO D 70 1.80 27.06 -37.63
N GLY D 71 1.44 26.24 -38.62
CA GLY D 71 1.57 26.59 -40.01
C GLY D 71 2.65 25.82 -40.74
N GLY D 72 3.57 25.19 -40.01
CA GLY D 72 4.57 24.32 -40.60
C GLY D 72 5.96 24.90 -40.69
N ALA D 73 6.12 26.20 -40.44
CA ALA D 73 7.43 26.83 -40.52
C ALA D 73 8.36 26.28 -39.45
N VAL D 74 9.60 26.01 -39.84
CA VAL D 74 10.64 25.49 -38.96
C VAL D 74 11.63 26.62 -38.72
N VAL D 75 11.69 27.10 -37.48
CA VAL D 75 12.49 28.28 -37.16
C VAL D 75 13.57 27.92 -36.15
N PRO D 76 14.71 28.62 -36.13
CA PRO D 76 15.72 28.35 -35.11
C PRO D 76 15.23 28.73 -33.73
N VAL D 77 15.62 27.94 -32.75
CA VAL D 77 15.19 28.12 -31.37
C VAL D 77 16.33 27.69 -30.45
N ALA D 78 16.47 28.40 -29.33
CA ALA D 78 17.43 28.01 -28.31
C ALA D 78 16.80 26.96 -27.38
N ALA D 79 17.36 25.77 -27.37
CA ALA D 79 16.90 24.70 -26.48
C ALA D 79 17.68 24.80 -25.18
N VAL D 80 17.09 25.46 -24.19
CA VAL D 80 17.78 25.78 -22.95
C VAL D 80 17.87 24.51 -22.11
N THR D 81 19.02 24.30 -21.47
CA THR D 81 19.29 23.06 -20.76
C THR D 81 20.27 23.33 -19.63
N ALA D 82 20.38 22.34 -18.73
CA ALA D 82 21.42 22.29 -17.71
C ALA D 82 21.43 23.54 -16.85
N VAL D 83 20.26 23.89 -16.30
CA VAL D 83 20.09 25.08 -15.50
C VAL D 83 20.20 24.65 -14.04
N THR D 84 21.36 24.92 -13.42
CA THR D 84 21.61 24.50 -12.06
C THR D 84 22.32 25.60 -11.29
N VAL D 85 22.16 25.56 -9.97
CA VAL D 85 22.94 26.37 -9.03
C VAL D 85 23.32 25.51 -7.84
N SER D 86 24.59 25.57 -7.43
CA SER D 86 25.02 24.85 -6.25
C SER D 86 24.19 25.28 -5.05
N PRO D 87 23.87 24.36 -4.13
CA PRO D 87 23.06 24.73 -2.96
C PRO D 87 23.73 25.74 -2.04
N THR D 88 25.05 25.85 -2.06
CA THR D 88 25.74 26.84 -1.24
C THR D 88 25.76 28.22 -1.88
N HIS D 89 25.28 28.36 -3.12
CA HIS D 89 25.28 29.65 -3.81
C HIS D 89 23.89 30.04 -4.29
N ARG D 90 22.84 29.49 -3.68
CA ARG D 90 21.49 29.82 -4.09
C ARG D 90 21.10 31.20 -3.55
N ARG D 91 20.14 31.82 -4.25
CA ARG D 91 19.56 33.11 -3.83
C ARG D 91 20.63 34.18 -3.69
N ARG D 92 21.58 34.22 -4.64
CA ARG D 92 22.60 35.26 -4.69
C ARG D 92 22.64 35.94 -6.05
N GLY D 93 21.66 35.71 -6.91
CA GLY D 93 21.60 36.36 -8.20
C GLY D 93 22.29 35.62 -9.32
N LEU D 94 22.88 34.45 -9.04
CA LEU D 94 23.64 33.75 -10.07
C LEU D 94 22.75 33.28 -11.21
N LEU D 95 21.58 32.73 -10.88
CA LEU D 95 20.65 32.31 -11.92
C LEU D 95 20.19 33.47 -12.78
N THR D 96 19.86 34.60 -12.14
CA THR D 96 19.39 35.76 -12.89
C THR D 96 20.46 36.27 -13.85
N THR D 97 21.71 36.34 -13.38
CA THR D 97 22.79 36.83 -14.23
C THR D 97 22.99 35.93 -15.44
N MET D 98 23.04 34.61 -15.23
CA MET D 98 23.25 33.69 -16.34
C MET D 98 22.14 33.80 -17.38
N MET D 99 20.89 34.00 -16.94
CA MET D 99 19.79 34.03 -17.89
C MET D 99 19.77 35.34 -18.67
N ARG D 100 20.18 36.45 -18.05
CA ARG D 100 20.31 37.71 -18.78
C ARG D 100 21.34 37.58 -19.89
N HIS D 101 22.51 37.01 -19.58
CA HIS D 101 23.53 36.82 -20.60
C HIS D 101 23.05 35.85 -21.69
N GLN D 102 22.36 34.78 -21.29
CA GLN D 102 21.93 33.79 -22.26
C GLN D 102 20.91 34.37 -23.23
N LEU D 103 19.90 35.07 -22.72
CA LEU D 103 18.86 35.64 -23.59
C LEU D 103 19.43 36.65 -24.56
N ALA D 104 20.43 37.44 -24.12
CA ALA D 104 21.08 38.37 -25.03
C ALA D 104 21.83 37.63 -26.12
N ASP D 105 22.53 36.56 -25.75
CA ASP D 105 23.24 35.74 -26.74
C ASP D 105 22.27 35.08 -27.70
N ILE D 106 21.11 34.64 -27.21
CA ILE D 106 20.13 33.97 -28.05
C ILE D 106 19.63 34.89 -29.17
N ARG D 107 19.35 36.16 -28.84
CA ARG D 107 18.84 37.07 -29.87
C ARG D 107 19.88 37.35 -30.95
N SER D 108 21.15 37.42 -30.57
CA SER D 108 22.19 37.70 -31.56
C SER D 108 22.42 36.52 -32.51
N ARG D 109 22.02 35.32 -32.11
CA ARG D 109 22.16 34.14 -32.96
C ARG D 109 21.02 33.98 -33.94
N GLY D 110 20.09 34.94 -33.99
CA GLY D 110 18.95 34.88 -34.89
C GLY D 110 17.80 34.04 -34.42
N GLU D 111 17.88 33.47 -33.21
CA GLU D 111 16.79 32.70 -32.64
C GLU D 111 15.74 33.64 -32.08
N SER D 112 14.51 33.53 -32.59
CA SER D 112 13.45 34.44 -32.18
C SER D 112 12.82 34.04 -30.84
N LEU D 113 13.14 32.86 -30.33
CA LEU D 113 12.55 32.41 -29.07
C LEU D 113 13.45 31.32 -28.47
N ALA D 114 13.26 31.10 -27.18
CA ALA D 114 13.90 30.01 -26.46
C ALA D 114 12.83 29.08 -25.90
N MET D 115 13.18 27.80 -25.76
CA MET D 115 12.28 26.80 -25.22
C MET D 115 12.95 26.03 -24.11
N LEU D 116 12.17 25.66 -23.09
CA LEU D 116 12.71 25.11 -21.86
C LEU D 116 11.72 24.15 -21.24
N PHE D 117 12.17 22.92 -20.96
CA PHE D 117 11.32 21.93 -20.31
C PHE D 117 10.98 22.36 -18.89
N ALA D 118 9.72 22.16 -18.50
CA ALA D 118 9.27 22.52 -17.17
C ALA D 118 9.99 21.75 -16.06
N SER D 119 10.56 20.58 -16.38
CA SER D 119 11.28 19.80 -15.37
C SER D 119 12.57 20.47 -14.92
N GLU D 120 13.00 21.55 -15.57
CA GLU D 120 14.09 22.38 -15.08
C GLU D 120 13.54 23.27 -13.96
N ALA D 121 13.30 22.64 -12.82
CA ALA D 121 12.49 23.22 -11.76
C ALA D 121 13.10 24.49 -11.17
N LEU D 122 14.40 24.70 -11.33
CA LEU D 122 15.05 25.81 -10.65
C LEU D 122 14.64 27.17 -11.20
N ILE D 123 14.11 27.23 -12.42
CA ILE D 123 13.71 28.51 -12.99
C ILE D 123 12.28 28.47 -13.52
N TYR D 124 11.47 27.58 -12.95
CA TYR D 124 10.08 27.47 -13.38
C TYR D 124 9.38 28.82 -13.23
N GLY D 125 8.82 29.32 -14.34
CA GLY D 125 8.00 30.52 -14.32
C GLY D 125 8.75 31.82 -14.15
N ARG D 126 10.07 31.85 -14.32
CA ARG D 126 10.84 33.06 -14.13
C ARG D 126 11.32 33.62 -15.46
N PHE D 127 11.75 34.88 -15.43
CA PHE D 127 12.48 35.54 -16.51
C PHE D 127 11.65 35.72 -17.78
N GLY D 128 10.33 35.62 -17.69
CA GLY D 128 9.50 35.72 -18.87
C GLY D 128 9.16 34.41 -19.55
N TYR D 129 9.62 33.28 -19.00
CA TYR D 129 9.22 31.99 -19.51
C TYR D 129 7.76 31.71 -19.15
N GLY D 130 6.98 31.31 -20.14
CA GLY D 130 5.58 30.95 -19.93
C GLY D 130 5.31 29.55 -20.46
N VAL D 131 4.54 28.77 -19.70
CA VAL D 131 4.17 27.43 -20.13
C VAL D 131 3.27 27.55 -21.36
N ALA D 132 3.72 26.99 -22.49
CA ALA D 132 2.99 27.05 -23.74
C ALA D 132 2.54 25.71 -24.28
N THR D 133 3.11 24.61 -23.81
CA THR D 133 2.79 23.28 -24.30
C THR D 133 2.61 22.34 -23.13
N GLU D 134 1.66 21.43 -23.24
CA GLU D 134 1.43 20.42 -22.23
C GLU D 134 1.74 19.03 -22.79
N SER D 135 1.91 18.08 -21.88
CA SER D 135 2.07 16.68 -22.24
C SER D 135 1.11 15.86 -21.40
N ALA D 136 0.77 14.68 -21.91
CA ALA D 136 -0.16 13.78 -21.26
C ALA D 136 0.52 12.47 -20.93
N GLU D 137 0.31 11.97 -19.72
CA GLU D 137 0.68 10.60 -19.38
C GLU D 137 -0.53 9.70 -19.62
N LEU D 138 -0.40 8.80 -20.59
CA LEU D 138 -1.46 7.86 -20.93
C LEU D 138 -1.09 6.48 -20.42
N SER D 139 -2.05 5.80 -19.79
CA SER D 139 -1.78 4.50 -19.21
C SER D 139 -3.09 3.72 -19.04
N GLY D 140 -2.96 2.41 -18.95
CA GLY D 140 -4.12 1.57 -18.75
C GLY D 140 -3.79 0.12 -19.00
N GLN D 141 -4.76 -0.73 -18.66
CA GLN D 141 -4.65 -2.16 -18.90
C GLN D 141 -4.84 -2.44 -20.39
N VAL D 142 -3.86 -3.13 -21.00
CA VAL D 142 -3.90 -3.35 -22.44
C VAL D 142 -5.12 -4.17 -22.86
N ARG D 143 -5.60 -5.06 -21.97
CA ARG D 143 -6.78 -5.86 -22.32
C ARG D 143 -8.04 -5.01 -22.41
N GLU D 144 -8.03 -3.80 -21.86
CA GLU D 144 -9.21 -2.94 -21.85
C GLU D 144 -9.15 -1.86 -22.93
N LEU D 145 -8.16 -1.90 -23.81
CA LEU D 145 -7.92 -0.80 -24.75
C LEU D 145 -8.20 -1.20 -26.19
N ALA D 146 -9.30 -1.94 -26.40
CA ALA D 146 -9.76 -2.21 -27.75
C ALA D 146 -10.15 -0.90 -28.44
N PHE D 147 -10.00 -0.89 -29.76
CA PHE D 147 -10.33 0.28 -30.56
C PHE D 147 -11.79 0.26 -31.00
N ARG D 148 -12.27 1.43 -31.43
CA ARG D 148 -13.57 1.51 -32.07
C ARG D 148 -13.57 0.64 -33.34
N PRO D 149 -14.68 -0.01 -33.68
CA PRO D 149 -14.63 -0.99 -34.78
C PRO D 149 -14.35 -0.37 -36.14
N THR D 150 -14.70 0.90 -36.34
CA THR D 150 -14.48 1.57 -37.62
C THR D 150 -13.04 2.01 -37.84
N VAL D 151 -12.12 1.68 -36.95
CA VAL D 151 -10.73 2.09 -37.09
C VAL D 151 -10.02 1.12 -38.03
N ASP D 152 -9.55 1.62 -39.17
CA ASP D 152 -8.88 0.79 -40.16
C ASP D 152 -7.41 0.62 -39.80
N LEU D 153 -6.99 -0.63 -39.62
CA LEU D 153 -5.59 -0.94 -39.32
C LEU D 153 -4.73 -1.13 -40.55
N GLY D 154 -5.35 -1.34 -41.72
CA GLY D 154 -4.60 -1.49 -42.95
C GLY D 154 -3.96 -2.87 -43.10
N ASP D 155 -3.20 -3.01 -44.18
CA ASP D 155 -2.55 -4.26 -44.53
C ASP D 155 -1.08 -4.30 -44.11
N GLY D 156 -0.67 -3.39 -43.22
CA GLY D 156 0.73 -3.24 -42.90
C GLY D 156 1.31 -4.41 -42.11
N THR D 157 2.64 -4.43 -42.05
CA THR D 157 3.37 -5.43 -41.31
C THR D 157 4.37 -4.74 -40.38
N LEU D 158 4.83 -5.48 -39.37
CA LEU D 158 5.70 -4.93 -38.33
C LEU D 158 6.91 -5.83 -38.14
N GLU D 159 8.03 -5.19 -37.76
CA GLU D 159 9.25 -5.91 -37.44
C GLU D 159 9.92 -5.24 -36.25
N GLU D 160 10.33 -6.02 -35.26
CA GLU D 160 11.21 -5.49 -34.22
C GLU D 160 12.63 -5.53 -34.75
N VAL D 161 13.31 -4.38 -34.70
CA VAL D 161 14.56 -4.21 -35.41
C VAL D 161 15.58 -3.53 -34.50
N SER D 162 16.85 -3.56 -34.94
CA SER D 162 17.93 -2.96 -34.19
C SER D 162 17.91 -1.45 -34.30
N ALA D 163 18.69 -0.80 -33.44
CA ALA D 163 18.81 0.66 -33.48
C ALA D 163 19.34 1.14 -34.82
N GLU D 164 20.35 0.44 -35.36
CA GLU D 164 20.94 0.84 -36.62
C GLU D 164 19.92 0.82 -37.75
N THR D 165 19.17 -0.28 -37.87
CA THR D 165 18.13 -0.35 -38.89
C THR D 165 17.01 0.65 -38.62
N PHE D 166 16.65 0.82 -37.33
CA PHE D 166 15.63 1.81 -36.97
C PHE D 166 16.03 3.19 -37.48
N LEU D 167 17.30 3.58 -37.29
CA LEU D 167 17.74 4.90 -37.70
C LEU D 167 17.87 5.05 -39.21
N ALA D 168 17.73 3.97 -39.97
CA ALA D 168 17.75 4.06 -41.42
C ALA D 168 16.40 4.43 -42.01
N SER D 169 15.32 4.26 -41.26
CA SER D 169 13.96 4.55 -41.72
C SER D 169 13.24 5.58 -40.87
N ALA D 170 13.47 5.59 -39.57
CA ALA D 170 12.74 6.51 -38.69
C ALA D 170 12.94 7.99 -39.02
N PRO D 171 14.14 8.48 -39.36
CA PRO D 171 14.26 9.92 -39.65
C PRO D 171 13.35 10.41 -40.77
N ALA D 172 13.21 9.61 -41.84
CA ALA D 172 12.34 10.03 -42.95
C ALA D 172 10.87 10.07 -42.53
N ILE D 173 10.44 9.10 -41.73
CA ILE D 173 9.08 9.11 -41.21
C ILE D 173 8.85 10.34 -40.33
N TYR D 174 9.80 10.60 -39.42
CA TYR D 174 9.69 11.75 -38.53
C TYR D 174 9.62 13.06 -39.32
N ASP D 175 10.52 13.23 -40.29
CA ASP D 175 10.55 14.46 -41.08
C ASP D 175 9.25 14.71 -41.82
N ALA D 176 8.50 13.65 -42.14
CA ALA D 176 7.30 13.81 -42.94
C ALA D 176 6.07 14.21 -42.11
N VAL D 177 6.05 13.89 -40.83
CA VAL D 177 4.84 14.12 -40.03
C VAL D 177 4.92 15.40 -39.20
N ILE D 178 6.14 15.83 -38.86
CA ILE D 178 6.28 16.92 -37.90
C ILE D 178 5.88 18.29 -38.44
N PRO D 179 5.85 18.56 -39.76
CA PRO D 179 5.26 19.83 -40.22
C PRO D 179 3.83 20.05 -39.75
N GLY D 180 3.11 18.99 -39.39
CA GLY D 180 1.78 19.09 -38.84
C GLY D 180 1.69 18.94 -37.34
N LEU D 181 2.83 18.90 -36.64
CA LEU D 181 2.87 18.74 -35.18
C LEU D 181 3.69 19.88 -34.59
N PRO D 182 3.10 21.06 -34.41
CA PRO D 182 3.83 22.17 -33.83
C PRO D 182 4.41 21.80 -32.47
N GLY D 183 5.62 22.30 -32.21
CA GLY D 183 6.36 21.98 -31.01
C GLY D 183 7.46 20.97 -31.20
N GLN D 184 7.33 20.11 -32.20
CA GLN D 184 8.37 19.13 -32.50
C GLN D 184 9.60 19.83 -33.06
N MET D 185 10.77 19.20 -32.85
CA MET D 185 12.03 19.78 -33.27
C MET D 185 12.73 18.88 -34.26
N SER D 186 13.47 19.49 -35.19
CA SER D 186 14.28 18.74 -36.14
C SER D 186 15.28 17.86 -35.40
N ARG D 187 15.55 16.69 -35.96
CA ARG D 187 16.46 15.72 -35.36
C ARG D 187 17.56 15.41 -36.35
N THR D 188 18.75 15.94 -36.11
CA THR D 188 19.94 15.57 -36.84
C THR D 188 20.32 14.15 -36.44
N PRO D 189 21.27 13.52 -37.15
CA PRO D 189 21.78 12.22 -36.68
C PRO D 189 22.23 12.24 -35.23
N GLU D 190 22.87 13.32 -34.79
CA GLU D 190 23.37 13.39 -33.43
C GLU D 190 22.23 13.42 -32.41
N TRP D 191 21.13 14.11 -32.71
CA TRP D 191 20.00 14.12 -31.79
C TRP D 191 19.27 12.78 -31.78
N TRP D 192 19.19 12.11 -32.93
CA TRP D 192 18.63 10.75 -32.95
C TRP D 192 19.46 9.81 -32.08
N ALA D 193 20.79 9.98 -32.08
CA ALA D 193 21.64 9.12 -31.27
C ALA D 193 21.33 9.25 -29.79
N SER D 194 21.04 10.47 -29.33
CA SER D 194 20.67 10.66 -27.93
C SER D 194 19.26 10.15 -27.68
N TRP D 195 18.34 10.42 -28.59
CA TRP D 195 16.94 10.01 -28.42
C TRP D 195 16.81 8.49 -28.38
N THR D 196 17.65 7.76 -29.11
CA THR D 196 17.58 6.31 -29.16
C THR D 196 18.62 5.63 -28.28
N LEU D 197 19.33 6.40 -27.45
CA LEU D 197 20.33 5.81 -26.57
C LEU D 197 19.67 4.85 -25.58
N ASP D 198 20.26 3.67 -25.43
CA ASP D 198 19.80 2.69 -24.44
C ASP D 198 20.40 3.06 -23.08
N SER D 199 19.91 4.18 -22.54
CA SER D 199 20.51 4.77 -21.35
C SER D 199 20.43 3.81 -20.17
N GLU D 200 21.50 3.76 -19.38
CA GLU D 200 21.52 2.93 -18.19
C GLU D 200 20.44 3.36 -17.21
N GLU D 201 20.15 4.66 -17.13
CA GLU D 201 19.11 5.16 -16.24
C GLU D 201 17.77 4.52 -16.54
N LEU D 202 17.37 4.50 -17.81
CA LEU D 202 16.06 3.98 -18.15
C LEU D 202 16.02 2.45 -18.16
N GLN D 203 17.17 1.80 -18.36
CA GLN D 203 17.21 0.34 -18.23
C GLN D 203 16.83 -0.09 -16.82
N LYS D 204 17.30 0.63 -15.81
CA LYS D 204 16.96 0.29 -14.43
C LYS D 204 15.48 0.53 -14.13
N GLU D 205 14.89 1.57 -14.73
CA GLU D 205 13.46 1.83 -14.51
C GLU D 205 12.59 0.79 -15.21
N SER D 206 13.08 0.15 -16.26
CA SER D 206 12.29 -0.82 -17.02
C SER D 206 13.18 -1.88 -17.64
N GLY D 207 13.72 -1.61 -18.82
CA GLY D 207 14.53 -2.58 -19.51
C GLY D 207 15.23 -1.96 -20.71
N LYS D 208 15.88 -2.81 -21.49
CA LYS D 208 16.63 -2.34 -22.65
C LYS D 208 15.67 -1.81 -23.71
N VAL D 209 16.08 -0.73 -24.38
CA VAL D 209 15.22 -0.08 -25.37
C VAL D 209 15.02 -1.00 -26.57
N ARG D 210 13.83 -0.92 -27.17
CA ARG D 210 13.45 -1.73 -28.33
C ARG D 210 12.83 -0.84 -29.39
N PHE D 211 12.98 -1.25 -30.65
CA PHE D 211 12.56 -0.45 -31.79
C PHE D 211 11.65 -1.26 -32.71
N VAL D 212 10.58 -0.64 -33.16
CA VAL D 212 9.61 -1.28 -34.05
C VAL D 212 9.47 -0.42 -35.30
N LEU D 213 9.38 -1.07 -36.45
CA LEU D 213 9.11 -0.40 -37.72
C LEU D 213 7.85 -0.99 -38.34
N HIS D 214 6.99 -0.12 -38.86
CA HIS D 214 5.79 -0.52 -39.58
C HIS D 214 6.02 -0.33 -41.07
N TYR D 215 5.74 -1.38 -41.85
CA TYR D 215 5.90 -1.36 -43.29
C TYR D 215 4.55 -1.46 -43.98
N GLU D 216 4.36 -0.63 -45.01
CA GLU D 216 3.21 -0.78 -45.89
C GLU D 216 3.34 -2.06 -46.70
N SER D 217 2.26 -2.40 -47.41
CA SER D 217 2.25 -3.64 -48.19
C SER D 217 3.31 -3.61 -49.30
N ASP D 218 3.64 -2.43 -49.81
CA ASP D 218 4.66 -2.31 -50.84
C ASP D 218 6.08 -2.28 -50.27
N GLY D 219 6.24 -2.41 -48.95
CA GLY D 219 7.54 -2.38 -48.33
C GLY D 219 7.96 -1.04 -47.77
N THR D 220 7.21 0.02 -48.06
CA THR D 220 7.58 1.36 -47.60
C THR D 220 7.42 1.46 -46.09
N ALA D 221 8.48 1.90 -45.41
CA ALA D 221 8.38 2.18 -43.98
C ALA D 221 7.51 3.40 -43.75
N SER D 222 6.48 3.26 -42.92
CA SER D 222 5.52 4.33 -42.70
C SER D 222 5.22 4.61 -41.24
N GLY D 223 5.84 3.89 -40.31
CA GLY D 223 5.61 4.14 -38.90
C GLY D 223 6.68 3.47 -38.07
N PHE D 224 6.80 3.95 -36.82
CA PHE D 224 7.79 3.37 -35.93
C PHE D 224 7.34 3.55 -34.49
N ALA D 225 7.99 2.80 -33.60
CA ALA D 225 7.75 2.89 -32.16
C ALA D 225 9.06 2.67 -31.42
N ILE D 226 9.21 3.37 -30.31
CA ILE D 226 10.31 3.16 -29.37
C ILE D 226 9.68 2.83 -28.02
N TYR D 227 10.09 1.71 -27.42
CA TYR D 227 9.48 1.29 -26.17
C TYR D 227 10.48 0.46 -25.37
N ARG D 228 10.15 0.27 -24.10
CA ARG D 228 10.92 -0.55 -23.19
C ARG D 228 9.99 -1.48 -22.41
N PRO D 229 10.37 -2.74 -22.23
CA PRO D 229 9.60 -3.64 -21.38
C PRO D 229 9.99 -3.51 -19.92
N LYS D 230 9.00 -3.67 -19.06
CA LYS D 230 9.22 -3.76 -17.61
C LYS D 230 8.64 -5.09 -17.15
N PRO D 231 9.45 -6.14 -17.04
CA PRO D 231 8.90 -7.46 -16.72
C PRO D 231 8.31 -7.51 -15.32
N GLY D 232 7.46 -8.51 -15.11
CA GLY D 232 6.71 -8.58 -13.88
C GLY D 232 7.61 -8.73 -12.66
N TRP D 233 7.17 -8.14 -11.56
CA TRP D 233 7.92 -8.17 -10.31
C TRP D 233 6.99 -8.32 -9.11
N ALA D 236 2.93 -10.06 -5.69
CA ALA D 236 1.53 -10.35 -5.96
C ALA D 236 1.34 -10.91 -7.38
N GLY D 237 0.35 -10.39 -8.09
CA GLY D 237 -0.01 -10.91 -9.39
C GLY D 237 0.93 -10.45 -10.48
N PRO D 238 0.68 -10.96 -11.69
CA PRO D 238 1.51 -10.57 -12.84
C PRO D 238 1.22 -9.13 -13.25
N ASN D 239 2.27 -8.41 -13.66
CA ASN D 239 2.14 -6.98 -13.90
C ASN D 239 3.22 -6.43 -14.84
N ALA D 240 3.50 -7.14 -15.93
CA ALA D 240 4.48 -6.65 -16.89
C ALA D 240 3.95 -5.41 -17.60
N GLU D 241 4.83 -4.43 -17.79
CA GLU D 241 4.46 -3.15 -18.38
C GLU D 241 5.27 -2.88 -19.63
N LEU D 242 4.70 -2.06 -20.52
CA LEU D 242 5.42 -1.46 -21.64
C LEU D 242 5.50 0.03 -21.41
N HIS D 243 6.71 0.58 -21.50
CA HIS D 243 6.94 2.02 -21.36
C HIS D 243 7.23 2.56 -22.76
N VAL D 244 6.25 3.23 -23.34
CA VAL D 244 6.37 3.73 -24.70
C VAL D 244 7.08 5.07 -24.67
N GLN D 245 8.12 5.21 -25.51
CA GLN D 245 8.81 6.48 -25.64
C GLN D 245 8.26 7.31 -26.79
N GLU D 246 7.84 6.68 -27.88
CA GLU D 246 7.34 7.43 -29.04
C GLU D 246 6.67 6.49 -30.02
N VAL D 247 5.57 6.93 -30.61
CA VAL D 247 4.91 6.24 -31.72
C VAL D 247 4.45 7.29 -32.73
N LEU D 248 4.87 7.11 -33.99
CA LEU D 248 4.48 8.04 -35.06
C LEU D 248 4.23 7.25 -36.34
N GLY D 249 3.36 7.80 -37.17
CA GLY D 249 3.05 7.19 -38.46
C GLY D 249 2.65 8.24 -39.47
N THR D 250 2.95 7.97 -40.74
CA THR D 250 2.66 8.91 -41.82
C THR D 250 1.21 8.84 -42.30
N ASN D 251 0.42 7.91 -41.79
CA ASN D 251 -0.99 7.80 -42.14
C ASN D 251 -1.72 7.17 -40.96
N PRO D 252 -3.05 7.33 -40.89
CA PRO D 252 -3.77 6.80 -39.72
C PRO D 252 -3.66 5.29 -39.55
N ARG D 253 -3.51 4.55 -40.65
CA ARG D 253 -3.46 3.09 -40.57
C ARG D 253 -2.16 2.61 -39.92
N SER D 254 -1.02 3.18 -40.31
CA SER D 254 0.24 2.76 -39.72
C SER D 254 0.31 3.13 -38.25
N TYR D 255 -0.20 4.32 -37.89
CA TYR D 255 -0.26 4.73 -36.50
C TYR D 255 -1.09 3.76 -35.67
N ALA D 256 -2.32 3.48 -36.13
CA ALA D 256 -3.21 2.61 -35.35
C ALA D 256 -2.70 1.18 -35.29
N ARG D 257 -2.14 0.68 -36.40
CA ARG D 257 -1.63 -0.68 -36.43
C ARG D 257 -0.43 -0.85 -35.50
N THR D 258 0.44 0.17 -35.43
CA THR D 258 1.60 0.11 -34.55
C THR D 258 1.17 0.08 -33.08
N TRP D 259 0.19 0.91 -32.71
CA TRP D 259 -0.32 0.86 -31.34
C TRP D 259 -1.01 -0.47 -31.07
N ARG D 260 -1.78 -0.97 -32.02
CA ARG D 260 -2.41 -2.28 -31.85
C ARG D 260 -1.36 -3.36 -31.61
N TYR D 261 -0.19 -3.24 -32.25
CA TYR D 261 0.89 -4.20 -32.00
C TYR D 261 1.35 -4.17 -30.54
N LEU D 262 1.56 -2.97 -30.00
CA LEU D 262 2.00 -2.85 -28.61
C LEU D 262 0.92 -3.32 -27.65
N LEU D 263 -0.35 -3.05 -27.98
CA LEU D 263 -1.43 -3.36 -27.04
C LEU D 263 -1.78 -4.83 -27.02
N ASP D 264 -1.54 -5.56 -28.12
CA ASP D 264 -1.84 -6.98 -28.18
C ASP D 264 -0.64 -7.86 -27.84
N MET D 265 0.49 -7.27 -27.46
CA MET D 265 1.68 -8.05 -27.16
C MET D 265 1.45 -9.00 -26.00
N ASP D 266 1.91 -10.23 -26.17
CA ASP D 266 1.66 -11.27 -25.19
C ASP D 266 2.45 -11.00 -23.92
N LEU D 267 1.88 -11.40 -22.79
CA LEU D 267 2.43 -11.23 -21.44
C LEU D 267 2.43 -9.79 -20.94
N VAL D 268 1.77 -8.86 -21.63
CA VAL D 268 1.71 -7.47 -21.18
C VAL D 268 0.42 -7.26 -20.38
N ARG D 269 0.53 -6.54 -19.27
CA ARG D 269 -0.63 -6.15 -18.47
C ARG D 269 -0.97 -4.68 -18.60
N LYS D 270 0.02 -3.80 -18.49
CA LYS D 270 -0.20 -2.35 -18.46
C LYS D 270 0.73 -1.68 -19.46
N ILE D 271 0.28 -0.57 -20.02
CA ILE D 271 1.09 0.21 -20.94
C ILE D 271 1.09 1.65 -20.46
N LYS D 272 2.20 2.35 -20.68
CA LYS D 272 2.36 3.73 -20.25
C LYS D 272 3.06 4.54 -21.33
N TYR D 273 2.52 5.72 -21.62
CA TYR D 273 3.13 6.66 -22.57
C TYR D 273 3.23 8.00 -21.85
N HIS D 274 4.39 8.29 -21.27
CA HIS D 274 4.65 9.58 -20.67
C HIS D 274 5.16 10.54 -21.75
N GLY D 275 4.70 11.78 -21.70
CA GLY D 275 5.14 12.76 -22.66
C GLY D 275 4.42 12.72 -24.00
N ALA D 276 3.21 12.17 -24.04
CA ALA D 276 2.42 12.19 -25.25
C ALA D 276 1.75 13.55 -25.41
N SER D 277 1.14 13.76 -26.58
CA SER D 277 0.33 14.95 -26.79
C SER D 277 -0.98 14.82 -26.02
N VAL D 278 -1.47 15.96 -25.50
CA VAL D 278 -2.77 15.97 -24.84
C VAL D 278 -3.89 15.65 -25.83
N GLN D 279 -3.61 15.72 -27.13
CA GLN D 279 -4.53 15.30 -28.17
C GLN D 279 -3.94 14.14 -28.97
N GLU D 280 -3.22 13.26 -28.28
CA GLU D 280 -2.70 12.05 -28.90
C GLU D 280 -3.84 11.26 -29.54
N GLU D 281 -3.65 10.89 -30.82
CA GLU D 281 -4.71 10.19 -31.55
C GLU D 281 -5.11 8.90 -30.86
N LEU D 282 -4.19 8.26 -30.13
CA LEU D 282 -4.52 7.05 -29.38
C LEU D 282 -5.73 7.26 -28.49
N ARG D 283 -5.85 8.44 -27.87
CA ARG D 283 -6.96 8.70 -26.96
C ARG D 283 -8.31 8.53 -27.64
N TYR D 284 -8.38 8.82 -28.93
CA TYR D 284 -9.63 8.76 -29.67
C TYR D 284 -9.81 7.46 -30.45
N LEU D 285 -8.74 6.68 -30.62
CA LEU D 285 -8.90 5.34 -31.19
C LEU D 285 -9.53 4.39 -30.19
N VAL D 286 -9.17 4.53 -28.91
CA VAL D 286 -9.68 3.63 -27.87
C VAL D 286 -11.20 3.75 -27.79
N ALA D 287 -11.88 2.60 -27.76
CA ALA D 287 -13.33 2.61 -27.73
C ALA D 287 -13.87 3.10 -26.39
N ASN D 288 -13.19 2.76 -25.30
CA ASN D 288 -13.64 3.09 -23.94
C ASN D 288 -12.62 4.03 -23.31
N HIS D 289 -12.84 5.34 -23.46
CA HIS D 289 -11.91 6.32 -22.91
C HIS D 289 -11.56 6.12 -21.43
N PRO D 290 -12.49 5.80 -20.54
CA PRO D 290 -12.11 5.64 -19.12
C PRO D 290 -11.05 4.58 -18.87
N SER D 291 -10.82 3.66 -19.81
CA SER D 291 -9.76 2.68 -19.64
C SER D 291 -8.38 3.26 -19.86
N LEU D 292 -8.27 4.42 -20.50
CA LEU D 292 -6.99 5.07 -20.76
C LEU D 292 -6.93 6.34 -19.93
N GLU D 293 -6.25 6.27 -18.78
CA GLU D 293 -6.13 7.43 -17.91
C GLU D 293 -5.27 8.49 -18.59
N CYS D 294 -5.64 9.76 -18.41
CA CYS D 294 -4.97 10.89 -19.04
C CYS D 294 -4.65 11.95 -17.99
N VAL D 295 -3.37 12.10 -17.66
CA VAL D 295 -2.90 13.10 -16.70
C VAL D 295 -2.14 14.17 -17.47
N VAL D 296 -2.61 15.41 -17.37
CA VAL D 296 -2.06 16.54 -18.12
C VAL D 296 -1.16 17.36 -17.21
N SER D 297 0.01 17.74 -17.72
CA SER D 297 0.96 18.54 -16.95
C SER D 297 1.77 19.41 -17.90
N ASP D 298 2.54 20.33 -17.32
CA ASP D 298 3.39 21.23 -18.11
C ASP D 298 4.40 20.44 -18.93
N ALA D 299 4.75 20.99 -20.09
CA ALA D 299 5.80 20.43 -20.92
C ALA D 299 6.88 21.45 -21.22
N ILE D 300 6.59 22.38 -22.13
CA ILE D 300 7.58 23.32 -22.65
C ILE D 300 7.20 24.74 -22.24
N GLN D 301 8.18 25.50 -21.76
CA GLN D 301 8.04 26.93 -21.55
C GLN D 301 8.68 27.68 -22.69
N VAL D 302 8.05 28.78 -23.10
CA VAL D 302 8.52 29.61 -24.21
C VAL D 302 8.97 30.95 -23.66
N ARG D 303 10.14 31.41 -24.10
CA ARG D 303 10.64 32.74 -23.81
C ARG D 303 10.82 33.48 -25.13
N LEU D 304 9.92 34.41 -25.43
CA LEU D 304 10.03 35.22 -26.64
C LEU D 304 11.14 36.26 -26.46
N VAL D 305 12.10 36.26 -27.38
CA VAL D 305 13.19 37.23 -27.35
C VAL D 305 13.09 38.23 -28.49
N ASP D 306 12.48 37.86 -29.62
CA ASP D 306 12.20 38.76 -30.74
C ASP D 306 10.70 38.67 -30.98
N ILE D 307 9.96 39.55 -30.32
CA ILE D 307 8.49 39.48 -30.37
C ILE D 307 7.95 39.71 -31.78
N PRO D 308 8.30 40.79 -32.49
CA PRO D 308 7.71 40.99 -33.84
C PRO D 308 8.00 39.85 -34.80
N ARG D 309 9.25 39.35 -34.81
CA ARG D 309 9.60 38.27 -35.72
C ARG D 309 8.88 36.98 -35.36
N ALA D 310 8.70 36.71 -34.06
CA ALA D 310 8.06 35.47 -33.64
C ALA D 310 6.61 35.41 -34.11
N LEU D 311 5.86 36.50 -33.91
CA LEU D 311 4.46 36.51 -34.38
C LEU D 311 4.37 36.46 -35.90
N ALA D 312 5.37 36.98 -36.60
CA ALA D 312 5.35 36.95 -38.05
C ALA D 312 5.79 35.60 -38.61
N GLN D 313 6.40 34.75 -37.79
CA GLN D 313 6.90 33.47 -38.24
C GLN D 313 5.84 32.38 -38.20
N ARG D 314 4.92 32.43 -37.24
CA ARG D 314 3.85 31.45 -37.16
C ARG D 314 2.66 31.88 -38.00
N ARG D 315 1.72 30.95 -38.18
CA ARG D 315 0.44 31.21 -38.81
C ARG D 315 -0.68 31.08 -37.79
N TYR D 316 -1.84 31.58 -38.15
CA TYR D 316 -2.94 31.73 -37.20
C TYR D 316 -4.18 31.02 -37.73
N ALA D 317 -4.97 30.48 -36.78
CA ALA D 317 -6.10 29.62 -37.14
C ALA D 317 -7.18 30.39 -37.90
N ALA D 318 -7.26 31.70 -37.70
CA ALA D 318 -8.19 32.55 -38.42
C ALA D 318 -7.59 33.95 -38.53
N ASP D 319 -8.22 34.78 -39.35
CA ASP D 319 -7.75 36.14 -39.54
C ASP D 319 -7.81 36.92 -38.23
N VAL D 320 -6.82 37.77 -38.01
CA VAL D 320 -6.76 38.59 -36.80
C VAL D 320 -6.06 39.91 -37.14
N ASP D 321 -6.60 41.00 -36.60
CA ASP D 321 -5.98 42.33 -36.69
C ASP D 321 -6.16 42.96 -35.32
N VAL D 322 -5.11 42.89 -34.50
CA VAL D 322 -5.19 43.28 -33.09
C VAL D 322 -3.93 44.04 -32.71
N VAL D 323 -4.08 44.98 -31.78
CA VAL D 323 -2.97 45.77 -31.27
C VAL D 323 -2.67 45.28 -29.85
N LEU D 324 -1.43 44.84 -29.63
CA LEU D 324 -1.02 44.26 -28.37
C LEU D 324 -0.05 45.20 -27.65
N GLU D 325 -0.42 45.62 -26.44
CA GLU D 325 0.48 46.38 -25.57
C GLU D 325 1.24 45.37 -24.71
N VAL D 326 2.48 45.09 -25.09
CA VAL D 326 3.28 44.04 -24.47
C VAL D 326 4.23 44.67 -23.45
N THR D 327 4.24 44.14 -22.24
CA THR D 327 5.16 44.55 -21.20
C THR D 327 6.15 43.42 -20.92
N ASP D 328 7.43 43.74 -21.00
CA ASP D 328 8.51 42.78 -20.74
C ASP D 328 9.29 43.29 -19.55
N ASP D 329 9.06 42.69 -18.38
CA ASP D 329 9.70 43.17 -17.16
C ASP D 329 11.19 42.86 -17.15
N PHE D 330 11.57 41.66 -17.63
CA PHE D 330 12.96 41.22 -17.54
C PHE D 330 13.83 41.91 -18.58
N LEU D 331 13.36 42.03 -19.82
CA LEU D 331 14.07 42.68 -20.92
C LEU D 331 13.21 43.84 -21.43
N PRO D 332 13.25 44.99 -20.75
CA PRO D 332 12.35 46.09 -21.12
C PRO D 332 12.53 46.61 -22.54
N GLU D 333 13.62 46.28 -23.23
CA GLU D 333 13.77 46.73 -24.60
C GLU D 333 12.78 46.07 -25.54
N ASN D 334 12.16 44.96 -25.12
CA ASN D 334 11.13 44.30 -25.91
C ASN D 334 9.73 44.87 -25.66
N SER D 335 9.57 45.69 -24.63
CA SER D 335 8.28 46.30 -24.36
C SER D 335 7.88 47.23 -25.51
N GLY D 336 6.59 47.24 -25.82
CA GLY D 336 6.10 48.09 -26.90
C GLY D 336 4.70 47.70 -27.31
N ARG D 337 4.18 48.48 -28.24
CA ARG D 337 2.83 48.31 -28.76
C ARG D 337 2.92 47.80 -30.20
N TYR D 338 2.40 46.59 -30.43
CA TYR D 338 2.58 45.90 -31.70
C TYR D 338 1.23 45.63 -32.35
N ARG D 339 1.14 45.88 -33.65
CA ARG D 339 -0.03 45.53 -34.42
C ARG D 339 0.23 44.21 -35.13
N LEU D 340 -0.57 43.20 -34.82
CA LEU D 340 -0.45 41.88 -35.43
C LEU D 340 -1.56 41.69 -36.45
N ARG D 341 -1.18 41.41 -37.69
CA ARG D 341 -2.12 41.05 -38.75
C ARG D 341 -1.68 39.70 -39.30
N GLY D 342 -2.49 38.67 -39.06
CA GLY D 342 -2.12 37.32 -39.41
C GLY D 342 -3.32 36.49 -39.78
N GLY D 343 -3.05 35.36 -40.40
CA GLY D 343 -4.07 34.42 -40.80
C GLY D 343 -3.45 33.08 -41.08
N LEU D 344 -4.17 32.27 -41.87
CA LEU D 344 -3.67 30.95 -42.22
C LEU D 344 -2.48 31.06 -43.16
N ASP D 345 -2.48 32.03 -44.08
CA ASP D 345 -1.45 32.13 -45.09
C ASP D 345 -0.60 33.39 -45.00
N HIS D 346 -0.80 34.22 -43.97
CA HIS D 346 -0.05 35.47 -43.85
C HIS D 346 0.14 35.80 -42.38
N ALA D 347 1.17 36.62 -42.11
CA ALA D 347 1.44 37.11 -40.76
C ALA D 347 2.43 38.26 -40.79
N SER D 348 2.10 39.36 -40.11
CA SER D 348 3.01 40.49 -39.98
C SER D 348 2.86 41.09 -38.59
N CYS D 349 3.90 41.76 -38.13
CA CYS D 349 3.88 42.37 -36.80
C CYS D 349 4.87 43.53 -36.77
N GLU D 350 4.42 44.69 -36.30
CA GLU D 350 5.25 45.89 -36.27
C GLU D 350 4.74 46.79 -35.16
N ILE D 351 5.62 47.67 -34.68
CA ILE D 351 5.21 48.69 -33.72
C ILE D 351 4.21 49.63 -34.40
N THR D 352 3.19 50.02 -33.65
CA THR D 352 2.15 50.90 -34.15
C THR D 352 1.80 51.92 -33.08
N THR D 353 1.20 53.03 -33.52
CA THR D 353 0.70 54.05 -32.61
C THR D 353 -0.81 54.02 -32.48
N ASP D 354 -1.48 53.05 -33.10
CA ASP D 354 -2.92 52.91 -32.93
C ASP D 354 -3.26 52.56 -31.49
N ASP D 355 -4.54 52.66 -31.16
CA ASP D 355 -4.99 52.33 -29.81
C ASP D 355 -4.84 50.84 -29.55
N ALA D 356 -4.34 50.49 -28.37
CA ALA D 356 -4.12 49.10 -28.01
C ALA D 356 -5.43 48.40 -27.69
N ASP D 357 -5.52 47.12 -28.07
CA ASP D 357 -6.68 46.29 -27.80
C ASP D 357 -6.50 45.39 -26.59
N ILE D 358 -5.28 44.90 -26.35
CA ILE D 358 -5.00 43.92 -25.30
C ILE D 358 -3.70 44.31 -24.61
N ALA D 359 -3.69 44.24 -23.28
CA ALA D 359 -2.50 44.45 -22.47
C ALA D 359 -2.11 43.15 -21.79
N LEU D 360 -0.86 42.75 -21.95
CA LEU D 360 -0.40 41.49 -21.38
C LEU D 360 1.12 41.51 -21.28
N THR D 361 1.65 40.59 -20.48
CA THR D 361 3.09 40.44 -20.32
C THR D 361 3.66 39.55 -21.42
N VAL D 362 4.98 39.63 -21.61
CA VAL D 362 5.63 38.76 -22.59
C VAL D 362 5.56 37.31 -22.14
N ARG D 363 5.52 37.06 -20.83
CA ARG D 363 5.34 35.70 -20.33
C ARG D 363 4.01 35.12 -20.78
N ASP D 364 2.93 35.88 -20.58
CA ASP D 364 1.61 35.41 -20.99
C ASP D 364 1.51 35.32 -22.51
N LEU D 365 2.16 36.24 -23.23
CA LEU D 365 2.21 36.14 -24.68
C LEU D 365 2.91 34.87 -25.12
N GLY D 366 4.01 34.50 -24.46
CA GLY D 366 4.69 33.26 -24.77
C GLY D 366 3.83 32.04 -24.49
N SER D 367 2.96 32.12 -23.48
CA SER D 367 2.13 30.98 -23.11
C SER D 367 1.15 30.64 -24.22
N VAL D 368 0.60 31.65 -24.90
CA VAL D 368 -0.39 31.41 -25.95
C VAL D 368 0.26 31.21 -27.32
N TYR D 369 1.58 31.33 -27.42
CA TYR D 369 2.22 31.44 -28.72
C TYR D 369 2.13 30.15 -29.54
N MET D 370 2.10 28.98 -28.88
CA MET D 370 2.10 27.71 -29.58
C MET D 370 0.71 27.13 -29.74
N GLY D 371 -0.34 27.87 -29.38
CA GLY D 371 -1.69 27.36 -29.51
C GLY D 371 -2.10 26.32 -28.50
N GLY D 372 -1.35 26.16 -27.42
CA GLY D 372 -1.68 25.19 -26.39
C GLY D 372 -2.36 25.78 -25.17
N VAL D 373 -2.45 27.11 -25.12
CA VAL D 373 -3.07 27.82 -24.00
C VAL D 373 -3.96 28.92 -24.56
N SER D 374 -5.23 28.93 -24.18
CA SER D 374 -6.17 29.89 -24.70
C SER D 374 -5.92 31.27 -24.10
N LEU D 375 -5.78 32.28 -24.97
CA LEU D 375 -5.68 33.65 -24.49
C LEU D 375 -6.93 34.07 -23.75
N GLN D 376 -8.10 33.52 -24.13
CA GLN D 376 -9.34 33.86 -23.46
C GLN D 376 -9.32 33.39 -22.01
N VAL D 377 -8.76 32.21 -21.75
CA VAL D 377 -8.70 31.70 -20.38
C VAL D 377 -7.82 32.58 -19.51
N LEU D 378 -6.67 33.01 -20.05
CA LEU D 378 -5.80 33.92 -19.31
C LEU D 378 -6.51 35.22 -18.95
N ALA D 379 -7.40 35.71 -19.82
CA ALA D 379 -8.15 36.92 -19.52
C ALA D 379 -9.19 36.67 -18.44
N SER D 380 -9.92 35.56 -18.54
CA SER D 380 -10.90 35.23 -17.52
C SER D 380 -10.25 35.03 -16.15
N ALA D 381 -8.98 34.62 -16.13
CA ALA D 381 -8.26 34.44 -14.87
C ALA D 381 -7.78 35.75 -14.27
N GLY D 382 -7.79 36.84 -15.04
CA GLY D 382 -7.29 38.11 -14.57
C GLY D 382 -5.85 38.40 -14.93
N LEU D 383 -5.20 37.51 -15.68
CA LEU D 383 -3.80 37.70 -16.04
C LEU D 383 -3.62 38.59 -17.27
N VAL D 384 -4.60 38.58 -18.18
CA VAL D 384 -4.56 39.39 -19.39
C VAL D 384 -5.77 40.33 -19.38
N THR D 385 -5.57 41.54 -19.88
CA THR D 385 -6.57 42.61 -19.82
C THR D 385 -7.03 42.98 -21.22
N GLU D 386 -8.35 42.94 -21.44
CA GLU D 386 -8.97 43.38 -22.67
C GLU D 386 -9.25 44.89 -22.59
N LEU D 387 -8.79 45.63 -23.60
CA LEU D 387 -9.00 47.07 -23.64
C LEU D 387 -10.15 47.50 -24.55
N ARG D 388 -10.49 46.69 -25.55
CA ARG D 388 -11.63 46.96 -26.43
C ARG D 388 -12.43 45.69 -26.62
N ALA D 389 -13.75 45.84 -26.66
CA ALA D 389 -14.65 44.69 -26.61
C ALA D 389 -14.42 43.78 -27.81
N GLY D 390 -14.47 42.47 -27.57
CA GLY D 390 -14.33 41.48 -28.62
C GLY D 390 -12.91 41.17 -29.03
N ALA D 391 -11.92 41.93 -28.55
CA ALA D 391 -10.56 41.74 -29.01
C ALA D 391 -9.99 40.40 -28.53
N VAL D 392 -10.20 40.07 -27.26
CA VAL D 392 -9.64 38.84 -26.71
C VAL D 392 -10.22 37.62 -27.41
N GLN D 393 -11.53 37.63 -27.66
CA GLN D 393 -12.17 36.48 -28.28
C GLN D 393 -11.61 36.21 -29.67
N ARG D 394 -11.48 37.26 -30.49
CA ARG D 394 -10.92 37.09 -31.82
C ARG D 394 -9.45 36.71 -31.76
N ALA D 395 -8.69 37.33 -30.86
CA ALA D 395 -7.26 37.02 -30.75
C ALA D 395 -7.04 35.62 -30.19
N ALA D 396 -7.89 35.18 -29.27
CA ALA D 396 -7.73 33.84 -28.69
C ALA D 396 -7.93 32.76 -29.75
N THR D 397 -8.99 32.88 -30.56
CA THR D 397 -9.22 31.92 -31.63
C THR D 397 -8.06 31.88 -32.61
N ALA D 398 -7.58 33.06 -33.04
CA ALA D 398 -6.50 33.11 -34.02
C ALA D 398 -5.20 32.57 -33.46
N PHE D 399 -4.92 32.81 -32.18
CA PHE D 399 -3.71 32.28 -31.56
C PHE D 399 -3.79 30.79 -31.31
N GLY D 400 -4.99 30.22 -31.31
CA GLY D 400 -5.15 28.78 -31.22
C GLY D 400 -4.75 28.09 -32.50
N TRP D 401 -4.94 26.76 -32.51
CA TRP D 401 -4.58 25.96 -33.67
C TRP D 401 -5.33 24.64 -33.61
N PRO D 402 -5.77 24.09 -34.73
CA PRO D 402 -6.54 22.83 -34.68
C PRO D 402 -5.75 21.64 -34.16
N VAL D 403 -4.42 21.67 -34.22
CA VAL D 403 -3.57 20.62 -33.68
C VAL D 403 -2.82 21.21 -32.50
N ALA D 404 -3.02 20.63 -31.32
CA ALA D 404 -2.36 21.13 -30.12
C ALA D 404 -0.84 20.92 -30.23
N PRO D 405 -0.05 21.84 -29.68
CA PRO D 405 1.40 21.61 -29.62
C PRO D 405 1.74 20.45 -28.72
N SER D 406 2.90 19.86 -28.96
CA SER D 406 3.30 18.65 -28.25
C SER D 406 4.77 18.75 -27.86
N ALA D 407 5.15 17.93 -26.90
CA ALA D 407 6.50 17.98 -26.35
C ALA D 407 7.48 17.36 -27.33
N PRO D 408 8.63 18.00 -27.58
CA PRO D 408 9.66 17.40 -28.44
C PRO D 408 10.46 16.36 -27.65
N ASP D 409 11.47 15.81 -28.31
CA ASP D 409 12.39 14.91 -27.61
C ASP D 409 13.13 15.67 -26.51
N ASP D 410 13.46 14.95 -25.44
CA ASP D 410 13.97 15.57 -24.23
C ASP D 410 15.30 16.29 -24.48
N PHE D 411 15.48 17.43 -23.82
CA PHE D 411 16.77 18.13 -23.82
C PHE D 411 16.97 18.92 -22.54
N GLU E 3 -20.13 43.47 13.19
CA GLU E 3 -19.76 43.86 14.55
C GLU E 3 -19.76 42.66 15.49
N LEU E 4 -18.63 42.46 16.17
CA LEU E 4 -18.40 41.28 17.01
C LEU E 4 -18.43 41.68 18.49
N THR E 5 -18.96 40.80 19.31
CA THR E 5 -19.04 41.00 20.76
C THR E 5 -18.25 39.90 21.46
N LEU E 6 -17.37 40.30 22.37
CA LEU E 6 -16.65 39.36 23.23
C LEU E 6 -17.49 39.10 24.48
N ARG E 7 -17.89 37.85 24.68
CA ARG E 7 -18.76 37.51 25.79
C ARG E 7 -18.61 36.04 26.13
N THR E 8 -19.21 35.65 27.25
CA THR E 8 -19.21 34.27 27.70
C THR E 8 -20.53 33.60 27.35
N ILE E 9 -20.60 32.29 27.60
CA ILE E 9 -21.80 31.54 27.30
C ILE E 9 -22.90 31.98 28.25
N ALA E 10 -24.10 32.24 27.70
CA ALA E 10 -25.19 32.82 28.48
C ALA E 10 -26.13 31.78 29.06
N ASP E 11 -26.48 30.76 28.30
CA ASP E 11 -27.43 29.75 28.76
C ASP E 11 -27.07 28.42 28.10
N GLU E 12 -28.00 27.46 28.15
CA GLU E 12 -27.70 26.11 27.69
C GLU E 12 -27.75 26.00 26.18
N ASP E 13 -28.71 26.66 25.55
CA ASP E 13 -28.75 26.71 24.08
C ASP E 13 -27.52 27.43 23.53
N ASP E 14 -27.09 28.50 24.21
CA ASP E 14 -25.86 29.18 23.83
C ASP E 14 -24.66 28.24 23.90
N TYR E 15 -24.65 27.35 24.91
CA TYR E 15 -23.55 26.41 25.06
C TYR E 15 -23.45 25.45 23.87
N GLU E 16 -24.60 24.90 23.46
CA GLU E 16 -24.58 23.94 22.35
C GLU E 16 -24.21 24.62 21.03
N SER E 17 -24.67 25.85 20.80
CA SER E 17 -24.23 26.58 19.62
C SER E 17 -22.74 26.90 19.70
N TYR E 18 -22.26 27.24 20.90
CA TYR E 18 -20.84 27.51 21.10
C TYR E 18 -20.00 26.28 20.77
N MET E 19 -20.38 25.12 21.31
CA MET E 19 -19.62 23.89 21.06
C MET E 19 -19.77 23.44 19.61
N ALA E 20 -20.94 23.64 19.01
CA ALA E 20 -21.13 23.26 17.62
C ALA E 20 -20.18 24.02 16.70
N SER E 21 -19.99 25.32 16.95
CA SER E 21 -19.10 26.11 16.11
C SER E 21 -17.65 25.66 16.27
N ALA E 22 -17.26 25.22 17.46
CA ALA E 22 -15.90 24.75 17.68
C ALA E 22 -15.62 23.48 16.90
N TYR E 23 -16.54 22.51 16.94
CA TYR E 23 -16.38 21.30 16.12
C TYR E 23 -16.34 21.64 14.64
N SER E 24 -17.17 22.60 14.21
CA SER E 24 -17.21 22.96 12.80
C SER E 24 -15.87 23.52 12.31
N VAL E 25 -15.20 24.32 13.15
CA VAL E 25 -13.88 24.83 12.78
C VAL E 25 -12.91 23.69 12.55
N PHE E 26 -13.03 22.61 13.33
CA PHE E 26 -12.21 21.43 13.17
C PHE E 26 -12.83 20.42 12.19
N LEU E 27 -13.72 20.89 11.32
CA LEU E 27 -14.23 20.11 10.19
C LEU E 27 -15.02 18.88 10.62
N ARG E 28 -15.65 18.94 11.80
CA ARG E 28 -16.37 17.79 12.31
C ARG E 28 -17.80 18.17 12.69
N ASP E 29 -18.68 17.19 12.60
CA ASP E 29 -20.01 17.32 13.16
C ASP E 29 -19.90 17.35 14.69
N PRO E 30 -20.88 17.95 15.37
CA PRO E 30 -20.84 17.98 16.83
C PRO E 30 -20.97 16.58 17.43
N GLN E 31 -20.08 16.26 18.36
CA GLN E 31 -20.15 15.00 19.11
C GLN E 31 -21.08 15.24 20.30
N LYS E 32 -22.35 14.89 20.13
CA LYS E 32 -23.35 15.24 21.14
C LYS E 32 -23.09 14.55 22.46
N ASP E 33 -22.65 13.29 22.43
CA ASP E 33 -22.43 12.57 23.68
C ASP E 33 -21.30 13.20 24.48
N GLU E 34 -20.22 13.59 23.82
CA GLU E 34 -19.11 14.25 24.52
C GLU E 34 -19.52 15.65 24.98
N ILE E 35 -20.27 16.37 24.15
CA ILE E 35 -20.72 17.72 24.51
C ILE E 35 -21.61 17.67 25.76
N GLU E 36 -22.46 16.64 25.87
CA GLU E 36 -23.38 16.57 27.00
C GLU E 36 -22.64 16.24 28.30
N VAL E 37 -21.71 15.29 28.25
CA VAL E 37 -21.05 14.85 29.48
C VAL E 37 -20.04 15.89 29.96
N ASN E 38 -19.42 16.65 29.04
CA ASN E 38 -18.45 17.66 29.44
C ASN E 38 -19.11 18.91 30.00
N ARG E 39 -20.40 19.14 29.71
CA ARG E 39 -21.11 20.26 30.31
C ARG E 39 -21.10 20.20 31.84
N LYS E 40 -21.08 18.99 32.41
CA LYS E 40 -21.23 18.84 33.85
C LYS E 40 -20.08 19.41 34.65
N PHE E 41 -18.89 19.56 34.04
CA PHE E 41 -17.77 20.24 34.68
C PHE E 41 -17.39 21.52 33.96
N THR E 42 -18.26 22.02 33.08
CA THR E 42 -18.05 23.27 32.39
C THR E 42 -18.63 24.43 33.19
N GLU E 43 -17.83 25.47 33.39
CA GLU E 43 -18.29 26.71 33.98
C GLU E 43 -18.52 27.71 32.85
N LEU E 44 -19.77 28.12 32.66
CA LEU E 44 -20.13 28.94 31.51
C LEU E 44 -19.35 30.25 31.48
N ASP E 45 -19.07 30.84 32.64
CA ASP E 45 -18.36 32.11 32.68
C ASP E 45 -16.87 31.97 32.41
N ARG E 46 -16.36 30.76 32.22
CA ARG E 46 -14.99 30.56 31.77
C ARG E 46 -14.91 30.25 30.28
N MET E 47 -16.05 30.23 29.59
CA MET E 47 -16.12 29.90 28.16
C MET E 47 -16.35 31.20 27.39
N ILE E 48 -15.28 31.76 26.86
CA ILE E 48 -15.34 33.06 26.19
C ILE E 48 -15.34 32.84 24.69
N GLY E 49 -15.74 33.88 23.96
CA GLY E 49 -15.73 33.80 22.51
C GLY E 49 -16.25 35.09 21.90
N PHE E 50 -16.24 35.11 20.57
CA PHE E 50 -16.75 36.23 19.78
C PHE E 50 -18.03 35.80 19.07
N HIS E 51 -19.05 36.66 19.11
CA HIS E 51 -20.35 36.39 18.50
C HIS E 51 -20.72 37.56 17.60
N ASP E 52 -21.12 37.26 16.36
CA ASP E 52 -21.42 38.30 15.38
C ASP E 52 -22.89 38.73 15.38
N GLY E 53 -23.65 38.34 16.40
CA GLY E 53 -25.06 38.64 16.48
C GLY E 53 -25.96 37.45 16.19
N LYS E 54 -25.50 36.51 15.36
CA LYS E 54 -26.28 35.33 15.03
C LYS E 54 -25.53 34.01 15.22
N LYS E 55 -24.20 34.00 15.20
CA LYS E 55 -23.46 32.77 15.44
C LYS E 55 -22.13 33.11 16.09
N TRP E 56 -21.52 32.09 16.71
CA TRP E 56 -20.19 32.21 17.29
C TRP E 56 -19.15 32.13 16.17
N VAL E 57 -18.20 33.07 16.19
CA VAL E 57 -17.12 33.11 15.20
C VAL E 57 -15.76 32.84 15.80
N ALA E 58 -15.67 32.70 17.12
CA ALA E 58 -14.41 32.38 17.79
C ALA E 58 -14.72 31.90 19.20
N THR E 59 -13.88 31.01 19.71
CA THR E 59 -14.08 30.41 21.02
C THR E 59 -12.74 30.24 21.73
N THR E 60 -12.81 30.25 23.07
CA THR E 60 -11.67 29.85 23.91
C THR E 60 -12.21 29.60 25.31
N GLY E 61 -12.05 28.37 25.81
CA GLY E 61 -12.58 27.98 27.09
C GLY E 61 -11.50 27.53 28.05
N ALA E 62 -11.91 27.30 29.30
CA ALA E 62 -11.01 26.83 30.33
C ALA E 62 -11.79 26.09 31.39
N PHE E 63 -11.26 24.96 31.84
CA PHE E 63 -11.80 24.22 32.96
C PHE E 63 -10.99 24.50 34.21
N SER E 64 -11.69 24.54 35.35
CA SER E 64 -11.01 24.66 36.65
C SER E 64 -10.57 23.27 37.08
N ARG E 65 -9.27 23.00 36.97
CA ARG E 65 -8.72 21.69 37.34
C ARG E 65 -7.57 21.89 38.30
N HIS E 66 -6.98 20.78 38.73
CA HIS E 66 -5.86 20.79 39.66
C HIS E 66 -4.84 19.77 39.20
N VAL E 67 -3.58 20.17 39.14
CA VAL E 67 -2.53 19.36 38.54
C VAL E 67 -1.44 19.05 39.56
N VAL E 68 -0.88 17.86 39.46
CA VAL E 68 0.22 17.43 40.32
C VAL E 68 1.52 18.02 39.77
N LEU E 69 2.29 18.64 40.64
CA LEU E 69 3.59 19.19 40.30
C LEU E 69 4.70 18.23 40.70
N PRO E 70 5.91 18.39 40.15
CA PRO E 70 7.06 17.66 40.70
C PRO E 70 7.20 17.91 42.19
N GLY E 71 7.17 16.85 42.98
CA GLY E 71 7.16 16.94 44.42
C GLY E 71 5.85 16.56 45.07
N GLY E 72 4.76 16.49 44.29
CA GLY E 72 3.49 16.02 44.78
C GLY E 72 2.44 17.09 45.04
N ALA E 73 2.83 18.36 45.00
CA ALA E 73 1.86 19.43 45.25
C ALA E 73 0.79 19.46 44.17
N VAL E 74 -0.45 19.65 44.60
CA VAL E 74 -1.61 19.73 43.72
C VAL E 74 -2.08 21.19 43.71
N VAL E 75 -1.95 21.85 42.57
CA VAL E 75 -2.23 23.28 42.48
C VAL E 75 -3.36 23.53 41.49
N PRO E 76 -4.16 24.59 41.66
CA PRO E 76 -5.18 24.90 40.65
C PRO E 76 -4.53 25.32 39.35
N VAL E 77 -5.16 24.92 38.25
CA VAL E 77 -4.63 25.17 36.91
C VAL E 77 -5.80 25.37 35.95
N ALA E 78 -5.60 26.25 34.98
CA ALA E 78 -6.59 26.44 33.92
C ALA E 78 -6.33 25.42 32.82
N ALA E 79 -7.29 24.52 32.60
CA ALA E 79 -7.22 23.53 31.53
C ALA E 79 -7.87 24.15 30.29
N VAL E 80 -7.05 24.70 29.42
CA VAL E 80 -7.55 25.47 28.29
C VAL E 80 -8.10 24.52 27.23
N THR E 81 -9.21 24.91 26.62
CA THR E 81 -9.91 24.04 25.69
C THR E 81 -10.67 24.89 24.66
N ALA E 82 -11.10 24.23 23.59
CA ALA E 82 -12.04 24.79 22.62
C ALA E 82 -11.53 26.11 22.02
N VAL E 83 -10.31 26.08 21.50
CA VAL E 83 -9.67 27.26 20.93
C VAL E 83 -9.91 27.21 19.42
N THR E 84 -10.88 28.00 18.95
CA THR E 84 -11.24 28.00 17.53
C THR E 84 -11.51 29.43 17.07
N VAL E 85 -11.33 29.64 15.77
CA VAL E 85 -11.78 30.85 15.09
C VAL E 85 -12.34 30.43 13.73
N SER E 86 -13.48 31.02 13.36
CA SER E 86 -14.12 30.73 12.09
C SER E 86 -13.14 30.99 10.94
N PRO E 87 -13.19 30.18 9.86
CA PRO E 87 -12.28 30.40 8.74
C PRO E 87 -12.48 31.73 8.03
N THR E 88 -13.66 32.34 8.14
CA THR E 88 -13.92 33.64 7.54
C THR E 88 -13.40 34.79 8.39
N HIS E 89 -12.87 34.51 9.58
CA HIS E 89 -12.38 35.54 10.49
C HIS E 89 -10.92 35.30 10.90
N ARG E 90 -10.15 34.63 10.06
CA ARG E 90 -8.75 34.36 10.40
C ARG E 90 -7.92 35.64 10.33
N ARG E 91 -6.82 35.63 11.08
CA ARG E 91 -5.80 36.68 11.02
C ARG E 91 -6.39 38.06 11.27
N ARG E 92 -7.31 38.16 12.23
CA ARG E 92 -7.92 39.44 12.57
C ARG E 92 -7.82 39.76 14.06
N GLY E 93 -7.00 39.03 14.82
CA GLY E 93 -6.74 39.34 16.21
C GLY E 93 -7.65 38.68 17.22
N LEU E 94 -8.64 37.90 16.77
CA LEU E 94 -9.60 37.32 17.70
C LEU E 94 -8.94 36.31 18.64
N LEU E 95 -8.07 35.45 18.10
CA LEU E 95 -7.38 34.48 18.96
C LEU E 95 -6.52 35.19 20.00
N THR E 96 -5.80 36.23 19.58
CA THR E 96 -4.95 36.98 20.50
C THR E 96 -5.77 37.67 21.58
N THR E 97 -6.88 38.31 21.18
CA THR E 97 -7.73 39.00 22.14
C THR E 97 -8.30 38.04 23.17
N MET E 98 -8.82 36.90 22.72
CA MET E 98 -9.40 35.92 23.64
C MET E 98 -8.36 35.43 24.64
N MET E 99 -7.12 35.23 24.18
CA MET E 99 -6.10 34.71 25.08
C MET E 99 -5.62 35.76 26.07
N ARG E 100 -5.60 37.04 25.68
CA ARG E 100 -5.28 38.10 26.62
C ARG E 100 -6.31 38.16 27.74
N HIS E 101 -7.60 38.14 27.39
CA HIS E 101 -8.64 38.15 28.42
C HIS E 101 -8.61 36.89 29.26
N GLN E 102 -8.40 35.73 28.63
CA GLN E 102 -8.43 34.47 29.38
C GLN E 102 -7.27 34.40 30.37
N LEU E 103 -6.04 34.71 29.91
CA LEU E 103 -4.88 34.64 30.79
C LEU E 103 -5.01 35.63 31.95
N ALA E 104 -5.60 36.80 31.70
CA ALA E 104 -5.84 37.74 32.79
C ALA E 104 -6.85 37.18 33.78
N ASP E 105 -7.93 36.56 33.28
CA ASP E 105 -8.91 35.93 34.17
C ASP E 105 -8.28 34.78 34.94
N ILE E 106 -7.42 34.01 34.28
CA ILE E 106 -6.72 32.92 34.95
C ILE E 106 -5.86 33.47 36.09
N ARG E 107 -5.19 34.59 35.84
CA ARG E 107 -4.34 35.20 36.85
C ARG E 107 -5.15 35.70 38.04
N SER E 108 -6.33 36.28 37.78
CA SER E 108 -7.16 36.79 38.88
C SER E 108 -7.83 35.67 39.67
N ARG E 109 -7.97 34.48 39.09
CA ARG E 109 -8.56 33.35 39.79
C ARG E 109 -7.56 32.60 40.67
N GLY E 110 -6.33 33.08 40.77
CA GLY E 110 -5.32 32.42 41.58
C GLY E 110 -4.64 31.24 40.94
N GLU E 111 -4.96 30.90 39.70
CA GLU E 111 -4.27 29.84 38.99
C GLU E 111 -2.93 30.38 38.49
N SER E 112 -1.84 29.76 38.93
CA SER E 112 -0.50 30.23 38.61
C SER E 112 -0.04 29.85 37.22
N LEU E 113 -0.77 28.97 36.52
CA LEU E 113 -0.34 28.53 35.21
C LEU E 113 -1.56 28.01 34.46
N ALA E 114 -1.41 27.94 33.14
CA ALA E 114 -2.40 27.32 32.27
C ALA E 114 -1.76 26.16 31.53
N MET E 115 -2.57 25.16 31.20
CA MET E 115 -2.10 23.99 30.46
C MET E 115 -2.99 23.76 29.25
N LEU E 116 -2.38 23.32 28.16
CA LEU E 116 -3.04 23.25 26.87
C LEU E 116 -2.47 22.10 26.06
N PHE E 117 -3.34 21.21 25.59
CA PHE E 117 -2.90 20.09 24.77
C PHE E 117 -2.37 20.58 23.43
N ALA E 118 -1.27 19.97 22.97
CA ALA E 118 -0.69 20.33 21.69
C ALA E 118 -1.66 20.08 20.53
N SER E 119 -2.65 19.20 20.72
CA SER E 119 -3.64 18.96 19.69
C SER E 119 -4.56 20.16 19.44
N GLU E 120 -4.48 21.20 20.28
CA GLU E 120 -5.16 22.47 20.00
C GLU E 120 -4.30 23.24 18.99
N ALA E 121 -4.32 22.75 17.75
CA ALA E 121 -3.35 23.15 16.73
C ALA E 121 -3.47 24.62 16.35
N LEU E 122 -4.62 25.25 16.60
CA LEU E 122 -4.82 26.59 16.09
C LEU E 122 -3.94 27.63 16.78
N ILE E 123 -3.44 27.33 17.97
CA ILE E 123 -2.58 28.26 18.70
C ILE E 123 -1.33 27.56 19.21
N TYR E 124 -0.90 26.50 18.53
CA TYR E 124 0.31 25.79 18.91
C TYR E 124 1.50 26.73 19.00
N GLY E 125 2.16 26.76 20.16
CA GLY E 125 3.39 27.49 20.34
C GLY E 125 3.27 28.99 20.42
N ARG E 126 2.07 29.53 20.61
CA ARG E 126 1.87 30.97 20.66
C ARG E 126 1.60 31.42 22.08
N PHE E 127 1.72 32.74 22.28
CA PHE E 127 1.28 33.42 23.50
C PHE E 127 2.09 33.01 24.74
N GLY E 128 3.26 32.42 24.54
CA GLY E 128 4.08 31.98 25.66
C GLY E 128 3.86 30.55 26.08
N TYR E 129 2.99 29.80 25.39
CA TYR E 129 2.84 28.39 25.67
C TYR E 129 4.07 27.63 25.19
N GLY E 130 4.63 26.81 26.06
CA GLY E 130 5.77 25.97 25.71
C GLY E 130 5.45 24.51 26.01
N VAL E 131 5.84 23.62 25.10
CA VAL E 131 5.63 22.19 25.31
C VAL E 131 6.48 21.75 26.48
N ALA E 132 5.84 21.25 27.54
CA ALA E 132 6.52 20.81 28.74
C ALA E 132 6.40 19.32 29.01
N THR E 133 5.44 18.64 28.38
CA THR E 133 5.21 17.22 28.61
C THR E 133 5.06 16.53 27.27
N GLU E 134 5.63 15.33 27.16
CA GLU E 134 5.49 14.50 25.98
C GLU E 134 4.74 13.22 26.33
N SER E 135 4.24 12.57 25.29
CA SER E 135 3.61 11.27 25.44
C SER E 135 4.18 10.31 24.42
N ALA E 136 4.06 9.02 24.71
CA ALA E 136 4.57 7.97 23.86
C ALA E 136 3.42 7.12 23.35
N GLU E 137 3.43 6.84 22.06
CA GLU E 137 2.54 5.85 21.48
C GLU E 137 3.30 4.53 21.46
N LEU E 138 2.82 3.56 22.23
CA LEU E 138 3.44 2.26 22.32
C LEU E 138 2.58 1.23 21.59
N SER E 139 3.23 0.38 20.81
CA SER E 139 2.51 -0.61 20.02
C SER E 139 3.44 -1.75 19.65
N GLY E 140 2.85 -2.89 19.33
CA GLY E 140 3.61 -4.07 18.94
C GLY E 140 2.75 -5.30 18.95
N GLN E 141 3.33 -6.38 18.43
CA GLN E 141 2.66 -7.69 18.43
C GLN E 141 2.73 -8.27 19.84
N VAL E 142 1.55 -8.63 20.38
CA VAL E 142 1.48 -9.08 21.77
C VAL E 142 2.29 -10.36 21.99
N ARG E 143 2.44 -11.19 20.95
CA ARG E 143 3.20 -12.43 21.08
C ARG E 143 4.70 -12.16 21.26
N GLU E 144 5.16 -10.95 20.96
CA GLU E 144 6.58 -10.61 21.05
C GLU E 144 6.90 -9.82 22.31
N LEU E 145 5.95 -9.67 23.22
CA LEU E 145 6.08 -8.78 24.36
C LEU E 145 6.14 -9.54 25.69
N ALA E 146 6.84 -10.66 25.72
CA ALA E 146 7.09 -11.32 26.99
C ALA E 146 7.91 -10.40 27.89
N PHE E 147 7.71 -10.55 29.20
CA PHE E 147 8.40 -9.72 30.17
C PHE E 147 9.74 -10.34 30.56
N ARG E 148 10.59 -9.51 31.17
CA ARG E 148 11.80 -10.03 31.78
C ARG E 148 11.42 -11.00 32.89
N PRO E 149 12.19 -12.08 33.08
CA PRO E 149 11.74 -13.13 34.01
C PRO E 149 11.71 -12.70 35.47
N THR E 150 12.52 -11.72 35.87
CA THR E 150 12.56 -11.29 37.26
C THR E 150 11.39 -10.38 37.65
N VAL E 151 10.42 -10.17 36.78
CA VAL E 151 9.28 -9.30 37.09
C VAL E 151 8.26 -10.10 37.89
N ASP E 152 7.98 -9.64 39.10
CA ASP E 152 7.03 -10.33 39.98
C ASP E 152 5.61 -9.93 39.62
N LEU E 153 4.77 -10.90 39.26
CA LEU E 153 3.39 -10.64 38.90
C LEU E 153 2.42 -10.70 40.08
N GLY E 154 2.83 -11.27 41.21
CA GLY E 154 2.00 -11.30 42.39
C GLY E 154 0.89 -12.33 42.32
N ASP E 155 0.06 -12.31 43.37
CA ASP E 155 -1.05 -13.26 43.54
C ASP E 155 -2.39 -12.69 43.07
N GLY E 156 -2.38 -11.61 42.32
CA GLY E 156 -3.61 -10.90 42.02
C GLY E 156 -4.53 -11.65 41.08
N THR E 157 -5.77 -11.18 41.03
CA THR E 157 -6.80 -11.73 40.17
C THR E 157 -7.42 -10.59 39.36
N LEU E 158 -8.06 -10.95 38.25
CA LEU E 158 -8.61 -9.96 37.33
C LEU E 158 -10.05 -10.31 36.97
N GLU E 159 -10.87 -9.28 36.79
CA GLU E 159 -12.24 -9.43 36.32
C GLU E 159 -12.61 -8.24 35.44
N GLU E 160 -13.24 -8.53 34.31
CA GLU E 160 -13.83 -7.48 33.49
C GLU E 160 -15.19 -7.09 34.06
N VAL E 161 -15.40 -5.79 34.24
CA VAL E 161 -16.52 -5.28 35.01
C VAL E 161 -17.20 -4.15 34.24
N SER E 162 -18.39 -3.79 34.70
CA SER E 162 -19.15 -2.70 34.11
C SER E 162 -18.55 -1.36 34.51
N ALA E 163 -19.00 -0.31 33.83
CA ALA E 163 -18.52 1.04 34.15
C ALA E 163 -18.84 1.42 35.60
N GLU E 164 -20.04 1.07 36.08
CA GLU E 164 -20.42 1.39 37.45
C GLU E 164 -19.46 0.73 38.44
N THR E 165 -19.18 -0.56 38.25
CA THR E 165 -18.24 -1.25 39.13
C THR E 165 -16.84 -0.67 39.01
N PHE E 166 -16.41 -0.35 37.78
CA PHE E 166 -15.12 0.27 37.56
C PHE E 166 -15.01 1.59 38.32
N LEU E 167 -16.04 2.42 38.24
CA LEU E 167 -16.01 3.75 38.85
C LEU E 167 -16.10 3.71 40.37
N ALA E 168 -16.38 2.55 40.97
CA ALA E 168 -16.41 2.43 42.42
C ALA E 168 -15.03 2.16 43.02
N SER E 169 -14.07 1.71 42.21
CA SER E 169 -12.74 1.35 42.69
C SER E 169 -11.63 2.15 42.04
N ALA E 170 -11.77 2.49 40.76
CA ALA E 170 -10.70 3.20 40.06
C ALA E 170 -10.31 4.53 40.69
N PRO E 171 -11.23 5.38 41.18
CA PRO E 171 -10.79 6.66 41.77
C PRO E 171 -9.81 6.49 42.92
N ALA E 172 -10.03 5.52 43.80
CA ALA E 172 -9.10 5.33 44.92
C ALA E 172 -7.74 4.85 44.42
N ILE E 173 -7.72 3.98 43.41
CA ILE E 173 -6.46 3.55 42.81
C ILE E 173 -5.74 4.73 42.19
N TYR E 174 -6.48 5.53 41.41
CA TYR E 174 -5.91 6.71 40.76
C TYR E 174 -5.37 7.71 41.78
N ASP E 175 -6.16 8.01 42.81
CA ASP E 175 -5.74 9.01 43.80
C ASP E 175 -4.46 8.60 44.52
N ALA E 176 -4.18 7.29 44.61
CA ALA E 176 -3.01 6.84 45.35
C ALA E 176 -1.71 6.91 44.55
N VAL E 177 -1.79 6.90 43.21
CA VAL E 177 -0.57 6.82 42.41
C VAL E 177 -0.15 8.19 41.90
N ILE E 178 -1.11 9.11 41.75
CA ILE E 178 -0.83 10.36 41.07
C ILE E 178 0.04 11.35 41.85
N PRO E 179 0.17 11.29 43.19
CA PRO E 179 1.16 12.15 43.84
C PRO E 179 2.58 11.97 43.34
N GLY E 180 2.90 10.82 42.75
CA GLY E 180 4.20 10.58 42.16
C GLY E 180 4.25 10.71 40.65
N LEU E 181 3.19 11.19 40.01
CA LEU E 181 3.11 11.30 38.55
C LEU E 181 2.79 12.74 38.18
N PRO E 182 3.79 13.62 38.15
CA PRO E 182 3.53 15.02 37.77
C PRO E 182 2.89 15.11 36.39
N GLY E 183 1.98 16.06 36.24
CA GLY E 183 1.23 16.24 35.02
C GLY E 183 -0.18 15.67 35.10
N GLN E 184 -0.40 14.68 35.95
CA GLN E 184 -1.73 14.15 36.14
C GLN E 184 -2.62 15.15 36.87
N MET E 185 -3.92 15.06 36.63
CA MET E 185 -4.88 15.98 37.21
C MET E 185 -5.90 15.22 38.04
N SER E 186 -6.38 15.87 39.10
CA SER E 186 -7.44 15.30 39.92
C SER E 186 -8.67 15.01 39.06
N ARG E 187 -9.38 13.94 39.40
CA ARG E 187 -10.56 13.52 38.66
C ARG E 187 -11.75 13.46 39.59
N THR E 188 -12.64 14.46 39.46
CA THR E 188 -13.93 14.45 40.12
C THR E 188 -14.81 13.38 39.47
N PRO E 189 -15.97 13.07 40.06
CA PRO E 189 -16.91 12.18 39.37
C PRO E 189 -17.23 12.64 37.95
N GLU E 190 -17.38 13.95 37.74
CA GLU E 190 -17.74 14.45 36.41
C GLU E 190 -16.63 14.22 35.40
N TRP E 191 -15.37 14.37 35.81
CA TRP E 191 -14.27 14.11 34.88
C TRP E 191 -14.10 12.62 34.61
N TRP E 192 -14.34 11.78 35.63
CA TRP E 192 -14.35 10.34 35.40
C TRP E 192 -15.43 9.95 34.40
N ALA E 193 -16.59 10.61 34.47
CA ALA E 193 -17.68 10.30 33.55
C ALA E 193 -17.29 10.59 32.11
N SER E 194 -16.55 11.67 31.89
CA SER E 194 -16.08 11.98 30.53
C SER E 194 -14.96 11.02 30.12
N TRP E 195 -14.04 10.73 31.03
CA TRP E 195 -12.90 9.86 30.72
C TRP E 195 -13.33 8.45 30.37
N THR E 196 -14.43 7.96 30.97
CA THR E 196 -14.91 6.62 30.74
C THR E 196 -16.11 6.56 29.79
N LEU E 197 -16.46 7.67 29.15
CA LEU E 197 -17.58 7.68 28.23
C LEU E 197 -17.34 6.73 27.06
N ASP E 198 -18.33 5.91 26.74
CA ASP E 198 -18.27 5.01 25.59
C ASP E 198 -18.66 5.80 24.35
N SER E 199 -17.77 6.73 23.98
CA SER E 199 -18.06 7.69 22.92
C SER E 199 -18.28 7.00 21.58
N GLU E 200 -19.24 7.52 20.82
CA GLU E 200 -19.51 6.99 19.49
C GLU E 200 -18.29 7.13 18.61
N GLU E 201 -17.52 8.22 18.78
CA GLU E 201 -16.33 8.44 17.97
C GLU E 201 -15.35 7.28 18.07
N LEU E 202 -15.05 6.85 19.30
CA LEU E 202 -14.07 5.81 19.51
C LEU E 202 -14.62 4.41 19.21
N GLN E 203 -15.94 4.24 19.29
CA GLN E 203 -16.54 2.98 18.84
C GLN E 203 -16.24 2.75 17.35
N LYS E 204 -16.30 3.81 16.55
CA LYS E 204 -16.02 3.68 15.12
C LYS E 204 -14.56 3.36 14.87
N GLU E 205 -13.66 3.92 15.68
CA GLU E 205 -12.23 3.63 15.50
C GLU E 205 -11.87 2.22 15.96
N SER E 206 -12.63 1.65 16.90
CA SER E 206 -12.30 0.34 17.43
C SER E 206 -13.54 -0.41 17.91
N GLY E 207 -13.95 -0.18 19.15
CA GLY E 207 -15.09 -0.88 19.69
C GLY E 207 -15.54 -0.27 21.00
N LYS E 208 -16.50 -0.95 21.63
CA LYS E 208 -17.08 -0.45 22.88
C LYS E 208 -16.06 -0.55 24.00
N VAL E 209 -16.07 0.46 24.88
CA VAL E 209 -15.10 0.54 25.97
C VAL E 209 -15.33 -0.59 26.97
N ARG E 210 -14.22 -1.09 27.53
CA ARG E 210 -14.25 -2.16 28.52
C ARG E 210 -13.36 -1.78 29.71
N PHE E 211 -13.69 -2.33 30.87
CA PHE E 211 -13.02 -2.00 32.12
C PHE E 211 -12.53 -3.26 32.82
N VAL E 212 -11.31 -3.19 33.34
CA VAL E 212 -10.69 -4.30 34.06
C VAL E 212 -10.28 -3.81 35.44
N LEU E 213 -10.50 -4.64 36.45
CA LEU E 213 -10.03 -4.37 37.80
C LEU E 213 -9.11 -5.50 38.27
N HIS E 214 -8.01 -5.13 38.91
CA HIS E 214 -7.08 -6.09 39.51
C HIS E 214 -7.28 -6.09 41.01
N TYR E 215 -7.45 -7.29 41.58
CA TYR E 215 -7.67 -7.44 43.01
C TYR E 215 -6.49 -8.16 43.64
N GLU E 216 -6.02 -7.65 44.78
CA GLU E 216 -5.06 -8.37 45.59
C GLU E 216 -5.73 -9.59 46.22
N SER E 217 -4.91 -10.41 46.88
CA SER E 217 -5.41 -11.65 47.45
C SER E 217 -6.46 -11.42 48.52
N ASP E 218 -6.41 -10.29 49.22
CA ASP E 218 -7.40 -9.98 50.24
C ASP E 218 -8.69 -9.39 49.68
N GLY E 219 -8.79 -9.24 48.35
CA GLY E 219 -9.96 -8.65 47.73
C GLY E 219 -9.84 -7.18 47.42
N THR E 220 -8.77 -6.52 47.88
CA THR E 220 -8.60 -5.09 47.65
C THR E 220 -8.30 -4.81 46.18
N ALA E 221 -9.06 -3.89 45.60
CA ALA E 221 -8.77 -3.43 44.24
C ALA E 221 -7.48 -2.61 44.24
N SER E 222 -6.54 -3.00 43.38
CA SER E 222 -5.23 -2.36 43.34
C SER E 222 -4.77 -1.97 41.94
N GLY E 223 -5.58 -2.21 40.92
CA GLY E 223 -5.21 -1.82 39.56
C GLY E 223 -6.41 -1.82 38.65
N PHE E 224 -6.27 -1.13 37.53
CA PHE E 224 -7.35 -1.05 36.56
C PHE E 224 -6.80 -0.80 35.16
N ALA E 225 -7.63 -1.08 34.17
CA ALA E 225 -7.30 -0.83 32.77
C ALA E 225 -8.56 -0.38 32.04
N ILE E 226 -8.37 0.51 31.06
CA ILE E 226 -9.42 0.92 30.14
C ILE E 226 -8.94 0.62 28.73
N TYR E 227 -9.73 -0.12 27.96
CA TYR E 227 -9.31 -0.51 26.63
C TYR E 227 -10.52 -0.75 25.75
N ARG E 228 -10.27 -0.80 24.45
CA ARG E 228 -11.26 -1.09 23.44
C ARG E 228 -10.72 -2.14 22.47
N PRO E 229 -11.53 -3.14 22.13
CA PRO E 229 -11.11 -4.10 21.11
C PRO E 229 -11.43 -3.61 19.72
N LYS E 230 -10.54 -3.96 18.78
CA LYS E 230 -10.76 -3.72 17.36
C LYS E 230 -10.70 -5.08 16.67
N PRO E 231 -11.84 -5.72 16.42
CA PRO E 231 -11.83 -7.10 15.91
C PRO E 231 -11.22 -7.17 14.52
N GLY E 232 -10.81 -8.39 14.17
CA GLY E 232 -10.09 -8.60 12.92
C GLY E 232 -10.94 -8.26 11.71
N TRP E 233 -10.27 -7.75 10.68
CA TRP E 233 -10.95 -7.34 9.45
C TRP E 233 -10.09 -7.66 8.22
N ASN E 239 -6.03 -10.21 12.67
CA ASN E 239 -5.31 -9.00 13.03
C ASN E 239 -6.09 -8.15 14.04
N ALA E 240 -6.65 -8.81 15.05
CA ALA E 240 -7.39 -8.10 16.08
C ALA E 240 -6.46 -7.25 16.94
N GLU E 241 -6.91 -6.04 17.28
CA GLU E 241 -6.10 -5.10 18.03
C GLU E 241 -6.78 -4.75 19.34
N LEU E 242 -5.96 -4.39 20.33
CA LEU E 242 -6.42 -3.79 21.56
C LEU E 242 -5.90 -2.37 21.62
N HIS E 243 -6.80 -1.42 21.82
CA HIS E 243 -6.44 -0.01 21.94
C HIS E 243 -6.58 0.37 23.42
N VAL E 244 -5.43 0.47 24.09
CA VAL E 244 -5.41 0.76 25.52
C VAL E 244 -5.54 2.25 25.75
N GLN E 245 -6.46 2.64 26.63
CA GLN E 245 -6.62 4.03 27.01
C GLN E 245 -5.82 4.39 28.27
N GLU E 246 -5.73 3.46 29.22
CA GLU E 246 -5.04 3.72 30.47
C GLU E 246 -4.88 2.42 31.25
N VAL E 247 -3.73 2.26 31.90
CA VAL E 247 -3.47 1.17 32.83
C VAL E 247 -2.68 1.74 34.01
N LEU E 248 -3.17 1.51 35.22
CA LEU E 248 -2.49 1.98 36.42
C LEU E 248 -2.59 0.94 37.53
N GLY E 249 -1.60 0.95 38.41
CA GLY E 249 -1.59 0.05 39.55
C GLY E 249 -0.85 0.69 40.71
N THR E 250 -1.27 0.35 41.93
CA THR E 250 -0.69 0.92 43.14
C THR E 250 0.60 0.23 43.56
N ASN E 251 1.01 -0.83 42.86
CA ASN E 251 2.27 -1.52 43.14
C ASN E 251 2.75 -2.15 41.85
N PRO E 252 4.04 -2.47 41.74
CA PRO E 252 4.56 -3.02 40.47
C PRO E 252 3.93 -4.34 40.08
N ARG E 253 3.49 -5.15 41.04
CA ARG E 253 2.92 -6.45 40.70
C ARG E 253 1.56 -6.30 40.03
N SER E 254 0.69 -5.44 40.58
CA SER E 254 -0.63 -5.25 40.01
C SER E 254 -0.54 -4.60 38.63
N TYR E 255 0.38 -3.65 38.47
CA TYR E 255 0.60 -3.03 37.16
C TYR E 255 1.01 -4.09 36.14
N ALA E 256 2.01 -4.91 36.47
CA ALA E 256 2.51 -5.91 35.53
C ALA E 256 1.48 -7.00 35.26
N ARG E 257 0.75 -7.44 36.28
CA ARG E 257 -0.25 -8.49 36.08
C ARG E 257 -1.38 -8.01 35.18
N THR E 258 -1.77 -6.73 35.33
CA THR E 258 -2.83 -6.18 34.48
C THR E 258 -2.39 -6.12 33.02
N TRP E 259 -1.15 -5.70 32.77
CA TRP E 259 -0.64 -5.68 31.39
C TRP E 259 -0.51 -7.09 30.83
N ARG E 260 0.00 -8.03 31.64
CA ARG E 260 0.11 -9.41 31.19
C ARG E 260 -1.25 -9.98 30.81
N TYR E 261 -2.30 -9.57 31.51
CA TYR E 261 -3.65 -9.98 31.14
C TYR E 261 -4.02 -9.51 29.75
N LEU E 262 -3.77 -8.23 29.45
CA LEU E 262 -4.10 -7.70 28.13
C LEU E 262 -3.27 -8.35 27.04
N LEU E 263 -2.00 -8.65 27.33
CA LEU E 263 -1.09 -9.18 26.32
C LEU E 263 -1.31 -10.67 26.07
N ASP E 264 -1.86 -11.40 27.03
CA ASP E 264 -2.12 -12.83 26.88
C ASP E 264 -3.51 -13.15 26.36
N MET E 265 -4.31 -12.12 26.02
CA MET E 265 -5.65 -12.36 25.52
C MET E 265 -5.57 -13.17 24.24
N ASP E 266 -6.50 -14.11 24.08
CA ASP E 266 -6.35 -15.19 23.10
C ASP E 266 -6.36 -14.70 21.66
N LEU E 267 -7.39 -13.98 21.25
CA LEU E 267 -7.56 -13.62 19.85
C LEU E 267 -6.93 -12.29 19.46
N VAL E 268 -6.05 -11.74 20.29
CA VAL E 268 -5.41 -10.47 20.01
C VAL E 268 -4.09 -10.69 19.27
N ARG E 269 -3.84 -9.84 18.27
CA ARG E 269 -2.58 -9.81 17.52
C ARG E 269 -1.71 -8.62 17.88
N LYS E 270 -2.28 -7.42 17.93
CA LYS E 270 -1.53 -6.19 18.13
C LYS E 270 -2.15 -5.40 19.26
N ILE E 271 -1.31 -4.65 19.98
CA ILE E 271 -1.77 -3.79 21.07
C ILE E 271 -1.20 -2.40 20.84
N LYS E 272 -1.97 -1.39 21.24
CA LYS E 272 -1.58 0.01 21.08
C LYS E 272 -1.95 0.80 22.32
N TYR E 273 -1.02 1.61 22.81
CA TYR E 273 -1.26 2.53 23.92
C TYR E 273 -0.82 3.91 23.46
N HIS E 274 -1.78 4.71 23.00
CA HIS E 274 -1.53 6.10 22.65
C HIS E 274 -1.68 6.95 23.91
N GLY E 275 -0.79 7.93 24.05
CA GLY E 275 -0.85 8.79 25.21
C GLY E 275 -0.24 8.21 26.47
N ALA E 276 0.69 7.27 26.34
CA ALA E 276 1.41 6.77 27.50
C ALA E 276 2.52 7.75 27.89
N SER E 277 3.13 7.51 29.04
CA SER E 277 4.30 8.27 29.42
C SER E 277 5.51 7.83 28.58
N VAL E 278 6.38 8.79 28.26
CA VAL E 278 7.61 8.44 27.55
C VAL E 278 8.51 7.54 28.41
N GLN E 279 8.24 7.47 29.71
CA GLN E 279 8.92 6.54 30.61
C GLN E 279 7.91 5.57 31.20
N GLU E 280 6.93 5.17 30.40
CA GLU E 280 5.95 4.17 30.82
C GLU E 280 6.66 2.90 31.26
N GLU E 281 6.29 2.40 32.44
CA GLU E 281 6.99 1.24 33.01
C GLU E 281 6.92 0.03 32.10
N LEU E 282 5.85 -0.09 31.30
CA LEU E 282 5.74 -1.21 30.36
C LEU E 282 6.97 -1.30 29.46
N ARG E 283 7.54 -0.16 29.06
CA ARG E 283 8.70 -0.16 28.18
C ARG E 283 9.86 -0.93 28.77
N TYR E 284 9.98 -0.95 30.09
CA TYR E 284 11.09 -1.61 30.78
C TYR E 284 10.72 -3.00 31.29
N LEU E 285 9.42 -3.34 31.33
CA LEU E 285 9.03 -4.70 31.63
C LEU E 285 9.31 -5.62 30.44
N VAL E 286 9.12 -5.12 29.22
CA VAL E 286 9.33 -5.92 28.03
C VAL E 286 10.79 -6.36 27.94
N ALA E 287 10.99 -7.65 27.69
CA ALA E 287 12.35 -8.19 27.64
C ALA E 287 13.08 -7.73 26.38
N ASN E 288 12.37 -7.63 25.26
CA ASN E 288 12.94 -7.29 23.96
C ASN E 288 12.36 -5.94 23.55
N HIS E 289 13.05 -4.86 23.92
CA HIS E 289 12.57 -3.51 23.62
C HIS E 289 12.23 -3.26 22.16
N PRO E 290 12.99 -3.73 21.16
CA PRO E 290 12.61 -3.45 19.77
C PRO E 290 11.23 -3.93 19.38
N SER E 291 10.64 -4.85 20.14
CA SER E 291 9.29 -5.32 19.84
C SER E 291 8.21 -4.32 20.22
N LEU E 292 8.53 -3.34 21.07
CA LEU E 292 7.58 -2.31 21.51
C LEU E 292 8.02 -0.98 20.90
N GLU E 293 7.37 -0.57 19.82
CA GLU E 293 7.69 0.70 19.19
C GLU E 293 7.28 1.86 20.09
N CYS E 294 8.11 2.90 20.10
CA CYS E 294 7.89 4.08 20.93
C CYS E 294 8.01 5.33 20.07
N VAL E 295 6.89 5.99 19.81
CA VAL E 295 6.85 7.24 19.06
C VAL E 295 6.53 8.36 20.04
N VAL E 296 7.44 9.34 20.13
CA VAL E 296 7.35 10.42 21.10
C VAL E 296 6.81 11.67 20.40
N SER E 297 5.88 12.35 21.05
CA SER E 297 5.29 13.57 20.50
C SER E 297 4.89 14.50 21.63
N ASP E 298 4.54 15.73 21.26
CA ASP E 298 4.10 16.72 22.24
C ASP E 298 2.83 16.25 22.94
N ALA E 299 2.67 16.65 24.20
CA ALA E 299 1.45 16.39 24.93
C ALA E 299 0.85 17.68 25.47
N ILE E 300 1.43 18.23 26.55
CA ILE E 300 0.87 19.36 27.26
C ILE E 300 1.80 20.56 27.11
N GLN E 301 1.23 21.72 26.82
CA GLN E 301 1.92 23.01 26.85
C GLN E 301 1.57 23.74 28.14
N VAL E 302 2.57 24.41 28.72
CA VAL E 302 2.41 25.17 29.96
C VAL E 302 2.57 26.65 29.65
N ARG E 303 1.66 27.47 30.18
CA ARG E 303 1.77 28.92 30.13
C ARG E 303 1.82 29.45 31.56
N LEU E 304 3.00 29.85 32.00
CA LEU E 304 3.13 30.45 33.33
C LEU E 304 2.56 31.85 33.32
N VAL E 305 1.64 32.12 34.25
CA VAL E 305 1.05 33.44 34.39
C VAL E 305 1.48 34.13 35.68
N ASP E 306 1.83 33.38 36.72
CA ASP E 306 2.39 33.94 37.95
C ASP E 306 3.70 33.20 38.22
N ILE E 307 4.79 33.76 37.68
CA ILE E 307 6.07 33.06 37.73
C ILE E 307 6.56 32.79 39.14
N PRO E 308 6.62 33.79 40.05
CA PRO E 308 7.15 33.49 41.40
C PRO E 308 6.38 32.42 42.13
N ARG E 309 5.05 32.45 42.06
CA ARG E 309 4.27 31.45 42.79
C ARG E 309 4.44 30.07 42.17
N ALA E 310 4.54 30.01 40.84
CA ALA E 310 4.66 28.72 40.16
C ALA E 310 5.97 28.02 40.50
N LEU E 311 7.10 28.75 40.45
CA LEU E 311 8.37 28.15 40.80
C LEU E 311 8.45 27.78 42.27
N ALA E 312 7.73 28.50 43.13
CA ALA E 312 7.77 28.18 44.55
C ALA E 312 6.88 27.00 44.93
N GLN E 313 5.95 26.62 44.05
CA GLN E 313 5.02 25.53 44.33
C GLN E 313 5.59 24.16 44.02
N ARG E 314 6.44 24.04 43.01
CA ARG E 314 7.03 22.75 42.73
C ARG E 314 8.28 22.57 43.58
N ARG E 315 8.78 21.35 43.62
CA ARG E 315 10.04 21.05 44.28
C ARG E 315 11.06 20.67 43.22
N TYR E 316 12.33 20.68 43.61
CA TYR E 316 13.42 20.54 42.67
C TYR E 316 14.30 19.36 43.03
N ALA E 317 14.84 18.70 42.01
CA ALA E 317 15.56 17.45 42.19
C ALA E 317 16.85 17.64 42.97
N ALA E 318 17.42 18.84 42.94
CA ALA E 318 18.62 19.15 43.71
C ALA E 318 18.58 20.63 44.05
N ASP E 319 19.49 21.05 44.94
CA ASP E 319 19.54 22.43 45.36
C ASP E 319 19.85 23.34 44.17
N VAL E 320 19.24 24.52 44.18
CA VAL E 320 19.45 25.50 43.12
C VAL E 320 19.34 26.89 43.71
N ASP E 321 20.25 27.77 43.31
CA ASP E 321 20.21 29.18 43.68
C ASP E 321 20.63 29.93 42.42
N VAL E 322 19.65 30.39 41.64
CA VAL E 322 19.90 30.94 40.32
C VAL E 322 19.00 32.14 40.09
N VAL E 323 19.50 33.08 39.31
CA VAL E 323 18.75 34.28 38.93
C VAL E 323 18.38 34.14 37.45
N LEU E 324 17.09 34.23 37.16
CA LEU E 324 16.56 34.01 35.81
C LEU E 324 16.10 35.34 35.21
N GLU E 325 16.69 35.71 34.08
CA GLU E 325 16.26 36.87 33.30
C GLU E 325 15.18 36.40 32.34
N VAL E 326 13.92 36.63 32.69
CA VAL E 326 12.78 36.10 31.96
C VAL E 326 12.22 37.18 31.05
N THR E 327 12.01 36.84 29.79
CA THR E 327 11.39 37.71 28.81
C THR E 327 10.01 37.14 28.49
N ASP E 328 8.98 37.95 28.69
CA ASP E 328 7.59 37.56 28.42
C ASP E 328 7.06 38.49 27.34
N ASP E 329 7.03 38.01 26.09
CA ASP E 329 6.62 38.88 24.99
C ASP E 329 5.14 39.16 25.02
N PHE E 330 4.32 38.16 25.33
CA PHE E 330 2.87 38.31 25.29
C PHE E 330 2.34 39.09 26.49
N LEU E 331 2.86 38.82 27.69
CA LEU E 331 2.47 39.51 28.91
C LEU E 331 3.71 40.18 29.49
N PRO E 332 4.12 41.33 28.92
CA PRO E 332 5.39 41.95 29.33
C PRO E 332 5.45 42.37 30.79
N GLU E 333 4.32 42.41 31.51
CA GLU E 333 4.38 42.76 32.92
C GLU E 333 5.09 41.69 33.74
N ASN E 334 5.22 40.48 33.19
CA ASN E 334 5.96 39.40 33.84
C ASN E 334 7.44 39.43 33.50
N SER E 335 7.86 40.23 32.52
CA SER E 335 9.28 40.31 32.22
C SER E 335 10.01 40.88 33.42
N GLY E 336 11.15 40.29 33.72
CA GLY E 336 11.89 40.70 34.91
C GLY E 336 12.92 39.66 35.26
N ARG E 337 13.63 39.97 36.34
CA ARG E 337 14.73 39.15 36.83
C ARG E 337 14.32 38.49 38.13
N TYR E 338 14.30 37.15 38.15
CA TYR E 338 13.78 36.37 39.27
C TYR E 338 14.89 35.53 39.88
N ARG E 339 14.95 35.53 41.22
CA ARG E 339 15.87 34.65 41.95
C ARG E 339 15.09 33.42 42.44
N LEU E 340 15.53 32.25 42.00
CA LEU E 340 14.93 30.98 42.41
C LEU E 340 15.86 30.27 43.38
N ARG E 341 15.36 29.96 44.57
CA ARG E 341 16.06 29.14 45.55
C ARG E 341 15.17 27.95 45.87
N GLY E 342 15.59 26.76 45.47
CA GLY E 342 14.76 25.58 45.61
C GLY E 342 15.57 24.33 45.86
N GLY E 343 14.87 23.29 46.29
CA GLY E 343 15.46 22.01 46.56
C GLY E 343 14.41 20.94 46.66
N LEU E 344 14.77 19.84 47.32
CA LEU E 344 13.83 18.73 47.46
C LEU E 344 12.67 19.09 48.37
N ASP E 345 12.95 19.87 49.43
CA ASP E 345 11.96 20.17 50.45
C ASP E 345 11.61 21.65 50.57
N HIS E 346 12.16 22.52 49.71
CA HIS E 346 11.89 23.94 49.82
C HIS E 346 11.91 24.58 48.44
N ALA E 347 11.27 25.74 48.33
CA ALA E 347 11.27 26.52 47.09
C ALA E 347 10.77 27.94 47.33
N SER E 348 11.50 28.93 46.84
CA SER E 348 11.07 30.32 46.90
C SER E 348 11.48 31.03 45.63
N CYS E 349 10.74 32.09 45.28
CA CYS E 349 11.00 32.85 44.06
C CYS E 349 10.42 34.25 44.17
N GLU E 350 11.23 35.26 43.82
CA GLU E 350 10.81 36.64 43.89
C GLU E 350 11.61 37.47 42.89
N ILE E 351 11.04 38.61 42.48
CA ILE E 351 11.79 39.55 41.66
C ILE E 351 12.99 40.05 42.47
N THR E 352 14.14 40.18 41.81
CA THR E 352 15.36 40.59 42.47
C THR E 352 16.15 41.53 41.57
N THR E 353 17.07 42.27 42.17
CA THR E 353 17.99 43.12 41.45
C THR E 353 19.40 42.53 41.37
N ASP E 354 19.60 41.32 41.88
CA ASP E 354 20.88 40.64 41.79
C ASP E 354 21.24 40.38 40.32
N ASP E 355 22.49 40.00 40.08
CA ASP E 355 22.94 39.73 38.72
C ASP E 355 22.28 38.46 38.19
N ALA E 356 21.82 38.52 36.93
CA ALA E 356 21.16 37.38 36.30
C ALA E 356 22.18 36.33 35.88
N ASP E 357 21.80 35.06 36.02
CA ASP E 357 22.63 33.94 35.62
C ASP E 357 22.21 33.34 34.28
N ILE E 358 20.92 33.33 33.98
CA ILE E 358 20.38 32.67 32.79
C ILE E 358 19.33 33.58 32.18
N ALA E 359 19.37 33.72 30.85
CA ALA E 359 18.38 34.49 30.12
C ALA E 359 17.55 33.55 29.27
N LEU E 360 16.22 33.66 29.40
CA LEU E 360 15.30 32.79 28.66
C LEU E 360 13.93 33.44 28.63
N THR E 361 13.10 32.93 27.72
CA THR E 361 11.73 33.41 27.58
C THR E 361 10.80 32.65 28.52
N VAL E 362 9.62 33.23 28.74
CA VAL E 362 8.63 32.57 29.58
C VAL E 362 8.13 31.29 28.92
N ARG E 363 8.16 31.25 27.59
CA ARG E 363 7.79 30.02 26.88
C ARG E 363 8.75 28.88 27.20
N ASP E 364 10.05 29.14 27.08
CA ASP E 364 11.04 28.10 27.38
C ASP E 364 11.07 27.76 28.87
N LEU E 365 10.86 28.77 29.74
CA LEU E 365 10.76 28.48 31.16
C LEU E 365 9.59 27.54 31.44
N GLY E 366 8.46 27.76 30.76
CA GLY E 366 7.34 26.85 30.89
C GLY E 366 7.67 25.46 30.38
N SER E 367 8.54 25.36 29.36
CA SER E 367 8.87 24.05 28.80
C SER E 367 9.61 23.19 29.81
N VAL E 368 10.50 23.80 30.60
CA VAL E 368 11.27 23.03 31.58
C VAL E 368 10.55 22.88 32.90
N TYR E 369 9.37 23.48 33.05
CA TYR E 369 8.74 23.62 34.36
C TYR E 369 8.32 22.29 34.97
N MET E 370 7.93 21.32 34.14
CA MET E 370 7.43 20.05 34.62
C MET E 370 8.51 18.97 34.64
N GLY E 371 9.76 19.33 34.38
CA GLY E 371 10.85 18.37 34.37
C GLY E 371 10.89 17.46 33.17
N GLY E 372 10.16 17.79 32.10
CA GLY E 372 10.14 16.94 30.92
C GLY E 372 11.03 17.41 29.79
N VAL E 373 11.64 18.59 29.94
CA VAL E 373 12.53 19.17 28.95
C VAL E 373 13.74 19.73 29.68
N SER E 374 14.94 19.29 29.30
CA SER E 374 16.15 19.72 29.97
C SER E 374 16.50 21.15 29.60
N LEU E 375 16.71 22.00 30.60
CA LEU E 375 17.20 23.34 30.34
C LEU E 375 18.58 23.31 29.68
N GLN E 376 19.38 22.28 29.98
CA GLN E 376 20.70 22.15 29.38
C GLN E 376 20.62 21.99 27.87
N VAL E 377 19.65 21.20 27.39
CA VAL E 377 19.50 21.00 25.95
C VAL E 377 19.03 22.29 25.27
N LEU E 378 18.08 22.99 25.91
CA LEU E 378 17.63 24.27 25.37
C LEU E 378 18.77 25.27 25.26
N ALA E 379 19.73 25.23 26.18
CA ALA E 379 20.88 26.12 26.09
C ALA E 379 21.80 25.70 24.95
N SER E 380 22.07 24.40 24.82
CA SER E 380 22.90 23.92 23.72
C SER E 380 22.27 24.23 22.37
N ALA E 381 20.95 24.31 22.32
CA ALA E 381 20.24 24.63 21.08
C ALA E 381 20.31 26.12 20.72
N GLY E 382 20.68 26.98 21.66
CA GLY E 382 20.70 28.40 21.41
C GLY E 382 19.44 29.14 21.82
N LEU E 383 18.44 28.43 22.38
CA LEU E 383 17.19 29.08 22.78
C LEU E 383 17.32 29.70 24.15
N VAL E 384 18.19 29.16 25.00
CA VAL E 384 18.47 29.70 26.33
C VAL E 384 19.92 30.11 26.37
N THR E 385 20.20 31.23 27.04
CA THR E 385 21.54 31.81 27.07
C THR E 385 22.07 31.81 28.50
N GLU E 386 23.25 31.24 28.68
CA GLU E 386 23.93 31.27 29.97
C GLU E 386 24.74 32.56 30.08
N LEU E 387 24.50 33.30 31.16
CA LEU E 387 25.20 34.57 31.39
C LEU E 387 26.35 34.45 32.36
N ARG E 388 26.33 33.47 33.25
CA ARG E 388 27.40 33.24 34.20
C ARG E 388 27.70 31.74 34.25
N ALA E 389 28.98 31.40 34.35
CA ALA E 389 29.42 30.02 34.15
C ALA E 389 28.82 29.07 35.18
N GLY E 390 28.45 27.88 34.72
CA GLY E 390 27.94 26.83 35.56
C GLY E 390 26.49 26.91 35.94
N ALA E 391 25.80 28.00 35.60
CA ALA E 391 24.42 28.17 36.03
C ALA E 391 23.47 27.17 35.37
N VAL E 392 23.62 26.96 34.06
CA VAL E 392 22.67 26.12 33.33
C VAL E 392 22.72 24.69 33.85
N GLN E 393 23.92 24.16 34.08
CA GLN E 393 24.03 22.76 34.50
C GLN E 393 23.33 22.51 35.83
N ARG E 394 23.57 23.38 36.81
CA ARG E 394 22.92 23.24 38.11
C ARG E 394 21.41 23.44 38.01
N ALA E 395 20.97 24.43 37.23
CA ALA E 395 19.54 24.69 37.10
C ALA E 395 18.83 23.57 36.34
N ALA E 396 19.50 22.98 35.35
CA ALA E 396 18.87 21.91 34.57
C ALA E 396 18.60 20.69 35.44
N THR E 397 19.60 20.26 36.22
CA THR E 397 19.40 19.12 37.12
C THR E 397 18.28 19.39 38.12
N ALA E 398 18.27 20.59 38.71
CA ALA E 398 17.24 20.91 39.70
C ALA E 398 15.86 20.97 39.06
N PHE E 399 15.77 21.50 37.84
CA PHE E 399 14.49 21.57 37.15
C PHE E 399 14.02 20.20 36.66
N GLY E 400 14.92 19.23 36.54
CA GLY E 400 14.54 17.87 36.21
C GLY E 400 13.82 17.20 37.37
N TRP E 401 13.49 15.92 37.15
CA TRP E 401 12.80 15.13 38.14
C TRP E 401 12.99 13.67 37.81
N PRO E 402 13.14 12.80 38.81
CA PRO E 402 13.38 11.37 38.50
C PRO E 402 12.22 10.69 37.79
N VAL E 403 11.00 11.22 37.92
CA VAL E 403 9.82 10.68 37.24
C VAL E 403 9.38 11.70 36.19
N ALA E 404 9.35 11.27 34.93
CA ALA E 404 8.96 12.16 33.85
C ALA E 404 7.50 12.57 33.99
N PRO E 405 7.15 13.80 33.63
CA PRO E 405 5.74 14.18 33.59
C PRO E 405 5.01 13.43 32.48
N SER E 406 3.70 13.29 32.66
CA SER E 406 2.89 12.52 31.72
C SER E 406 1.57 13.24 31.47
N ALA E 407 0.92 12.87 30.36
CA ALA E 407 -0.29 13.56 29.92
C ALA E 407 -1.49 13.16 30.78
N PRO E 408 -2.31 14.11 31.22
CA PRO E 408 -3.54 13.77 31.94
C PRO E 408 -4.63 13.33 30.98
N ASP E 409 -5.82 13.09 31.53
CA ASP E 409 -6.97 12.79 30.70
C ASP E 409 -7.29 13.98 29.79
N ASP E 410 -7.81 13.66 28.60
CA ASP E 410 -7.99 14.65 27.55
C ASP E 410 -8.97 15.74 27.96
N PHE E 411 -8.68 16.96 27.50
CA PHE E 411 -9.61 18.08 27.64
C PHE E 411 -9.45 19.06 26.49
N LEU F 4 35.41 -28.84 17.93
CA LEU F 4 35.46 -27.38 17.88
C LEU F 4 36.66 -26.86 18.67
N THR F 5 37.31 -25.83 18.14
CA THR F 5 38.46 -25.20 18.79
C THR F 5 38.17 -23.73 19.05
N LEU F 6 38.39 -23.30 20.29
CA LEU F 6 38.29 -21.88 20.64
C LEU F 6 39.66 -21.24 20.45
N ARG F 7 39.75 -20.28 19.53
CA ARG F 7 41.03 -19.65 19.21
C ARG F 7 40.78 -18.27 18.62
N THR F 8 41.86 -17.53 18.46
CA THR F 8 41.83 -16.19 17.87
C THR F 8 42.26 -16.24 16.41
N ILE F 9 42.11 -15.10 15.74
CA ILE F 9 42.46 -15.00 14.33
C ILE F 9 43.98 -15.06 14.18
N ALA F 10 44.44 -15.86 13.22
CA ALA F 10 45.88 -16.10 13.05
C ALA F 10 46.53 -15.21 12.00
N ASP F 11 45.90 -15.00 10.86
CA ASP F 11 46.50 -14.20 9.79
C ASP F 11 45.38 -13.55 8.98
N GLU F 12 45.72 -13.07 7.78
CA GLU F 12 44.78 -12.28 6.99
C GLU F 12 43.75 -13.17 6.28
N ASP F 13 44.17 -14.32 5.75
CA ASP F 13 43.20 -15.26 5.19
C ASP F 13 42.26 -15.77 6.27
N ASP F 14 42.80 -16.02 7.47
CA ASP F 14 41.95 -16.39 8.60
C ASP F 14 40.98 -15.27 8.94
N TYR F 15 41.44 -14.02 8.84
CA TYR F 15 40.60 -12.87 9.16
C TYR F 15 39.41 -12.75 8.20
N GLU F 16 39.66 -12.86 6.90
CA GLU F 16 38.57 -12.70 5.94
C GLU F 16 37.56 -13.84 6.03
N SER F 17 38.04 -15.07 6.27
CA SER F 17 37.12 -16.18 6.51
C SER F 17 36.32 -15.95 7.78
N TYR F 18 36.97 -15.41 8.81
CA TYR F 18 36.29 -15.10 10.07
C TYR F 18 35.18 -14.09 9.84
N MET F 19 35.49 -12.99 9.16
CA MET F 19 34.47 -11.97 8.90
C MET F 19 33.40 -12.47 7.94
N ALA F 20 33.76 -13.32 6.99
CA ALA F 20 32.77 -13.88 6.06
C ALA F 20 31.71 -14.67 6.81
N SER F 21 32.12 -15.45 7.82
CA SER F 21 31.16 -16.22 8.59
C SER F 21 30.21 -15.34 9.39
N ALA F 22 30.69 -14.19 9.88
CA ALA F 22 29.84 -13.30 10.66
C ALA F 22 28.72 -12.72 9.80
N TYR F 23 29.06 -12.25 8.60
CA TYR F 23 28.03 -11.78 7.68
C TYR F 23 27.08 -12.90 7.29
N SER F 24 27.61 -14.12 7.12
CA SER F 24 26.78 -15.25 6.71
C SER F 24 25.72 -15.58 7.76
N VAL F 25 26.08 -15.50 9.04
CA VAL F 25 25.10 -15.74 10.11
C VAL F 25 23.97 -14.71 10.02
N PHE F 26 24.30 -13.48 9.64
CA PHE F 26 23.31 -12.43 9.47
C PHE F 26 22.73 -12.38 8.06
N LEU F 27 22.82 -13.48 7.31
CA LEU F 27 22.11 -13.65 6.05
C LEU F 27 22.57 -12.65 4.98
N ARG F 28 23.82 -12.22 5.05
CA ARG F 28 24.35 -11.18 4.18
C ARG F 28 25.64 -11.65 3.51
N ASP F 29 25.87 -11.16 2.31
CA ASP F 29 27.18 -11.34 1.68
C ASP F 29 28.21 -10.47 2.40
N PRO F 30 29.49 -10.85 2.34
CA PRO F 30 30.53 -10.03 2.97
C PRO F 30 30.68 -8.69 2.26
N GLN F 31 30.69 -7.62 3.04
CA GLN F 31 30.92 -6.28 2.50
C GLN F 31 32.41 -6.07 2.42
N LYS F 32 32.98 -6.29 1.23
CA LYS F 32 34.44 -6.30 1.09
C LYS F 32 35.05 -4.95 1.46
N ASP F 33 34.38 -3.86 1.08
CA ASP F 33 34.93 -2.54 1.37
C ASP F 33 34.96 -2.26 2.88
N GLU F 34 33.90 -2.64 3.58
CA GLU F 34 33.87 -2.44 5.03
C GLU F 34 34.85 -3.36 5.74
N ILE F 35 34.95 -4.61 5.29
CA ILE F 35 35.88 -5.57 5.90
C ILE F 35 37.31 -5.07 5.80
N GLU F 36 37.68 -4.47 4.65
CA GLU F 36 39.05 -4.02 4.47
C GLU F 36 39.36 -2.79 5.32
N VAL F 37 38.44 -1.82 5.37
CA VAL F 37 38.72 -0.59 6.08
C VAL F 37 38.71 -0.81 7.60
N ASN F 38 37.89 -1.75 8.08
CA ASN F 38 37.82 -2.01 9.51
C ASN F 38 39.01 -2.82 10.02
N ARG F 39 39.74 -3.51 9.14
CA ARG F 39 40.94 -4.23 9.55
C ARG F 39 41.97 -3.32 10.20
N LYS F 40 42.01 -2.05 9.79
CA LYS F 40 43.09 -1.15 10.22
C LYS F 40 43.07 -0.86 11.72
N PHE F 41 41.92 -1.02 12.39
CA PHE F 41 41.88 -0.90 13.85
C PHE F 41 41.49 -2.20 14.53
N THR F 42 41.60 -3.32 13.81
CA THR F 42 41.32 -4.64 14.37
C THR F 42 42.58 -5.24 14.99
N GLU F 43 42.46 -5.72 16.23
CA GLU F 43 43.51 -6.49 16.88
C GLU F 43 43.13 -7.97 16.83
N LEU F 44 43.95 -8.77 16.13
CA LEU F 44 43.61 -10.16 15.89
C LEU F 44 43.45 -10.94 17.18
N ASP F 45 44.22 -10.62 18.22
CA ASP F 45 44.14 -11.34 19.47
C ASP F 45 42.91 -10.96 20.31
N ARG F 46 42.10 -10.01 19.84
CA ARG F 46 40.82 -9.71 20.46
C ARG F 46 39.64 -10.29 19.70
N MET F 47 39.90 -11.01 18.60
CA MET F 47 38.86 -11.60 17.76
C MET F 47 38.87 -13.11 18.01
N ILE F 48 37.95 -13.58 18.86
CA ILE F 48 37.90 -14.97 19.25
C ILE F 48 36.75 -15.65 18.52
N GLY F 49 36.76 -16.98 18.51
CA GLY F 49 35.70 -17.73 17.89
C GLY F 49 35.95 -19.21 18.00
N PHE F 50 35.01 -19.99 17.47
CA PHE F 50 35.08 -21.44 17.43
C PHE F 50 35.29 -21.90 15.99
N HIS F 51 36.23 -22.83 15.80
CA HIS F 51 36.58 -23.35 14.49
C HIS F 51 36.49 -24.87 14.51
N ASP F 52 35.81 -25.45 13.52
CA ASP F 52 35.58 -26.89 13.48
C ASP F 52 36.65 -27.64 12.66
N GLY F 53 37.76 -26.98 12.33
CA GLY F 53 38.82 -27.55 11.53
C GLY F 53 38.88 -27.02 10.11
N LYS F 54 37.75 -26.63 9.54
CA LYS F 54 37.72 -26.08 8.19
C LYS F 54 37.00 -24.75 8.05
N LYS F 55 36.11 -24.38 8.98
CA LYS F 55 35.45 -23.09 8.90
C LYS F 55 35.15 -22.58 10.29
N TRP F 56 34.92 -21.27 10.38
CA TRP F 56 34.48 -20.65 11.63
C TRP F 56 32.99 -20.91 11.85
N VAL F 57 32.64 -21.32 13.06
CA VAL F 57 31.26 -21.60 13.42
C VAL F 57 30.74 -20.64 14.47
N ALA F 58 31.58 -19.75 15.00
CA ALA F 58 31.15 -18.77 15.98
C ALA F 58 32.21 -17.68 16.08
N THR F 59 31.78 -16.45 16.37
CA THR F 59 32.66 -15.31 16.46
C THR F 59 32.22 -14.39 17.59
N THR F 60 33.19 -13.67 18.15
CA THR F 60 32.91 -12.58 19.09
C THR F 60 34.18 -11.74 19.18
N GLY F 61 34.09 -10.47 18.79
CA GLY F 61 35.25 -9.60 18.73
C GLY F 61 35.10 -8.36 19.61
N ALA F 62 36.19 -7.61 19.70
CA ALA F 62 36.21 -6.38 20.46
C ALA F 62 37.27 -5.44 19.89
N PHE F 63 36.92 -4.17 19.78
CA PHE F 63 37.84 -3.11 19.43
C PHE F 63 38.26 -2.37 20.69
N SER F 64 39.52 -1.93 20.72
CA SER F 64 40.01 -1.10 21.82
C SER F 64 39.64 0.36 21.54
N ARG F 65 38.64 0.87 22.24
CA ARG F 65 38.16 2.22 22.05
C ARG F 65 38.14 2.95 23.38
N HIS F 66 37.71 4.20 23.34
CA HIS F 66 37.61 5.05 24.53
C HIS F 66 36.32 5.85 24.43
N VAL F 67 35.53 5.87 25.50
CA VAL F 67 34.21 6.46 25.49
C VAL F 67 34.15 7.60 26.50
N VAL F 68 33.39 8.63 26.16
CA VAL F 68 33.17 9.76 27.05
C VAL F 68 32.08 9.40 28.05
N LEU F 69 32.35 9.62 29.33
CA LEU F 69 31.40 9.41 30.42
C LEU F 69 30.73 10.72 30.81
N PRO F 70 29.61 10.65 31.53
CA PRO F 70 29.05 11.88 32.13
C PRO F 70 30.08 12.60 32.98
N GLY F 71 30.35 13.86 32.64
CA GLY F 71 31.38 14.64 33.28
C GLY F 71 32.58 14.92 32.40
N GLY F 72 32.74 14.18 31.30
CA GLY F 72 33.78 14.45 30.33
C GLY F 72 34.96 13.52 30.37
N ALA F 73 35.05 12.65 31.37
CA ALA F 73 36.17 11.72 31.46
C ALA F 73 36.12 10.72 30.30
N VAL F 74 37.29 10.45 29.73
CA VAL F 74 37.44 9.52 28.61
C VAL F 74 38.14 8.28 29.12
N VAL F 75 37.44 7.15 29.12
CA VAL F 75 37.97 5.91 29.70
C VAL F 75 38.07 4.84 28.62
N PRO F 76 39.02 3.91 28.72
CA PRO F 76 39.07 2.81 27.76
C PRO F 76 37.87 1.88 27.93
N VAL F 77 37.38 1.36 26.81
CA VAL F 77 36.20 0.51 26.79
C VAL F 77 36.34 -0.51 25.67
N ALA F 78 35.85 -1.72 25.91
CA ALA F 78 35.82 -2.75 24.89
C ALA F 78 34.56 -2.59 24.04
N ALA F 79 34.74 -2.27 22.76
CA ALA F 79 33.62 -2.14 21.83
C ALA F 79 33.37 -3.52 21.21
N VAL F 80 32.42 -4.26 21.78
CA VAL F 80 32.20 -5.63 21.39
C VAL F 80 31.51 -5.68 20.03
N THR F 81 31.92 -6.63 19.19
CA THR F 81 31.44 -6.68 17.82
C THR F 81 31.45 -8.12 17.32
N ALA F 82 30.76 -8.32 16.19
CA ALA F 82 30.84 -9.57 15.42
C ALA F 82 30.47 -10.79 16.27
N VAL F 83 29.32 -10.74 16.91
CA VAL F 83 28.84 -11.80 17.78
C VAL F 83 27.92 -12.69 16.96
N THR F 84 28.41 -13.84 16.52
CA THR F 84 27.65 -14.75 15.67
C THR F 84 27.90 -16.19 16.11
N VAL F 85 26.92 -17.05 15.81
CA VAL F 85 27.08 -18.50 15.91
C VAL F 85 26.39 -19.12 14.71
N SER F 86 27.05 -20.12 14.11
CA SER F 86 26.47 -20.81 12.97
C SER F 86 25.10 -21.39 13.33
N PRO F 87 24.14 -21.41 12.41
CA PRO F 87 22.81 -21.93 12.73
C PRO F 87 22.80 -23.41 13.06
N THR F 88 23.79 -24.18 12.60
CA THR F 88 23.86 -25.60 12.92
C THR F 88 24.46 -25.88 14.30
N HIS F 89 24.94 -24.85 15.00
CA HIS F 89 25.58 -25.00 16.30
C HIS F 89 24.92 -24.14 17.37
N ARG F 90 23.64 -23.78 17.19
CA ARG F 90 22.95 -22.94 18.15
C ARG F 90 22.57 -23.73 19.40
N ARG F 91 22.40 -22.99 20.50
CA ARG F 91 21.92 -23.55 21.77
C ARG F 91 22.82 -24.69 22.26
N ARG F 92 24.13 -24.52 22.09
CA ARG F 92 25.10 -25.50 22.55
C ARG F 92 26.19 -24.91 23.43
N GLY F 93 26.01 -23.67 23.92
CA GLY F 93 26.93 -23.06 24.86
C GLY F 93 28.07 -22.29 24.24
N LEU F 94 28.16 -22.22 22.91
CA LEU F 94 29.29 -21.56 22.27
C LEU F 94 29.30 -20.07 22.54
N LEU F 95 28.13 -19.41 22.45
CA LEU F 95 28.06 -17.98 22.70
C LEU F 95 28.45 -17.66 24.15
N THR F 96 27.96 -18.45 25.09
CA THR F 96 28.28 -18.24 26.50
C THR F 96 29.77 -18.41 26.77
N THR F 97 30.37 -19.47 26.21
CA THR F 97 31.79 -19.72 26.41
C THR F 97 32.64 -18.56 25.90
N MET F 98 32.34 -18.09 24.69
CA MET F 98 33.08 -16.97 24.10
C MET F 98 32.96 -15.72 24.97
N MET F 99 31.79 -15.51 25.57
CA MET F 99 31.59 -14.28 26.33
C MET F 99 32.34 -14.30 27.65
N ARG F 100 32.43 -15.48 28.27
CA ARG F 100 33.24 -15.61 29.49
C ARG F 100 34.70 -15.31 29.21
N HIS F 101 35.24 -15.87 28.12
CA HIS F 101 36.63 -15.60 27.77
C HIS F 101 36.84 -14.13 27.43
N GLN F 102 35.89 -13.53 26.70
CA GLN F 102 36.05 -12.13 26.31
C GLN F 102 35.96 -11.21 27.53
N LEU F 103 34.95 -11.42 28.38
CA LEU F 103 34.81 -10.57 29.55
C LEU F 103 36.00 -10.73 30.50
N ALA F 104 36.54 -11.94 30.61
CA ALA F 104 37.74 -12.14 31.42
C ALA F 104 38.92 -11.40 30.82
N ASP F 105 39.10 -11.47 29.51
CA ASP F 105 40.18 -10.72 28.86
C ASP F 105 39.97 -9.22 29.01
N ILE F 106 38.72 -8.76 28.91
CA ILE F 106 38.42 -7.34 29.09
C ILE F 106 38.86 -6.89 30.48
N ARG F 107 38.58 -7.70 31.49
CA ARG F 107 38.97 -7.35 32.86
C ARG F 107 40.49 -7.37 33.01
N SER F 108 41.16 -8.33 32.37
CA SER F 108 42.62 -8.40 32.46
C SER F 108 43.30 -7.30 31.67
N ARG F 109 42.63 -6.72 30.67
CA ARG F 109 43.18 -5.60 29.93
C ARG F 109 42.95 -4.26 30.61
N GLY F 110 42.34 -4.26 31.80
CA GLY F 110 42.07 -3.04 32.53
C GLY F 110 40.84 -2.27 32.11
N GLU F 111 40.06 -2.79 31.16
CA GLU F 111 38.83 -2.13 30.74
C GLU F 111 37.73 -2.43 31.76
N SER F 112 37.17 -1.37 32.36
CA SER F 112 36.17 -1.52 33.41
C SER F 112 34.76 -1.81 32.89
N LEU F 113 34.53 -1.68 31.59
CA LEU F 113 33.18 -1.91 31.07
C LEU F 113 33.28 -2.27 29.60
N ALA F 114 32.22 -2.90 29.10
CA ALA F 114 32.08 -3.20 27.69
C ALA F 114 30.82 -2.54 27.14
N MET F 115 30.85 -2.20 25.86
CA MET F 115 29.72 -1.60 25.19
C MET F 115 29.41 -2.36 23.91
N LEU F 116 28.12 -2.47 23.60
CA LEU F 116 27.64 -3.36 22.54
C LEU F 116 26.36 -2.77 21.96
N PHE F 117 26.35 -2.60 20.64
CA PHE F 117 25.13 -2.10 19.99
C PHE F 117 24.01 -3.12 20.11
N ALA F 118 22.80 -2.63 20.37
CA ALA F 118 21.64 -3.50 20.51
C ALA F 118 21.35 -4.29 19.23
N SER F 119 21.85 -3.82 18.07
CA SER F 119 21.65 -4.55 16.82
C SER F 119 22.37 -5.89 16.79
N GLU F 120 23.23 -6.18 17.77
CA GLU F 120 23.80 -7.52 17.93
C GLU F 120 22.74 -8.42 18.59
N ALA F 121 21.73 -8.75 17.79
CA ALA F 121 20.51 -9.36 18.33
C ALA F 121 20.74 -10.73 18.93
N LEU F 122 21.84 -11.40 18.56
CA LEU F 122 22.02 -12.79 18.97
C LEU F 122 22.28 -12.94 20.47
N ILE F 123 22.73 -11.88 21.14
CA ILE F 123 23.00 -11.95 22.58
C ILE F 123 22.33 -10.78 23.29
N TYR F 124 21.26 -10.25 22.70
CA TYR F 124 20.53 -9.14 23.29
C TYR F 124 20.08 -9.46 24.71
N GLY F 125 20.46 -8.61 25.66
CA GLY F 125 19.98 -8.70 27.02
C GLY F 125 20.53 -9.84 27.84
N ARG F 126 21.59 -10.49 27.39
CA ARG F 126 22.20 -11.60 28.11
C ARG F 126 23.52 -11.18 28.73
N PHE F 127 23.99 -12.02 29.66
CA PHE F 127 25.34 -11.94 30.21
C PHE F 127 25.58 -10.69 31.05
N GLY F 128 24.53 -9.99 31.47
CA GLY F 128 24.69 -8.78 32.24
C GLY F 128 24.71 -7.50 31.44
N TYR F 129 24.54 -7.57 30.12
CA TYR F 129 24.41 -6.36 29.32
C TYR F 129 23.07 -5.71 29.58
N GLY F 130 23.09 -4.41 29.84
CA GLY F 130 21.87 -3.63 30.02
C GLY F 130 21.83 -2.45 29.09
N VAL F 131 20.66 -2.20 28.50
CA VAL F 131 20.48 -1.05 27.61
C VAL F 131 20.63 0.23 28.42
N ALA F 132 21.64 1.03 28.08
CA ALA F 132 21.91 2.27 28.79
C ALA F 132 21.75 3.53 27.95
N THR F 133 21.72 3.41 26.63
CA THR F 133 21.65 4.56 25.74
C THR F 133 20.60 4.30 24.67
N GLU F 134 19.85 5.34 24.32
CA GLU F 134 18.86 5.26 23.27
C GLU F 134 19.24 6.16 22.10
N SER F 135 18.63 5.89 20.94
CA SER F 135 18.77 6.74 19.77
C SER F 135 17.40 7.04 19.21
N ALA F 136 17.32 8.14 18.45
CA ALA F 136 16.08 8.58 17.86
C ALA F 136 16.22 8.64 16.35
N GLU F 137 15.22 8.12 15.63
CA GLU F 137 15.10 8.35 14.20
C GLU F 137 14.21 9.56 13.99
N LEU F 138 14.76 10.61 13.41
CA LEU F 138 14.04 11.84 13.14
C LEU F 138 13.75 11.95 11.65
N SER F 139 12.53 12.34 11.31
CA SER F 139 12.14 12.41 9.91
C SER F 139 10.96 13.35 9.76
N GLY F 140 10.80 13.86 8.54
CA GLY F 140 9.70 14.75 8.23
C GLY F 140 9.91 15.42 6.89
N GLN F 141 8.87 16.12 6.45
CA GLN F 141 8.93 16.91 5.23
C GLN F 141 9.71 18.19 5.48
N VAL F 142 10.74 18.44 4.67
CA VAL F 142 11.63 19.58 4.91
C VAL F 142 10.87 20.90 4.83
N ARG F 143 9.82 20.98 4.02
CA ARG F 143 9.06 22.22 3.90
C ARG F 143 8.25 22.54 5.15
N GLU F 144 8.07 21.59 6.07
CA GLU F 144 7.31 21.79 7.29
C GLU F 144 8.21 22.01 8.51
N LEU F 145 9.51 22.15 8.32
CA LEU F 145 10.48 22.15 9.41
C LEU F 145 11.16 23.51 9.58
N ALA F 146 10.39 24.59 9.45
CA ALA F 146 10.91 25.91 9.78
C ALA F 146 11.31 25.97 11.25
N PHE F 147 12.31 26.79 11.55
CA PHE F 147 12.79 26.92 12.92
C PHE F 147 11.99 27.98 13.67
N ARG F 148 12.11 27.95 14.99
CA ARG F 148 11.59 29.03 15.80
C ARG F 148 12.31 30.32 15.43
N PRO F 149 11.62 31.47 15.46
CA PRO F 149 12.22 32.70 14.91
C PRO F 149 13.44 33.18 15.69
N THR F 150 13.52 32.87 16.98
CA THR F 150 14.65 33.30 17.80
C THR F 150 15.91 32.46 17.57
N VAL F 151 15.90 31.57 16.58
CA VAL F 151 17.06 30.73 16.30
C VAL F 151 18.07 31.56 15.51
N ASP F 152 19.23 31.78 16.10
CA ASP F 152 20.28 32.56 15.46
C ASP F 152 21.08 31.65 14.53
N LEU F 153 21.08 31.97 13.23
CA LEU F 153 21.83 31.19 12.26
C LEU F 153 23.25 31.68 12.08
N GLY F 154 23.57 32.90 12.52
CA GLY F 154 24.91 33.41 12.44
C GLY F 154 25.31 33.85 11.05
N ASP F 155 26.59 34.23 10.94
CA ASP F 155 27.18 34.72 9.70
C ASP F 155 27.92 33.64 8.94
N GLY F 156 27.68 32.38 9.28
CA GLY F 156 28.48 31.30 8.74
C GLY F 156 28.23 31.05 7.26
N THR F 157 29.16 30.31 6.66
CA THR F 157 29.09 29.93 5.26
C THR F 157 29.30 28.42 5.15
N LEU F 158 28.88 27.87 4.02
CA LEU F 158 28.92 26.43 3.80
C LEU F 158 29.53 26.12 2.43
N GLU F 159 30.21 24.98 2.37
CA GLU F 159 30.78 24.47 1.13
C GLU F 159 30.65 22.95 1.12
N GLU F 160 30.18 22.39 0.00
CA GLU F 160 30.25 20.96 -0.19
C GLU F 160 31.64 20.59 -0.66
N VAL F 161 32.29 19.65 0.05
CA VAL F 161 33.71 19.40 -0.13
C VAL F 161 33.97 17.90 -0.17
N SER F 162 35.18 17.55 -0.59
CA SER F 162 35.61 16.16 -0.71
C SER F 162 35.89 15.54 0.66
N ALA F 163 36.02 14.21 0.66
CA ALA F 163 36.32 13.47 1.88
C ALA F 163 37.65 13.88 2.48
N GLU F 164 38.67 14.07 1.64
CA GLU F 164 40.00 14.44 2.13
C GLU F 164 39.95 15.76 2.90
N THR F 165 39.29 16.77 2.32
CA THR F 165 39.15 18.04 3.01
C THR F 165 38.32 17.88 4.29
N PHE F 166 37.28 17.06 4.23
CA PHE F 166 36.44 16.79 5.40
C PHE F 166 37.28 16.26 6.56
N LEU F 167 38.15 15.30 6.28
CA LEU F 167 38.94 14.67 7.33
C LEU F 167 40.03 15.57 7.90
N ALA F 168 40.31 16.72 7.29
CA ALA F 168 41.29 17.64 7.85
C ALA F 168 40.70 18.56 8.90
N SER F 169 39.37 18.70 8.95
CA SER F 169 38.71 19.62 9.88
C SER F 169 37.73 18.92 10.80
N ALA F 170 37.03 17.90 10.33
CA ALA F 170 36.03 17.24 11.16
C ALA F 170 36.59 16.64 12.45
N PRO F 171 37.78 16.01 12.47
CA PRO F 171 38.28 15.49 13.77
C PRO F 171 38.42 16.56 14.84
N ALA F 172 38.91 17.75 14.48
CA ALA F 172 39.07 18.80 15.48
C ALA F 172 37.72 19.29 15.99
N ILE F 173 36.74 19.42 15.10
CA ILE F 173 35.38 19.78 15.52
C ILE F 173 34.80 18.71 16.42
N TYR F 174 34.94 17.44 16.01
CA TYR F 174 34.43 16.33 16.81
C TYR F 174 35.09 16.29 18.19
N ASP F 175 36.42 16.40 18.22
CA ASP F 175 37.15 16.35 19.49
C ASP F 175 36.73 17.47 20.44
N ALA F 176 36.25 18.58 19.89
CA ALA F 176 35.89 19.73 20.71
C ALA F 176 34.49 19.63 21.31
N VAL F 177 33.59 18.86 20.71
CA VAL F 177 32.20 18.85 21.16
C VAL F 177 31.90 17.66 22.06
N ILE F 178 32.65 16.57 21.91
CA ILE F 178 32.31 15.31 22.59
C ILE F 178 32.58 15.31 24.10
N PRO F 179 33.45 16.17 24.68
CA PRO F 179 33.54 16.18 26.15
C PRO F 179 32.21 16.46 26.84
N GLY F 180 31.27 17.11 26.17
CA GLY F 180 29.94 17.34 26.70
C GLY F 180 28.88 16.42 26.16
N LEU F 181 29.25 15.37 25.42
CA LEU F 181 28.32 14.43 24.80
C LEU F 181 28.67 13.01 25.25
N PRO F 182 28.23 12.61 26.44
CA PRO F 182 28.50 11.25 26.91
C PRO F 182 27.97 10.20 25.95
N GLY F 183 28.71 9.10 25.82
CA GLY F 183 28.40 8.02 24.92
C GLY F 183 29.22 8.05 23.64
N GLN F 184 29.69 9.21 23.23
CA GLN F 184 30.54 9.31 22.05
C GLN F 184 31.91 8.72 22.34
N MET F 185 32.57 8.25 21.29
CA MET F 185 33.86 7.60 21.41
C MET F 185 34.90 8.35 20.59
N SER F 186 36.14 8.33 21.07
CA SER F 186 37.25 8.93 20.34
C SER F 186 37.36 8.31 18.95
N ARG F 187 37.75 9.13 17.97
CA ARG F 187 37.87 8.70 16.59
C ARG F 187 39.29 8.98 16.10
N THR F 188 40.09 7.92 15.99
CA THR F 188 41.39 7.98 15.35
C THR F 188 41.20 8.16 13.84
N PRO F 189 42.28 8.41 13.08
CA PRO F 189 42.16 8.39 11.62
C PRO F 189 41.54 7.12 11.07
N GLU F 190 41.86 5.95 11.65
CA GLU F 190 41.31 4.71 11.13
C GLU F 190 39.80 4.64 11.32
N TRP F 191 39.31 5.13 12.46
CA TRP F 191 37.87 5.12 12.70
C TRP F 191 37.15 6.16 11.84
N TRP F 192 37.78 7.30 11.61
CA TRP F 192 37.23 8.26 10.66
C TRP F 192 37.16 7.67 9.26
N ALA F 193 38.14 6.85 8.89
CA ALA F 193 38.15 6.23 7.57
C ALA F 193 36.96 5.30 7.39
N SER F 194 36.60 4.56 8.44
CA SER F 194 35.43 3.70 8.37
C SER F 194 34.14 4.51 8.43
N TRP F 195 34.09 5.52 9.29
CA TRP F 195 32.89 6.33 9.46
C TRP F 195 32.52 7.06 8.18
N THR F 196 33.52 7.44 7.37
CA THR F 196 33.30 8.19 6.14
C THR F 196 33.39 7.31 4.89
N LEU F 197 33.43 5.99 5.05
CA LEU F 197 33.51 5.09 3.91
C LEU F 197 32.28 5.23 3.02
N ASP F 198 32.51 5.34 1.70
CA ASP F 198 31.42 5.38 0.73
C ASP F 198 30.99 3.95 0.40
N SER F 199 30.38 3.32 1.42
CA SER F 199 30.05 1.90 1.34
C SER F 199 29.04 1.63 0.23
N GLU F 200 29.26 0.51 -0.48
CA GLU F 200 28.33 0.09 -1.53
C GLU F 200 26.95 -0.18 -0.96
N GLU F 201 26.89 -0.72 0.25
CA GLU F 201 25.60 -1.04 0.86
C GLU F 201 24.74 0.20 0.99
N LEU F 202 25.31 1.30 1.49
CA LEU F 202 24.53 2.51 1.67
C LEU F 202 24.32 3.28 0.38
N GLN F 203 25.18 3.09 -0.63
CA GLN F 203 24.92 3.68 -1.94
C GLN F 203 23.62 3.15 -2.52
N LYS F 204 23.36 1.84 -2.38
CA LYS F 204 22.11 1.27 -2.89
C LYS F 204 20.91 1.79 -2.12
N GLU F 205 21.06 2.02 -0.82
CA GLU F 205 19.95 2.55 -0.04
C GLU F 205 19.64 4.00 -0.41
N SER F 206 20.63 4.72 -0.91
CA SER F 206 20.44 6.13 -1.25
C SER F 206 21.38 6.57 -2.36
N GLY F 207 22.58 6.99 -1.99
CA GLY F 207 23.52 7.49 -2.98
C GLY F 207 24.90 7.65 -2.38
N LYS F 208 25.77 8.28 -3.16
CA LYS F 208 27.16 8.49 -2.75
C LYS F 208 27.23 9.49 -1.60
N VAL F 209 28.17 9.24 -0.67
CA VAL F 209 28.30 10.07 0.52
C VAL F 209 28.75 11.47 0.13
N ARG F 210 28.25 12.47 0.86
CA ARG F 210 28.57 13.86 0.62
C ARG F 210 28.92 14.51 1.95
N PHE F 211 29.80 15.50 1.90
CA PHE F 211 30.33 16.13 3.11
C PHE F 211 30.17 17.64 3.02
N VAL F 212 29.76 18.23 4.15
CA VAL F 212 29.54 19.66 4.26
C VAL F 212 30.38 20.19 5.41
N LEU F 213 30.98 21.37 5.23
CA LEU F 213 31.70 22.06 6.28
C LEU F 213 31.08 23.44 6.49
N HIS F 214 30.92 23.81 7.76
CA HIS F 214 30.43 25.14 8.13
C HIS F 214 31.62 25.96 8.63
N TYR F 215 31.79 27.15 8.06
CA TYR F 215 32.88 28.03 8.41
C TYR F 215 32.35 29.28 9.09
N GLU F 216 33.04 29.70 10.16
CA GLU F 216 32.76 31.00 10.75
C GLU F 216 33.21 32.11 9.80
N SER F 217 32.86 33.34 10.17
CA SER F 217 33.19 34.49 9.32
C SER F 217 34.69 34.67 9.17
N ASP F 218 35.46 34.27 10.18
CA ASP F 218 36.92 34.38 10.12
C ASP F 218 37.57 33.23 9.38
N GLY F 219 36.78 32.30 8.82
CA GLY F 219 37.30 31.17 8.09
C GLY F 219 37.43 29.90 8.90
N THR F 220 37.24 29.96 10.21
CA THR F 220 37.39 28.78 11.05
C THR F 220 36.26 27.79 10.79
N ALA F 221 36.62 26.53 10.52
CA ALA F 221 35.63 25.47 10.41
C ALA F 221 35.04 25.18 11.79
N SER F 222 33.71 25.22 11.89
CA SER F 222 33.03 25.04 13.17
C SER F 222 31.90 24.04 13.13
N GLY F 223 31.63 23.41 11.99
CA GLY F 223 30.58 22.41 11.91
C GLY F 223 30.73 21.58 10.66
N PHE F 224 30.08 20.42 10.67
CA PHE F 224 30.12 19.52 9.53
C PHE F 224 28.86 18.68 9.48
N ALA F 225 28.64 18.07 8.32
CA ALA F 225 27.53 17.16 8.11
C ALA F 225 27.96 16.03 7.19
N ILE F 226 27.42 14.85 7.45
CA ILE F 226 27.57 13.69 6.57
C ILE F 226 26.19 13.23 6.18
N TYR F 227 25.94 13.11 4.87
CA TYR F 227 24.62 12.74 4.40
C TYR F 227 24.75 12.12 3.01
N ARG F 228 23.68 11.46 2.58
CA ARG F 228 23.57 10.83 1.28
C ARG F 228 22.26 11.23 0.62
N PRO F 229 22.26 11.55 -0.67
CA PRO F 229 21.02 11.83 -1.37
C PRO F 229 20.37 10.57 -1.90
N LYS F 230 19.03 10.59 -1.89
CA LYS F 230 18.22 9.53 -2.49
C LYS F 230 17.31 10.17 -3.52
N PRO F 231 17.67 10.14 -4.81
CA PRO F 231 16.87 10.86 -5.80
C PRO F 231 15.47 10.28 -5.94
N GLY F 232 14.58 11.10 -6.49
CA GLY F 232 13.18 10.72 -6.53
C GLY F 232 12.95 9.47 -7.37
N TRP F 233 11.98 8.67 -6.93
CA TRP F 233 11.66 7.41 -7.60
C TRP F 233 10.15 7.15 -7.59
N PRO F 238 7.10 13.38 -6.96
CA PRO F 238 8.29 13.91 -6.28
C PRO F 238 8.45 13.34 -4.87
N ASN F 239 9.63 12.79 -4.58
CA ASN F 239 9.88 12.22 -3.26
C ASN F 239 11.37 12.04 -2.99
N ALA F 240 12.19 13.02 -3.36
CA ALA F 240 13.61 12.94 -3.11
C ALA F 240 13.90 13.08 -1.62
N GLU F 241 14.82 12.26 -1.11
CA GLU F 241 15.14 12.22 0.31
C GLU F 241 16.61 12.53 0.56
N LEU F 242 16.89 13.06 1.75
CA LEU F 242 18.23 13.19 2.29
C LEU F 242 18.37 12.29 3.50
N HIS F 243 19.40 11.46 3.51
CA HIS F 243 19.68 10.57 4.63
C HIS F 243 20.89 11.11 5.39
N VAL F 244 20.63 11.75 6.52
CA VAL F 244 21.68 12.37 7.31
C VAL F 244 22.34 11.32 8.19
N GLN F 245 23.68 11.26 8.15
CA GLN F 245 24.43 10.35 9.00
C GLN F 245 24.90 11.02 10.29
N GLU F 246 25.26 12.30 10.23
CA GLU F 246 25.77 13.01 11.40
C GLU F 246 25.85 14.50 11.08
N VAL F 247 25.50 15.33 12.07
CA VAL F 247 25.68 16.78 12.01
C VAL F 247 26.12 17.24 13.39
N LEU F 248 27.23 17.99 13.45
CA LEU F 248 27.75 18.51 14.71
C LEU F 248 28.31 19.91 14.51
N GLY F 249 28.28 20.69 15.59
CA GLY F 249 28.83 22.04 15.56
C GLY F 249 29.36 22.44 16.91
N THR F 250 30.38 23.30 16.90
CA THR F 250 31.01 23.75 18.13
C THR F 250 30.25 24.90 18.80
N ASN F 251 29.20 25.40 18.18
CA ASN F 251 28.38 26.46 18.75
C ASN F 251 26.96 26.31 18.20
N PRO F 252 25.96 26.90 18.87
CA PRO F 252 24.58 26.70 18.40
C PRO F 252 24.32 27.25 17.00
N ARG F 253 25.04 28.29 16.59
CA ARG F 253 24.80 28.89 15.28
C ARG F 253 25.26 27.96 14.15
N SER F 254 26.45 27.37 14.28
CA SER F 254 26.94 26.48 13.24
C SER F 254 26.07 25.24 13.12
N TYR F 255 25.63 24.69 14.25
CA TYR F 255 24.74 23.53 14.23
C TYR F 255 23.43 23.86 13.51
N ALA F 256 22.79 24.97 13.90
CA ALA F 256 21.50 25.34 13.30
C ALA F 256 21.67 25.72 11.83
N ARG F 257 22.74 26.43 11.50
CA ARG F 257 22.97 26.84 10.12
C ARG F 257 23.20 25.64 9.21
N THR F 258 23.93 24.64 9.71
CA THR F 258 24.18 23.44 8.90
C THR F 258 22.90 22.67 8.64
N TRP F 259 22.04 22.52 9.66
CA TRP F 259 20.76 21.86 9.46
C TRP F 259 19.87 22.65 8.51
N ARG F 260 19.84 23.97 8.66
CA ARG F 260 19.08 24.80 7.74
C ARG F 260 19.54 24.63 6.31
N TYR F 261 20.84 24.41 6.10
CA TYR F 261 21.35 24.14 4.76
C TYR F 261 20.71 22.89 4.17
N LEU F 262 20.65 21.81 4.96
CA LEU F 262 20.08 20.56 4.48
C LEU F 262 18.58 20.70 4.24
N LEU F 263 17.88 21.48 5.08
CA LEU F 263 16.43 21.58 5.01
C LEU F 263 15.94 22.49 3.89
N ASP F 264 16.75 23.44 3.44
CA ASP F 264 16.37 24.34 2.37
C ASP F 264 16.83 23.88 1.00
N MET F 265 17.43 22.70 0.90
CA MET F 265 17.92 22.21 -0.39
C MET F 265 16.73 22.07 -1.35
N ASP F 266 16.96 22.43 -2.61
CA ASP F 266 15.87 22.75 -3.53
C ASP F 266 14.99 21.54 -3.85
N LEU F 267 15.59 20.43 -4.28
CA LEU F 267 14.83 19.29 -4.78
C LEU F 267 14.52 18.25 -3.70
N VAL F 268 14.67 18.58 -2.43
CA VAL F 268 14.44 17.64 -1.35
C VAL F 268 12.98 17.73 -0.88
N ARG F 269 12.37 16.57 -0.63
CA ARG F 269 11.05 16.46 -0.04
C ARG F 269 11.09 16.00 1.42
N LYS F 270 11.85 14.95 1.72
CA LYS F 270 11.85 14.35 3.04
C LYS F 270 13.29 14.20 3.52
N ILE F 271 13.47 14.28 4.84
CA ILE F 271 14.78 14.10 5.46
C ILE F 271 14.67 13.06 6.57
N LYS F 272 15.75 12.30 6.76
CA LYS F 272 15.81 11.25 7.78
C LYS F 272 17.16 11.31 8.47
N TYR F 273 17.14 11.25 9.81
CA TYR F 273 18.34 11.16 10.62
C TYR F 273 18.17 9.96 11.55
N HIS F 274 18.73 8.82 11.15
CA HIS F 274 18.73 7.64 12.00
C HIS F 274 19.94 7.68 12.92
N GLY F 275 19.74 7.27 14.18
CA GLY F 275 20.82 7.26 15.12
C GLY F 275 21.14 8.60 15.74
N ALA F 276 20.18 9.52 15.77
CA ALA F 276 20.38 10.79 16.44
C ALA F 276 20.20 10.62 17.95
N SER F 277 20.56 11.66 18.69
CA SER F 277 20.28 11.66 20.12
C SER F 277 18.79 11.87 20.36
N VAL F 278 18.27 11.22 21.40
CA VAL F 278 16.88 11.43 21.78
C VAL F 278 16.64 12.87 22.25
N GLN F 279 17.71 13.59 22.55
CA GLN F 279 17.67 15.02 22.85
C GLN F 279 18.46 15.81 21.82
N GLU F 280 18.39 15.36 20.56
CA GLU F 280 19.00 16.09 19.45
C GLU F 280 18.46 17.52 19.43
N GLU F 281 19.37 18.50 19.38
CA GLU F 281 18.95 19.90 19.44
C GLU F 281 18.02 20.27 18.30
N LEU F 282 18.14 19.58 17.15
CA LEU F 282 17.23 19.82 16.04
C LEU F 282 15.77 19.73 16.47
N ARG F 283 15.45 18.80 17.37
CA ARG F 283 14.07 18.63 17.79
C ARG F 283 13.48 19.91 18.37
N TYR F 284 14.32 20.73 18.98
CA TYR F 284 13.86 21.95 19.65
C TYR F 284 14.05 23.20 18.80
N LEU F 285 14.85 23.14 17.73
CA LEU F 285 14.89 24.25 16.80
C LEU F 285 13.63 24.32 15.94
N VAL F 286 13.09 23.17 15.55
CA VAL F 286 11.91 23.13 14.70
C VAL F 286 10.73 23.79 15.41
N ALA F 287 10.02 24.66 14.70
CA ALA F 287 8.92 25.41 15.31
C ALA F 287 7.73 24.51 15.61
N ASN F 288 7.45 23.54 14.74
CA ASN F 288 6.28 22.67 14.86
C ASN F 288 6.77 21.24 15.07
N HIS F 289 6.91 20.84 16.34
CA HIS F 289 7.39 19.51 16.67
C HIS F 289 6.66 18.37 15.95
N PRO F 290 5.32 18.38 15.81
CA PRO F 290 4.66 17.25 15.14
C PRO F 290 5.15 17.00 13.71
N SER F 291 5.79 17.97 13.07
CA SER F 291 6.29 17.76 11.72
C SER F 291 7.56 16.92 11.70
N LEU F 292 8.24 16.78 12.84
CA LEU F 292 9.46 15.98 12.96
C LEU F 292 9.15 14.77 13.82
N GLU F 293 8.90 13.63 13.18
CA GLU F 293 8.61 12.41 13.91
C GLU F 293 9.84 11.93 14.66
N CYS F 294 9.62 11.41 15.88
CA CYS F 294 10.70 10.92 16.74
C CYS F 294 10.37 9.52 17.22
N VAL F 295 11.10 8.54 16.71
CA VAL F 295 10.96 7.14 17.11
C VAL F 295 12.20 6.76 17.92
N VAL F 296 11.99 6.34 19.16
CA VAL F 296 13.07 6.05 20.10
C VAL F 296 13.26 4.55 20.20
N SER F 297 14.53 4.11 20.21
CA SER F 297 14.85 2.70 20.30
C SER F 297 16.18 2.54 21.03
N ASP F 298 16.49 1.30 21.39
CA ASP F 298 17.76 1.01 22.04
C ASP F 298 18.94 1.37 21.15
N ALA F 299 20.04 1.78 21.78
CA ALA F 299 21.27 2.05 21.05
C ALA F 299 22.42 1.23 21.59
N ILE F 300 22.96 1.60 22.75
CA ILE F 300 24.17 1.00 23.30
C ILE F 300 23.82 0.28 24.60
N GLN F 301 24.32 -0.96 24.74
CA GLN F 301 24.25 -1.72 25.97
C GLN F 301 25.57 -1.63 26.71
N VAL F 302 25.52 -1.55 28.04
CA VAL F 302 26.70 -1.46 28.88
C VAL F 302 26.81 -2.73 29.70
N ARG F 303 28.02 -3.30 29.75
CA ARG F 303 28.35 -4.41 30.63
C ARG F 303 29.45 -3.97 31.56
N LEU F 304 29.10 -3.73 32.83
CA LEU F 304 30.11 -3.38 33.82
C LEU F 304 30.94 -4.61 34.18
N VAL F 305 32.26 -4.49 34.07
CA VAL F 305 33.15 -5.61 34.34
C VAL F 305 33.92 -5.45 35.65
N ASP F 306 34.25 -4.23 36.06
CA ASP F 306 34.84 -3.96 37.37
C ASP F 306 33.97 -2.86 37.98
N ILE F 307 32.99 -3.28 38.79
CA ILE F 307 31.98 -2.35 39.28
C ILE F 307 32.56 -1.20 40.10
N PRO F 308 33.40 -1.44 41.13
CA PRO F 308 33.90 -0.29 41.91
C PRO F 308 34.66 0.73 41.07
N ARG F 309 35.46 0.28 40.11
CA ARG F 309 36.22 1.21 39.28
C ARG F 309 35.30 2.03 38.38
N ALA F 310 34.23 1.41 37.87
CA ALA F 310 33.34 2.09 36.93
C ALA F 310 32.60 3.27 37.57
N LEU F 311 32.01 3.07 38.76
CA LEU F 311 31.29 4.18 39.39
C LEU F 311 32.21 5.32 39.80
N ALA F 312 33.48 5.04 40.09
CA ALA F 312 34.39 6.10 40.50
C ALA F 312 34.91 6.90 39.32
N GLN F 313 34.72 6.40 38.10
CA GLN F 313 35.24 7.10 36.92
C GLN F 313 34.30 8.17 36.41
N ARG F 314 32.99 7.97 36.55
CA ARG F 314 32.04 8.97 36.12
C ARG F 314 31.78 9.97 37.25
N ARG F 315 31.14 11.07 36.88
CA ARG F 315 30.67 12.07 37.82
C ARG F 315 29.15 12.07 37.84
N TYR F 316 28.58 12.69 38.87
CA TYR F 316 27.16 12.57 39.14
C TYR F 316 26.50 13.94 39.21
N ALA F 317 25.24 13.99 38.76
CA ALA F 317 24.54 15.26 38.63
C ALA F 317 24.29 15.92 39.96
N ALA F 318 24.24 15.14 41.04
CA ALA F 318 24.09 15.68 42.38
C ALA F 318 24.76 14.74 43.37
N ASP F 319 24.92 15.22 44.60
CA ASP F 319 25.58 14.44 45.64
C ASP F 319 24.81 13.14 45.92
N VAL F 320 25.54 12.08 46.20
CA VAL F 320 24.94 10.78 46.48
C VAL F 320 25.83 10.03 47.47
N ASP F 321 25.19 9.39 48.45
CA ASP F 321 25.87 8.51 49.40
C ASP F 321 24.92 7.33 49.62
N VAL F 322 25.17 6.22 48.91
CA VAL F 322 24.24 5.11 48.87
C VAL F 322 25.04 3.80 48.91
N VAL F 323 24.43 2.78 49.51
CA VAL F 323 25.00 1.45 49.58
C VAL F 323 24.24 0.56 48.61
N LEU F 324 24.95 -0.03 47.67
CA LEU F 324 24.36 -0.82 46.59
C LEU F 324 24.69 -2.30 46.79
N GLU F 325 23.65 -3.12 46.95
CA GLU F 325 23.79 -4.57 46.99
C GLU F 325 23.68 -5.08 45.55
N VAL F 326 24.82 -5.36 44.93
CA VAL F 326 24.88 -5.70 43.51
C VAL F 326 25.00 -7.22 43.37
N THR F 327 24.13 -7.80 42.55
CA THR F 327 24.17 -9.22 42.23
C THR F 327 24.59 -9.39 40.77
N ASP F 328 25.64 -10.18 40.54
CA ASP F 328 26.16 -10.45 39.20
C ASP F 328 26.01 -11.95 38.97
N ASP F 329 24.98 -12.34 38.22
CA ASP F 329 24.71 -13.75 38.01
C ASP F 329 25.75 -14.40 37.08
N PHE F 330 26.15 -13.68 36.02
CA PHE F 330 27.06 -14.25 35.04
C PHE F 330 28.49 -14.30 35.56
N LEU F 331 28.96 -13.24 36.22
CA LEU F 331 30.30 -13.16 36.79
C LEU F 331 30.17 -12.92 38.28
N PRO F 332 29.92 -13.98 39.07
CA PRO F 332 29.66 -13.79 40.51
C PRO F 332 30.80 -13.17 41.29
N GLU F 333 32.02 -13.09 40.72
CA GLU F 333 33.12 -12.47 41.45
C GLU F 333 32.94 -10.96 41.63
N ASN F 334 32.07 -10.33 40.84
CA ASN F 334 31.77 -8.91 41.02
C ASN F 334 30.62 -8.66 41.99
N SER F 335 29.88 -9.69 42.38
CA SER F 335 28.78 -9.51 43.33
C SER F 335 29.30 -9.03 44.67
N GLY F 336 28.55 -8.13 45.31
CA GLY F 336 28.97 -7.59 46.58
C GLY F 336 28.16 -6.36 46.93
N ARG F 337 28.47 -5.82 48.11
CA ARG F 337 27.81 -4.65 48.66
C ARG F 337 28.78 -3.47 48.59
N TYR F 338 28.42 -2.45 47.83
CA TYR F 338 29.31 -1.35 47.51
C TYR F 338 28.73 -0.04 48.01
N ARG F 339 29.58 0.79 48.62
CA ARG F 339 29.20 2.13 49.03
C ARG F 339 29.70 3.11 47.96
N LEU F 340 28.76 3.85 47.37
CA LEU F 340 29.08 4.84 46.35
C LEU F 340 28.89 6.24 46.92
N ARG F 341 29.95 7.05 46.85
CA ARG F 341 29.91 8.45 47.21
C ARG F 341 30.36 9.26 46.01
N GLY F 342 29.46 10.07 45.46
CA GLY F 342 29.78 10.78 44.23
C GLY F 342 29.12 12.15 44.17
N GLY F 343 29.60 12.95 43.24
CA GLY F 343 29.07 14.26 43.01
C GLY F 343 29.52 14.79 41.67
N LEU F 344 29.45 16.11 41.51
CA LEU F 344 29.86 16.73 40.25
C LEU F 344 31.37 16.66 40.07
N ASP F 345 32.13 16.79 41.15
CA ASP F 345 33.58 16.87 41.08
C ASP F 345 34.31 15.72 41.77
N HIS F 346 33.60 14.73 42.30
CA HIS F 346 34.25 13.64 43.01
C HIS F 346 33.45 12.35 42.84
N ALA F 347 34.12 11.22 43.04
CA ALA F 347 33.48 9.91 43.01
C ALA F 347 34.37 8.83 43.62
N SER F 348 33.82 8.03 44.53
CA SER F 348 34.55 6.91 45.11
C SER F 348 33.59 5.74 45.33
N CYS F 349 34.15 4.53 45.36
CA CYS F 349 33.34 3.33 45.55
C CYS F 349 34.20 2.21 46.10
N GLU F 350 33.73 1.56 47.17
CA GLU F 350 34.45 0.47 47.80
C GLU F 350 33.46 -0.44 48.52
N ILE F 351 33.89 -1.68 48.75
CA ILE F 351 33.10 -2.62 49.54
C ILE F 351 32.91 -2.11 50.96
N THR F 352 31.71 -2.31 51.49
CA THR F 352 31.36 -1.91 52.84
C THR F 352 30.50 -2.99 53.47
N THR F 353 30.45 -2.98 54.80
CA THR F 353 29.60 -3.86 55.57
C THR F 353 28.38 -3.16 56.14
N ASP F 354 28.19 -1.87 55.82
CA ASP F 354 27.02 -1.13 56.27
C ASP F 354 25.74 -1.73 55.68
N ASP F 355 24.62 -1.29 56.22
CA ASP F 355 23.33 -1.76 55.74
C ASP F 355 23.09 -1.27 54.32
N ALA F 356 22.61 -2.17 53.46
CA ALA F 356 22.37 -1.84 52.06
C ALA F 356 21.10 -1.00 51.91
N ASP F 357 21.13 -0.06 50.96
CA ASP F 357 19.99 0.79 50.67
C ASP F 357 19.19 0.32 49.46
N ILE F 358 19.86 -0.25 48.46
CA ILE F 358 19.24 -0.62 47.19
C ILE F 358 19.78 -1.96 46.75
N ALA F 359 18.88 -2.83 46.28
CA ALA F 359 19.26 -4.13 45.73
C ALA F 359 18.98 -4.14 44.23
N LEU F 360 19.99 -4.50 43.44
CA LEU F 360 19.85 -4.50 42.00
C LEU F 360 20.91 -5.39 41.38
N THR F 361 20.69 -5.76 40.12
CA THR F 361 21.62 -6.57 39.35
C THR F 361 22.65 -5.68 38.65
N VAL F 362 23.73 -6.31 38.20
CA VAL F 362 24.74 -5.58 37.44
C VAL F 362 24.18 -5.14 36.08
N ARG F 363 23.24 -5.89 35.53
CA ARG F 363 22.61 -5.50 34.27
C ARG F 363 21.83 -4.19 34.44
N ASP F 364 20.97 -4.11 35.46
CA ASP F 364 20.21 -2.89 35.68
C ASP F 364 21.12 -1.76 36.11
N LEU F 365 22.18 -2.06 36.87
CA LEU F 365 23.18 -1.04 37.19
C LEU F 365 23.83 -0.50 35.93
N GLY F 366 24.17 -1.38 34.98
CA GLY F 366 24.72 -0.91 33.72
C GLY F 366 23.76 -0.05 32.93
N SER F 367 22.45 -0.32 33.04
CA SER F 367 21.47 0.45 32.28
C SER F 367 21.42 1.90 32.74
N VAL F 368 21.56 2.14 34.04
CA VAL F 368 21.51 3.51 34.56
C VAL F 368 22.87 4.20 34.53
N TYR F 369 23.92 3.49 34.12
CA TYR F 369 25.28 3.98 34.33
C TYR F 369 25.59 5.21 33.50
N MET F 370 24.99 5.36 32.33
CA MET F 370 25.28 6.48 31.44
C MET F 370 24.29 7.63 31.60
N GLY F 371 23.38 7.56 32.57
CA GLY F 371 22.41 8.60 32.75
C GLY F 371 21.30 8.62 31.71
N GLY F 372 21.16 7.56 30.93
CA GLY F 372 20.15 7.51 29.91
C GLY F 372 18.91 6.73 30.32
N VAL F 373 18.97 6.09 31.50
CA VAL F 373 17.86 5.31 32.03
C VAL F 373 17.73 5.66 33.50
N SER F 374 16.53 6.08 33.91
CA SER F 374 16.32 6.50 35.28
C SER F 374 16.27 5.30 36.22
N LEU F 375 17.09 5.34 37.28
CA LEU F 375 17.03 4.31 38.30
C LEU F 375 15.66 4.25 38.96
N GLN F 376 14.99 5.41 39.08
CA GLN F 376 13.66 5.43 39.67
C GLN F 376 12.66 4.63 38.83
N VAL F 377 12.76 4.73 37.51
CA VAL F 377 11.84 4.01 36.65
C VAL F 377 12.06 2.50 36.77
N LEU F 378 13.32 2.07 36.82
CA LEU F 378 13.60 0.64 37.03
C LEU F 378 13.03 0.15 38.35
N ALA F 379 13.01 1.01 39.38
CA ALA F 379 12.46 0.61 40.68
C ALA F 379 10.94 0.50 40.62
N SER F 380 10.28 1.46 39.98
CA SER F 380 8.82 1.41 39.86
C SER F 380 8.36 0.19 39.07
N ALA F 381 9.19 -0.31 38.15
CA ALA F 381 8.83 -1.49 37.37
C ALA F 381 8.97 -2.78 38.16
N GLY F 382 9.66 -2.78 39.29
CA GLY F 382 9.90 -3.97 40.05
C GLY F 382 11.22 -4.66 39.79
N LEU F 383 12.07 -4.08 38.92
CA LEU F 383 13.36 -4.69 38.62
C LEU F 383 14.41 -4.32 39.65
N VAL F 384 14.27 -3.16 40.28
CA VAL F 384 15.17 -2.72 41.34
C VAL F 384 14.35 -2.58 42.61
N THR F 385 14.94 -2.98 43.74
CA THR F 385 14.23 -3.02 45.02
C THR F 385 14.88 -2.03 45.98
N GLU F 386 14.06 -1.15 46.55
CA GLU F 386 14.52 -0.21 47.55
C GLU F 386 14.50 -0.85 48.93
N LEU F 387 15.63 -0.79 49.63
CA LEU F 387 15.74 -1.36 50.97
C LEU F 387 15.59 -0.32 52.08
N ARG F 388 15.90 0.94 51.81
CA ARG F 388 15.68 2.02 52.77
C ARG F 388 15.06 3.20 52.06
N ALA F 389 14.09 3.84 52.71
CA ALA F 389 13.25 4.84 52.06
C ALA F 389 14.07 6.05 51.60
N GLY F 390 13.70 6.59 50.44
CA GLY F 390 14.31 7.77 49.89
C GLY F 390 15.62 7.54 49.17
N ALA F 391 16.19 6.34 49.25
CA ALA F 391 17.49 6.08 48.63
C ALA F 391 17.40 6.11 47.12
N VAL F 392 16.36 5.49 46.55
CA VAL F 392 16.25 5.38 45.10
C VAL F 392 16.14 6.75 44.45
N GLN F 393 15.34 7.65 45.04
CA GLN F 393 15.16 8.97 44.44
C GLN F 393 16.47 9.75 44.41
N ARG F 394 17.21 9.73 45.51
CA ARG F 394 18.48 10.46 45.55
C ARG F 394 19.48 9.86 44.58
N ALA F 395 19.54 8.53 44.50
CA ALA F 395 20.49 7.88 43.59
C ALA F 395 20.08 8.07 42.13
N ALA F 396 18.77 8.07 41.86
CA ALA F 396 18.31 8.22 40.47
C ALA F 396 18.69 9.59 39.91
N THR F 397 18.43 10.66 40.68
CA THR F 397 18.83 11.98 40.24
C THR F 397 20.33 12.07 40.03
N ALA F 398 21.11 11.51 40.96
CA ALA F 398 22.56 11.59 40.86
C ALA F 398 23.09 10.78 39.67
N PHE F 399 22.49 9.61 39.41
CA PHE F 399 22.93 8.81 38.26
C PHE F 399 22.51 9.41 36.94
N GLY F 400 21.54 10.32 36.94
CA GLY F 400 21.18 11.03 35.72
C GLY F 400 22.25 12.02 35.31
N TRP F 401 21.93 12.77 34.24
CA TRP F 401 22.86 13.76 33.72
C TRP F 401 22.06 14.76 32.90
N PRO F 402 22.40 16.05 32.93
CA PRO F 402 21.62 17.03 32.17
C PRO F 402 21.68 16.82 30.67
N VAL F 403 22.70 16.14 30.16
CA VAL F 403 22.83 15.80 28.74
C VAL F 403 22.64 14.31 28.59
N ALA F 404 21.64 13.91 27.81
CA ALA F 404 21.40 12.49 27.60
C ALA F 404 22.56 11.88 26.82
N PRO F 405 22.92 10.64 27.13
CA PRO F 405 23.92 9.95 26.31
C PRO F 405 23.39 9.65 24.92
N SER F 406 24.32 9.50 23.97
CA SER F 406 23.96 9.30 22.57
C SER F 406 24.86 8.23 21.97
N ALA F 407 24.41 7.68 20.84
CA ALA F 407 25.11 6.57 20.20
C ALA F 407 26.35 7.07 19.47
N PRO F 408 27.48 6.39 19.61
CA PRO F 408 28.68 6.76 18.87
C PRO F 408 28.59 6.24 17.43
N ASP F 409 29.68 6.43 16.70
CA ASP F 409 29.76 5.86 15.35
C ASP F 409 29.68 4.35 15.42
N ASP F 410 29.08 3.76 14.38
CA ASP F 410 28.76 2.34 14.39
C ASP F 410 30.02 1.49 14.49
N PHE F 411 29.91 0.37 15.21
CA PHE F 411 30.98 -0.62 15.25
C PHE F 411 30.41 -2.02 15.45
#